data_2ZDS
#
_entry.id   2ZDS
#
_cell.length_a   84.481
_cell.length_b   171.593
_cell.length_c   184.796
_cell.angle_alpha   90.00
_cell.angle_beta   90.00
_cell.angle_gamma   90.00
#
_symmetry.space_group_name_H-M   'P 21 21 21'
#
loop_
_entity.id
_entity.type
_entity.pdbx_description
1 polymer 'Putative DNA-binding protein'
2 water water
#
_entity_poly.entity_id   1
_entity_poly.type   'polypeptide(L)'
_entity_poly.pdbx_seq_one_letter_code
;(MSE)PRNFTLFTGQWADLPLEEVCRLARDFGYDGLELACWGDHFEVDKALADPSYVDSRHQLLDKYGLKCWAISNHLVG
QAVCDAIIDERHEAILPARIWGDGDAEGVRQRAAAEIKDTARAAARLGVDTVIGFTGSAIWHLVA(MSE)FPPAPES
(MSE)IERGYQDFADRWNPILDVFDAEGVRFAHEVHPSEIAYDYWTTHRALEAVGHRPAFGLNFDPSHFVWQDLDPVGFL
WDFRDRIYHVDCKEARKRLDGRNGRLGSHLPWGDPRRGWDFVSAGHGDVPWEDVFR(MSE)LRSIDYQGPVSVEWEDAG
(MSE)DRLQGAPEALTRLKAFDFEPPSASFDAAFNSLEHHHHHH
;
_entity_poly.pdbx_strand_id   A,B,C,D,E,F
#
# COMPACT_ATOMS: atom_id res chain seq x y z
N PRO A 2 32.14 -4.55 -17.60
CA PRO A 2 31.23 -3.60 -16.93
C PRO A 2 30.96 -2.34 -17.73
N ARG A 3 30.08 -1.47 -17.22
CA ARG A 3 29.90 -0.16 -17.83
C ARG A 3 30.99 0.80 -17.39
N ASN A 4 31.16 1.91 -18.11
CA ASN A 4 32.02 3.02 -17.63
C ASN A 4 31.21 3.95 -16.72
N PHE A 5 31.75 4.19 -15.53
CA PHE A 5 31.16 5.10 -14.58
C PHE A 5 31.99 6.36 -14.51
N THR A 6 31.29 7.45 -14.26
CA THR A 6 31.75 8.80 -14.42
C THR A 6 31.27 9.58 -13.16
N LEU A 7 32.09 10.50 -12.65
CA LEU A 7 31.65 11.44 -11.64
C LEU A 7 31.34 12.80 -12.27
N PHE A 8 30.13 13.34 -12.04
CA PHE A 8 29.82 14.72 -12.42
C PHE A 8 30.53 15.64 -11.46
N THR A 9 31.06 16.69 -12.04
CA THR A 9 32.14 17.50 -11.49
C THR A 9 31.55 18.76 -10.85
N GLY A 10 30.26 18.96 -11.07
CA GLY A 10 29.53 20.15 -10.63
C GLY A 10 29.56 20.45 -9.15
N GLN A 11 29.31 19.42 -8.32
CA GLN A 11 29.37 19.55 -6.86
C GLN A 11 30.80 19.68 -6.39
N TRP A 12 31.76 19.64 -7.31
CA TRP A 12 33.19 19.61 -6.97
C TRP A 12 33.94 20.82 -7.54
N ALA A 13 33.18 21.83 -7.98
CA ALA A 13 33.67 22.98 -8.73
C ALA A 13 34.34 24.01 -7.81
N ASP A 14 34.19 23.81 -6.50
CA ASP A 14 34.91 24.59 -5.50
C ASP A 14 36.37 24.15 -5.44
N LEU A 15 36.69 23.03 -6.07
CA LEU A 15 38.03 22.45 -6.07
C LEU A 15 38.69 22.50 -7.46
N PRO A 16 40.00 22.69 -7.50
CA PRO A 16 40.66 22.67 -8.80
C PRO A 16 40.47 21.32 -9.45
N LEU A 17 40.38 21.27 -10.79
CA LEU A 17 40.15 20.02 -11.53
C LEU A 17 41.16 18.94 -11.16
N GLU A 18 42.41 19.31 -10.92
CA GLU A 18 43.42 18.30 -10.57
C GLU A 18 43.13 17.51 -9.27
N GLU A 19 42.68 18.22 -8.23
CA GLU A 19 42.20 17.66 -7.00
C GLU A 19 41.04 16.67 -7.30
N VAL A 20 40.06 17.15 -8.07
CA VAL A 20 38.90 16.35 -8.52
C VAL A 20 39.29 15.05 -9.24
N CYS A 21 40.30 15.11 -10.12
CA CYS A 21 40.83 13.93 -10.80
C CYS A 21 41.42 12.92 -9.81
N ARG A 22 42.30 13.42 -8.92
CA ARG A 22 42.92 12.62 -7.88
C ARG A 22 41.84 11.89 -7.08
N LEU A 23 40.82 12.63 -6.60
CA LEU A 23 39.73 12.07 -5.80
C LEU A 23 38.93 11.04 -6.59
N ALA A 24 38.61 11.31 -7.86
CA ALA A 24 37.74 10.40 -8.63
C ALA A 24 38.43 9.06 -8.90
N ARG A 25 39.73 9.13 -9.19
CA ARG A 25 40.63 7.98 -9.29
C ARG A 25 40.69 7.16 -7.98
N ASP A 26 40.95 7.84 -6.85
CA ASP A 26 40.91 7.20 -5.53
C ASP A 26 39.55 6.51 -5.30
N PHE A 27 38.47 7.16 -5.74
CA PHE A 27 37.08 6.68 -5.60
C PHE A 27 36.75 5.49 -6.50
N GLY A 28 37.47 5.32 -7.62
CA GLY A 28 37.28 4.17 -8.50
C GLY A 28 36.56 4.54 -9.79
N TYR A 29 36.30 5.83 -10.02
CA TYR A 29 35.57 6.24 -11.25
C TYR A 29 36.44 6.03 -12.50
N ASP A 30 35.80 5.79 -13.64
CA ASP A 30 36.50 5.60 -14.92
C ASP A 30 36.69 6.92 -15.63
N GLY A 31 35.92 7.92 -15.21
CA GLY A 31 35.96 9.20 -15.86
C GLY A 31 35.25 10.30 -15.18
N LEU A 32 35.19 11.43 -15.89
CA LEU A 32 34.66 12.69 -15.38
C LEU A 32 33.60 13.16 -16.34
N GLU A 33 32.46 13.61 -15.82
CA GLU A 33 31.55 14.40 -16.61
C GLU A 33 31.86 15.86 -16.24
N LEU A 34 32.47 16.61 -17.15
CA LEU A 34 33.04 17.91 -16.84
C LEU A 34 32.04 19.06 -16.83
N ALA A 35 31.92 19.72 -15.69
CA ALA A 35 31.10 20.90 -15.53
C ALA A 35 31.81 22.09 -16.23
N CYS A 36 31.07 22.82 -17.06
CA CYS A 36 31.61 23.98 -17.77
C CYS A 36 31.72 25.20 -16.83
N TRP A 37 32.26 24.95 -15.64
CA TRP A 37 32.53 26.01 -14.68
C TRP A 37 33.63 25.65 -13.68
N GLY A 38 33.86 26.53 -12.72
CA GLY A 38 35.11 26.45 -11.94
C GLY A 38 36.26 26.59 -12.92
N ASP A 39 37.35 25.89 -12.65
CA ASP A 39 38.45 25.78 -13.60
C ASP A 39 38.33 24.43 -14.36
N HIS A 40 37.16 23.77 -14.28
CA HIS A 40 36.99 22.41 -14.81
C HIS A 40 36.97 22.40 -16.36
N PHE A 41 35.98 23.04 -16.97
CA PHE A 41 36.01 23.19 -18.42
C PHE A 41 35.55 24.61 -18.81
N GLU A 42 36.49 25.44 -19.26
CA GLU A 42 36.14 26.84 -19.54
C GLU A 42 35.96 26.96 -21.05
N VAL A 43 34.71 27.14 -21.45
CA VAL A 43 34.31 27.06 -22.87
C VAL A 43 35.03 28.16 -23.69
N ASP A 44 35.08 29.37 -23.13
CA ASP A 44 35.80 30.52 -23.72
C ASP A 44 37.29 30.26 -23.96
N LYS A 45 38.00 29.67 -22.98
CA LYS A 45 39.38 29.29 -23.12
C LYS A 45 39.56 28.13 -24.11
N ALA A 46 38.65 27.17 -24.07
CA ALA A 46 38.65 26.04 -25.00
C ALA A 46 38.69 26.53 -26.47
N LEU A 47 38.00 27.65 -26.71
CA LEU A 47 37.90 28.22 -28.04
C LEU A 47 39.03 29.22 -28.40
N ALA A 48 39.40 30.08 -27.46
CA ALA A 48 40.41 31.11 -27.70
C ALA A 48 41.82 30.54 -27.68
N ASP A 49 42.04 29.57 -26.80
CA ASP A 49 43.36 29.00 -26.57
C ASP A 49 43.46 27.61 -27.22
N PRO A 50 44.16 27.55 -28.36
CA PRO A 50 44.28 26.34 -29.19
C PRO A 50 44.88 25.13 -28.45
N SER A 51 45.51 25.37 -27.30
CA SER A 51 46.10 24.30 -26.49
C SER A 51 45.35 23.95 -25.17
N TYR A 52 44.20 24.58 -24.94
CA TYR A 52 43.47 24.43 -23.67
C TYR A 52 42.88 23.05 -23.54
N VAL A 53 42.32 22.58 -24.64
CA VAL A 53 41.70 21.27 -24.72
C VAL A 53 42.74 20.19 -24.42
N ASP A 54 43.95 20.35 -24.95
CA ASP A 54 44.99 19.35 -24.71
C ASP A 54 45.47 19.35 -23.25
N SER A 55 45.34 20.47 -22.54
CA SER A 55 45.58 20.47 -21.10
C SER A 55 44.50 19.71 -20.30
N ARG A 56 43.28 19.68 -20.85
CA ARG A 56 42.19 18.88 -20.29
C ARG A 56 42.52 17.39 -20.38
N HIS A 57 42.85 16.93 -21.59
CA HIS A 57 43.29 15.56 -21.87
C HIS A 57 44.48 15.08 -21.05
N GLN A 58 45.52 15.92 -20.93
CA GLN A 58 46.76 15.60 -20.21
C GLN A 58 46.49 15.40 -18.75
N LEU A 59 45.72 16.31 -18.18
CA LEU A 59 45.32 16.26 -16.80
C LEU A 59 44.46 15.01 -16.53
N LEU A 60 43.45 14.76 -17.36
CA LEU A 60 42.65 13.54 -17.24
C LEU A 60 43.46 12.27 -17.43
N ASP A 61 44.30 12.22 -18.49
CA ASP A 61 45.14 11.04 -18.82
C ASP A 61 46.09 10.71 -17.67
N LYS A 62 46.54 11.73 -16.97
CA LYS A 62 47.44 11.63 -15.83
C LYS A 62 46.82 10.79 -14.68
N TYR A 63 45.50 10.76 -14.62
CA TYR A 63 44.83 10.07 -13.52
C TYR A 63 44.02 8.86 -14.00
N GLY A 64 44.22 8.53 -15.28
CA GLY A 64 43.62 7.37 -15.90
C GLY A 64 42.14 7.58 -16.14
N LEU A 65 41.74 8.86 -16.25
CA LEU A 65 40.32 9.21 -16.39
C LEU A 65 39.98 9.52 -17.85
N LYS A 66 38.75 9.17 -18.26
CA LYS A 66 38.26 9.56 -19.60
C LYS A 66 37.15 10.62 -19.46
N CYS A 67 36.69 11.17 -20.56
CA CYS A 67 35.58 12.09 -20.51
C CYS A 67 34.75 11.90 -21.77
N TRP A 68 33.47 11.54 -21.61
CA TRP A 68 32.55 11.39 -22.74
C TRP A 68 31.55 12.56 -22.89
N ALA A 69 31.49 13.45 -21.91
CA ALA A 69 30.45 14.46 -21.86
C ALA A 69 30.90 15.65 -21.01
N ILE A 70 30.43 16.82 -21.41
CA ILE A 70 30.60 18.03 -20.62
C ILE A 70 29.19 18.56 -20.32
N SER A 71 29.08 19.42 -19.31
CA SER A 71 27.77 19.92 -18.86
C SER A 71 27.73 21.42 -18.66
N ASN A 72 26.68 22.05 -19.17
CA ASN A 72 26.50 23.47 -18.95
C ASN A 72 25.05 23.82 -18.54
N HIS A 73 24.60 23.22 -17.43
CA HIS A 73 23.31 23.54 -16.83
C HIS A 73 23.13 25.01 -16.47
N LEU A 74 24.18 25.61 -15.96
CA LEU A 74 24.09 26.94 -15.40
C LEU A 74 23.81 28.00 -16.45
N VAL A 75 24.53 27.93 -17.57
CA VAL A 75 24.30 28.84 -18.71
C VAL A 75 23.02 28.49 -19.45
N GLY A 76 22.78 27.21 -19.70
CA GLY A 76 21.54 26.74 -20.33
C GLY A 76 20.27 27.28 -19.67
N GLN A 77 20.23 27.26 -18.34
CA GLN A 77 19.08 27.79 -17.58
C GLN A 77 18.69 29.19 -18.04
N ALA A 78 19.69 30.03 -18.31
CA ALA A 78 19.43 31.45 -18.68
C ALA A 78 18.87 31.66 -20.12
N VAL A 79 18.88 30.63 -20.96
CA VAL A 79 18.35 30.80 -22.30
C VAL A 79 16.85 31.14 -22.37
N CYS A 80 15.99 30.36 -21.69
CA CYS A 80 14.57 30.53 -21.86
C CYS A 80 13.90 31.13 -20.65
N ASP A 81 14.66 31.31 -19.57
CA ASP A 81 14.03 31.74 -18.33
C ASP A 81 13.40 33.12 -18.53
N ALA A 82 12.11 33.19 -18.19
CA ALA A 82 11.33 34.41 -18.22
C ALA A 82 11.73 35.40 -17.12
N ILE A 83 12.05 34.89 -15.94
CA ILE A 83 12.44 35.75 -14.79
C ILE A 83 13.95 35.65 -14.63
N ILE A 84 14.67 36.67 -15.06
CA ILE A 84 16.12 36.70 -14.95
C ILE A 84 16.47 37.67 -13.82
N ASP A 85 17.25 37.22 -12.84
CA ASP A 85 17.43 37.95 -11.60
C ASP A 85 18.72 37.52 -10.91
N GLU A 86 18.85 37.80 -9.62
CA GLU A 86 20.11 37.54 -8.94
C GLU A 86 20.46 36.07 -8.82
N ARG A 87 19.46 35.18 -8.98
CA ARG A 87 19.72 33.73 -8.99
C ARG A 87 20.54 33.44 -10.24
N HIS A 88 20.18 34.04 -11.36
CA HIS A 88 21.00 33.89 -12.56
C HIS A 88 22.34 34.59 -12.51
N GLU A 89 22.40 35.81 -11.94
CA GLU A 89 23.65 36.52 -11.78
C GLU A 89 24.64 35.68 -10.99
N ALA A 90 24.14 34.91 -10.02
CA ALA A 90 25.04 34.10 -9.19
C ALA A 90 25.62 32.86 -9.91
N ILE A 91 24.98 32.43 -11.00
CA ILE A 91 25.41 31.18 -11.69
C ILE A 91 26.06 31.41 -13.05
N LEU A 92 26.12 32.69 -13.45
CA LEU A 92 26.70 33.09 -14.75
C LEU A 92 28.07 33.80 -14.68
N PRO A 93 28.92 33.60 -15.73
CA PRO A 93 30.10 34.47 -15.88
C PRO A 93 29.61 35.89 -15.99
N ALA A 94 30.31 36.86 -15.40
CA ALA A 94 29.97 38.28 -15.59
C ALA A 94 29.75 38.69 -17.07
N ARG A 95 30.56 38.16 -17.95
CA ARG A 95 30.36 38.44 -19.36
C ARG A 95 28.98 38.03 -19.92
N ILE A 96 28.35 37.00 -19.34
CA ILE A 96 27.02 36.58 -19.79
C ILE A 96 25.94 37.40 -19.10
N TRP A 97 26.13 37.63 -17.80
CA TRP A 97 25.19 38.46 -17.05
C TRP A 97 25.09 39.85 -17.69
N GLY A 98 26.26 40.42 -17.99
CA GLY A 98 26.37 41.77 -18.55
C GLY A 98 25.68 42.82 -17.70
N ASP A 99 24.67 43.47 -18.30
CA ASP A 99 23.92 44.58 -17.70
C ASP A 99 22.77 44.07 -16.86
N GLY A 100 22.35 42.83 -17.14
CA GLY A 100 21.38 42.15 -16.32
C GLY A 100 20.05 42.29 -16.95
N ASP A 101 20.00 42.89 -18.14
CA ASP A 101 18.77 42.94 -18.89
C ASP A 101 18.41 41.51 -19.28
N ALA A 102 17.20 41.09 -18.89
CA ALA A 102 16.67 39.75 -19.19
C ALA A 102 16.92 39.23 -20.62
N GLU A 103 16.42 39.94 -21.63
CA GLU A 103 16.60 39.52 -23.02
C GLU A 103 18.07 39.49 -23.40
N GLY A 104 18.82 40.49 -22.93
CA GLY A 104 20.28 40.52 -23.13
C GLY A 104 20.99 39.26 -22.63
N VAL A 105 20.81 38.89 -21.37
CA VAL A 105 21.31 37.64 -20.90
C VAL A 105 20.91 36.34 -21.58
N ARG A 106 19.66 36.24 -21.89
CA ARG A 106 19.09 35.22 -22.73
C ARG A 106 19.72 35.02 -24.08
N GLN A 107 20.09 36.12 -24.75
CA GLN A 107 20.73 36.03 -26.08
C GLN A 107 22.18 35.64 -25.91
N ARG A 108 22.83 36.23 -24.89
CA ARG A 108 24.23 35.96 -24.59
C ARG A 108 24.38 34.51 -24.11
N ALA A 109 23.41 34.01 -23.34
CA ALA A 109 23.43 32.62 -22.90
C ALA A 109 23.30 31.67 -24.10
N ALA A 110 22.42 31.97 -25.05
CA ALA A 110 22.26 31.16 -26.26
C ALA A 110 23.53 31.06 -27.06
N ALA A 111 24.24 32.19 -27.16
CA ALA A 111 25.47 32.31 -27.90
C ALA A 111 26.51 31.46 -27.22
N GLU A 112 26.47 31.45 -25.90
CA GLU A 112 27.46 30.71 -25.12
C GLU A 112 27.25 29.17 -25.19
N ILE A 113 25.99 28.73 -25.32
CA ILE A 113 25.67 27.30 -25.57
C ILE A 113 26.09 26.84 -26.97
N LYS A 114 25.92 27.70 -27.97
CA LYS A 114 26.54 27.44 -29.30
C LYS A 114 28.03 27.23 -29.19
N ASP A 115 28.70 28.08 -28.40
CA ASP A 115 30.13 27.92 -28.14
C ASP A 115 30.48 26.66 -27.34
N THR A 116 29.60 26.26 -26.41
CA THR A 116 29.78 24.98 -25.67
C THR A 116 29.78 23.79 -26.63
N ALA A 117 28.84 23.75 -27.55
CA ALA A 117 28.86 22.76 -28.62
C ALA A 117 30.18 22.78 -29.39
N ARG A 118 30.70 23.97 -29.68
CA ARG A 118 31.95 24.10 -30.42
C ARG A 118 33.12 23.64 -29.55
N ALA A 119 33.13 24.03 -28.28
CA ALA A 119 34.18 23.57 -27.35
C ALA A 119 34.19 22.03 -27.16
N ALA A 120 33.00 21.44 -26.98
CA ALA A 120 32.80 19.99 -26.94
C ALA A 120 33.42 19.31 -28.17
N ALA A 121 33.09 19.81 -29.36
CA ALA A 121 33.66 19.23 -30.61
C ALA A 121 35.19 19.25 -30.62
N ARG A 122 35.79 20.34 -30.17
CA ARG A 122 37.25 20.43 -30.06
C ARG A 122 37.84 19.46 -29.07
N LEU A 123 37.16 19.30 -27.94
CA LEU A 123 37.50 18.30 -26.92
C LEU A 123 37.39 16.87 -27.46
N GLY A 124 36.45 16.64 -28.38
CA GLY A 124 36.21 15.30 -28.89
C GLY A 124 35.08 14.55 -28.18
N VAL A 125 34.19 15.25 -27.48
CA VAL A 125 33.00 14.58 -26.89
C VAL A 125 31.78 14.79 -27.77
N ASP A 126 30.82 13.83 -27.79
CA ASP A 126 29.62 14.04 -28.63
C ASP A 126 28.38 14.53 -27.92
N THR A 127 28.50 14.80 -26.63
CA THR A 127 27.36 15.12 -25.81
C THR A 127 27.60 16.30 -24.87
N VAL A 128 26.70 17.28 -24.93
CA VAL A 128 26.61 18.32 -23.92
C VAL A 128 25.36 18.12 -23.10
N ILE A 129 25.53 17.98 -21.77
CA ILE A 129 24.41 18.00 -20.82
C ILE A 129 24.04 19.43 -20.45
N GLY A 130 22.74 19.73 -20.40
CA GLY A 130 22.32 21.03 -19.97
C GLY A 130 20.87 21.19 -19.56
N PHE A 131 20.51 22.44 -19.34
CA PHE A 131 19.18 22.92 -19.04
C PHE A 131 18.79 23.88 -20.19
N THR A 132 17.49 24.23 -20.30
CA THR A 132 16.95 25.15 -21.32
C THR A 132 16.39 26.43 -20.69
N GLY A 133 16.00 26.33 -19.41
CA GLY A 133 15.22 27.35 -18.73
C GLY A 133 13.83 27.17 -19.24
N SER A 134 12.96 28.10 -18.88
CA SER A 134 11.57 27.95 -19.34
C SER A 134 10.85 29.26 -19.17
N ALA A 135 10.10 29.68 -20.21
CA ALA A 135 9.31 30.91 -20.07
C ALA A 135 8.02 30.73 -19.33
N ILE A 136 7.63 29.47 -19.09
CA ILE A 136 6.34 29.16 -18.45
C ILE A 136 6.41 28.39 -17.13
N TRP A 137 7.60 27.97 -16.72
CA TRP A 137 7.76 27.27 -15.42
C TRP A 137 6.99 27.89 -14.25
N HIS A 138 7.19 29.19 -14.04
CA HIS A 138 6.56 29.96 -12.96
C HIS A 138 5.03 29.94 -13.04
N LEU A 139 4.49 29.45 -14.18
CA LEU A 139 3.04 29.29 -14.34
C LEU A 139 2.52 27.93 -13.89
N VAL A 140 3.39 27.06 -13.34
CA VAL A 140 3.00 25.66 -13.00
C VAL A 140 1.74 25.43 -12.10
N ALA A 141 1.58 26.25 -11.07
CA ALA A 141 0.41 26.15 -10.19
C ALA A 141 -0.94 26.58 -10.82
N MSE A 142 -0.92 27.37 -11.88
CA MSE A 142 -2.18 27.63 -12.58
C MSE A 142 -3.19 28.50 -11.82
O MSE A 142 -4.33 28.58 -12.19
CB MSE A 142 -2.79 26.32 -13.07
CG MSE A 142 -1.98 25.75 -14.24
SE MSE A 142 -2.86 24.23 -15.21
CE MSE A 142 -4.77 24.65 -15.19
N PHE A 143 -2.73 29.16 -10.76
CA PHE A 143 -3.42 30.31 -10.21
C PHE A 143 -2.45 31.44 -10.00
N PRO A 144 -2.77 32.65 -10.51
CA PRO A 144 -3.96 32.98 -11.28
C PRO A 144 -3.89 32.35 -12.68
N PRO A 145 -5.06 32.00 -13.27
CA PRO A 145 -5.09 31.27 -14.55
C PRO A 145 -4.30 31.95 -15.67
N ALA A 146 -3.53 31.15 -16.40
CA ALA A 146 -2.88 31.57 -17.64
C ALA A 146 -3.69 30.99 -18.82
N PRO A 147 -3.99 31.80 -19.85
CA PRO A 147 -4.63 31.22 -21.05
C PRO A 147 -3.78 30.12 -21.68
N GLU A 148 -4.44 29.13 -22.28
CA GLU A 148 -3.71 28.10 -23.04
C GLU A 148 -2.76 28.65 -24.11
N SER A 149 -3.07 29.82 -24.67
CA SER A 149 -2.17 30.42 -25.68
C SER A 149 -0.85 30.90 -25.06
N MSE A 150 -0.88 31.34 -23.81
CA MSE A 150 0.31 31.70 -23.06
C MSE A 150 1.20 30.45 -22.87
O MSE A 150 2.42 30.50 -22.98
CB MSE A 150 -0.08 32.34 -21.73
CG MSE A 150 1.02 33.01 -20.95
SE MSE A 150 0.37 33.81 -19.18
CE MSE A 150 2.01 34.86 -18.63
N ILE A 151 0.56 29.32 -22.62
CA ILE A 151 1.27 28.06 -22.48
C ILE A 151 1.85 27.57 -23.79
N GLU A 152 1.08 27.57 -24.89
CA GLU A 152 1.71 27.26 -26.20
C GLU A 152 2.92 28.17 -26.53
N ARG A 153 2.78 29.46 -26.24
CA ARG A 153 3.84 30.44 -26.48
C ARG A 153 5.16 30.06 -25.82
N GLY A 154 5.12 29.53 -24.59
CA GLY A 154 6.31 29.09 -23.87
C GLY A 154 7.08 27.98 -24.60
N TYR A 155 6.36 27.00 -25.10
CA TYR A 155 6.97 25.93 -25.93
C TYR A 155 7.49 26.43 -27.27
N GLN A 156 6.78 27.37 -27.88
CA GLN A 156 7.24 28.02 -29.12
C GLN A 156 8.49 28.88 -28.87
N ASP A 157 8.52 29.57 -27.74
CA ASP A 157 9.71 30.32 -27.29
C ASP A 157 10.90 29.38 -27.10
N PHE A 158 10.63 28.20 -26.59
CA PHE A 158 11.67 27.21 -26.45
C PHE A 158 12.19 26.87 -27.84
N ALA A 159 11.29 26.50 -28.75
CA ALA A 159 11.68 26.06 -30.08
C ALA A 159 12.45 27.16 -30.81
N ASP A 160 11.96 28.41 -30.70
CA ASP A 160 12.58 29.56 -31.40
C ASP A 160 13.97 29.91 -30.92
N ARG A 161 14.23 29.74 -29.63
CA ARG A 161 15.53 30.05 -29.06
C ARG A 161 16.46 28.89 -29.25
N TRP A 162 15.93 27.65 -29.22
CA TRP A 162 16.79 26.44 -29.18
C TRP A 162 17.13 25.89 -30.56
N ASN A 163 16.18 25.96 -31.49
CA ASN A 163 16.43 25.55 -32.88
C ASN A 163 17.74 26.10 -33.43
N PRO A 164 17.95 27.42 -33.35
CA PRO A 164 19.26 27.96 -33.78
C PRO A 164 20.48 27.47 -32.99
N ILE A 165 20.31 27.16 -31.71
CA ILE A 165 21.42 26.61 -30.90
C ILE A 165 21.76 25.24 -31.43
N LEU A 166 20.70 24.48 -31.66
CA LEU A 166 20.77 23.07 -32.08
C LEU A 166 21.25 22.89 -33.52
N ASP A 167 21.12 23.93 -34.36
CA ASP A 167 21.77 23.97 -35.69
C ASP A 167 23.28 23.93 -35.55
N VAL A 168 23.80 24.61 -34.52
CA VAL A 168 25.23 24.60 -34.23
C VAL A 168 25.70 23.19 -33.78
N PHE A 169 25.00 22.59 -32.81
CA PHE A 169 25.18 21.17 -32.48
C PHE A 169 25.26 20.24 -33.70
N ASP A 170 24.29 20.34 -34.62
CA ASP A 170 24.32 19.58 -35.87
C ASP A 170 25.55 19.88 -36.72
N ALA A 171 25.88 21.16 -36.93
CA ALA A 171 27.10 21.55 -37.67
C ALA A 171 28.34 20.96 -37.05
N GLU A 172 28.35 20.92 -35.71
CA GLU A 172 29.53 20.47 -34.94
C GLU A 172 29.62 18.96 -34.69
N GLY A 173 28.56 18.22 -35.01
CA GLY A 173 28.51 16.81 -34.73
C GLY A 173 28.39 16.47 -33.23
N VAL A 174 27.65 17.29 -32.47
CA VAL A 174 27.48 17.15 -31.02
C VAL A 174 25.98 17.10 -30.76
N ARG A 175 25.58 16.34 -29.74
CA ARG A 175 24.19 16.27 -29.29
C ARG A 175 23.99 17.04 -27.97
N PHE A 176 22.82 17.62 -27.81
CA PHE A 176 22.39 18.18 -26.55
C PHE A 176 21.57 17.15 -25.73
N ALA A 177 21.99 16.90 -24.50
CA ALA A 177 21.26 16.04 -23.55
C ALA A 177 20.58 16.94 -22.52
N HIS A 178 19.32 17.28 -22.77
CA HIS A 178 18.60 18.13 -21.85
C HIS A 178 18.22 17.39 -20.60
N GLU A 179 18.49 17.94 -19.42
CA GLU A 179 18.10 17.17 -18.21
C GLU A 179 16.67 17.48 -17.76
N VAL A 180 15.76 16.55 -17.97
CA VAL A 180 14.37 16.66 -17.54
C VAL A 180 14.35 16.88 -16.03
N HIS A 181 13.78 18.00 -15.60
CA HIS A 181 14.05 18.45 -14.24
C HIS A 181 13.14 19.64 -14.01
N PRO A 182 12.66 19.85 -12.79
CA PRO A 182 11.86 21.06 -12.57
C PRO A 182 12.56 22.35 -12.95
N SER A 183 11.73 23.33 -13.31
CA SER A 183 12.10 24.69 -13.68
C SER A 183 12.54 24.75 -15.16
N GLU A 184 12.37 23.62 -15.86
CA GLU A 184 12.82 23.45 -17.24
C GLU A 184 11.56 23.34 -18.05
N ILE A 185 11.69 23.57 -19.37
CA ILE A 185 10.51 23.45 -20.29
C ILE A 185 9.94 22.00 -20.33
N ALA A 186 10.86 21.06 -20.14
CA ALA A 186 10.55 19.64 -20.00
C ALA A 186 11.00 19.23 -18.59
N TYR A 187 10.06 18.91 -17.73
CA TYR A 187 10.34 18.54 -16.33
C TYR A 187 9.58 17.26 -15.86
N ASP A 188 8.71 16.73 -16.71
CA ASP A 188 7.61 15.73 -16.49
C ASP A 188 7.81 14.76 -17.66
N TYR A 189 7.04 13.68 -17.67
CA TYR A 189 6.89 12.78 -18.82
C TYR A 189 6.16 13.52 -19.99
N TRP A 190 5.01 14.12 -19.69
CA TRP A 190 4.15 14.77 -20.69
C TRP A 190 4.77 16.04 -21.29
N THR A 191 5.49 16.80 -20.45
CA THR A 191 6.14 18.02 -20.89
C THR A 191 7.33 17.71 -21.77
N THR A 192 7.99 16.57 -21.52
CA THR A 192 9.05 16.08 -22.39
C THR A 192 8.51 15.77 -23.78
N HIS A 193 7.38 15.04 -23.85
CA HIS A 193 6.70 14.79 -25.13
C HIS A 193 6.45 16.10 -25.85
N ARG A 194 5.89 17.09 -25.14
CA ARG A 194 5.54 18.37 -25.75
C ARG A 194 6.74 19.17 -26.25
N ALA A 195 7.84 19.12 -25.51
CA ALA A 195 9.08 19.78 -25.88
C ALA A 195 9.75 19.06 -27.05
N LEU A 196 9.72 17.74 -27.07
CA LEU A 196 10.30 17.07 -28.23
C LEU A 196 9.50 17.43 -29.50
N GLU A 197 8.16 17.50 -29.39
CA GLU A 197 7.28 17.97 -30.51
C GLU A 197 7.58 19.40 -30.95
N ALA A 198 7.83 20.30 -30.00
CA ALA A 198 8.17 21.68 -30.32
C ALA A 198 9.33 21.80 -31.31
N VAL A 199 10.33 20.94 -31.12
CA VAL A 199 11.51 20.93 -32.03
C VAL A 199 11.42 19.82 -33.09
N GLY A 200 10.21 19.38 -33.41
CA GLY A 200 9.94 18.33 -34.39
C GLY A 200 10.71 17.01 -34.20
N HIS A 201 11.02 16.67 -32.94
CA HIS A 201 11.85 15.48 -32.57
C HIS A 201 13.20 15.45 -33.27
N ARG A 202 13.76 16.62 -33.57
CA ARG A 202 15.02 16.66 -34.27
C ARG A 202 16.08 15.95 -33.40
N PRO A 203 16.95 15.13 -34.04
CA PRO A 203 17.86 14.33 -33.25
C PRO A 203 18.94 15.08 -32.44
N ALA A 204 19.15 16.38 -32.69
CA ALA A 204 20.11 17.17 -31.88
C ALA A 204 19.64 17.34 -30.44
N PHE A 205 18.33 17.42 -30.26
CA PHE A 205 17.76 17.60 -28.93
C PHE A 205 17.39 16.25 -28.33
N GLY A 206 18.26 15.74 -27.46
CA GLY A 206 17.91 14.55 -26.72
C GLY A 206 17.88 14.84 -25.24
N LEU A 207 18.07 13.78 -24.45
CA LEU A 207 17.79 13.87 -23.03
C LEU A 207 18.90 13.33 -22.16
N ASN A 208 19.15 14.06 -21.08
CA ASN A 208 19.90 13.53 -19.97
C ASN A 208 18.92 12.90 -18.97
N PHE A 209 19.03 11.59 -18.77
CA PHE A 209 18.20 10.88 -17.80
C PHE A 209 18.77 10.91 -16.36
N ASP A 210 18.00 11.54 -15.48
CA ASP A 210 18.29 11.62 -14.07
C ASP A 210 17.01 11.25 -13.34
N PRO A 211 17.03 10.09 -12.67
CA PRO A 211 15.78 9.65 -12.04
C PRO A 211 15.35 10.36 -10.75
N SER A 212 16.23 11.19 -10.14
CA SER A 212 15.95 11.83 -8.84
C SER A 212 14.59 12.56 -8.74
N HIS A 213 14.31 13.47 -9.69
CA HIS A 213 13.07 14.23 -9.65
C HIS A 213 11.84 13.44 -10.15
N PHE A 214 12.03 12.23 -10.65
CA PHE A 214 10.94 11.35 -11.00
C PHE A 214 10.27 10.87 -9.71
N VAL A 215 11.07 10.77 -8.64
CA VAL A 215 10.59 10.28 -7.36
C VAL A 215 9.49 11.13 -6.76
N TRP A 216 9.75 12.40 -6.52
CA TRP A 216 8.70 13.17 -5.84
C TRP A 216 7.46 13.45 -6.74
N GLN A 217 7.67 13.42 -8.04
CA GLN A 217 6.64 13.70 -9.02
C GLN A 217 5.85 12.44 -9.36
N ASP A 218 6.26 11.32 -8.77
CA ASP A 218 5.65 10.02 -9.00
C ASP A 218 5.68 9.53 -10.43
N LEU A 219 6.78 9.83 -11.11
CA LEU A 219 6.93 9.45 -12.50
C LEU A 219 7.64 8.10 -12.54
N ASP A 220 7.26 7.26 -13.48
CA ASP A 220 7.92 5.94 -13.65
C ASP A 220 9.16 6.15 -14.48
N PRO A 221 10.34 6.07 -13.84
CA PRO A 221 11.56 6.29 -14.65
C PRO A 221 11.77 5.22 -15.70
N VAL A 222 11.28 4.02 -15.42
CA VAL A 222 11.46 2.87 -16.28
C VAL A 222 10.61 3.03 -17.54
N GLY A 223 9.32 3.40 -17.40
CA GLY A 223 8.53 3.71 -18.57
C GLY A 223 8.99 4.89 -19.40
N PHE A 224 9.57 5.90 -18.76
CA PHE A 224 10.16 7.06 -19.42
C PHE A 224 11.31 6.64 -20.31
N LEU A 225 12.19 5.80 -19.79
CA LEU A 225 13.28 5.21 -20.57
C LEU A 225 12.84 4.42 -21.84
N TRP A 226 11.84 3.54 -21.70
CA TRP A 226 11.24 2.82 -22.83
C TRP A 226 10.67 3.80 -23.88
N ASP A 227 9.75 4.68 -23.45
CA ASP A 227 9.05 5.59 -24.35
C ASP A 227 9.94 6.64 -25.02
N PHE A 228 10.96 7.10 -24.33
CA PHE A 228 11.92 8.03 -24.96
C PHE A 228 13.26 7.37 -25.34
N ARG A 229 13.26 6.04 -25.53
CA ARG A 229 14.49 5.24 -25.76
C ARG A 229 15.43 5.75 -26.83
N ASP A 230 14.90 6.34 -27.91
CA ASP A 230 15.72 6.81 -29.04
C ASP A 230 16.38 8.17 -28.76
N ARG A 231 16.02 8.79 -27.64
CA ARG A 231 16.55 10.10 -27.20
C ARG A 231 17.21 10.12 -25.82
N ILE A 232 17.44 8.97 -25.22
CA ILE A 232 18.28 9.00 -24.03
C ILE A 232 19.77 9.03 -24.36
N TYR A 233 20.33 10.23 -24.23
CA TYR A 233 21.64 10.51 -24.69
C TYR A 233 22.70 10.40 -23.61
N HIS A 234 22.29 10.57 -22.35
CA HIS A 234 23.21 10.47 -21.25
C HIS A 234 22.43 10.06 -19.97
N VAL A 235 23.14 9.50 -19.00
CA VAL A 235 22.53 9.05 -17.75
C VAL A 235 23.27 9.65 -16.55
N ASP A 236 22.54 10.31 -15.65
CA ASP A 236 23.11 10.75 -14.37
C ASP A 236 22.38 10.12 -13.21
N CYS A 237 23.09 9.31 -12.43
CA CYS A 237 22.48 8.64 -11.26
C CYS A 237 22.55 9.60 -10.12
N LYS A 238 21.41 10.22 -9.83
CA LYS A 238 21.21 11.04 -8.67
C LYS A 238 20.04 10.38 -7.91
N GLU A 239 20.20 10.23 -6.60
CA GLU A 239 19.29 9.47 -5.77
C GLU A 239 18.42 10.43 -4.96
N ALA A 240 17.18 10.02 -4.72
CA ALA A 240 16.26 10.83 -3.95
C ALA A 240 15.37 9.95 -2.99
N ARG A 241 15.10 10.49 -1.80
CA ARG A 241 14.34 9.85 -0.74
C ARG A 241 13.16 10.73 -0.29
N LYS A 242 11.98 10.14 -0.30
CA LYS A 242 10.78 10.76 0.28
C LYS A 242 10.69 10.51 1.77
N ARG A 243 10.08 11.45 2.50
CA ARG A 243 9.63 11.20 3.87
C ARG A 243 8.35 12.01 4.07
N LEU A 244 7.26 11.40 3.63
CA LEU A 244 5.99 12.08 3.59
C LEU A 244 5.15 11.58 4.75
N ASP A 245 5.26 12.27 5.88
CA ASP A 245 4.64 11.87 7.14
C ASP A 245 3.30 12.59 7.39
N GLY A 246 2.74 13.26 6.38
CA GLY A 246 1.48 13.98 6.57
C GLY A 246 1.67 15.46 6.88
N ARG A 247 2.81 15.81 7.46
CA ARG A 247 3.21 17.20 7.67
C ARG A 247 4.11 17.73 6.56
N ASN A 248 5.22 17.04 6.30
CA ASN A 248 6.10 17.29 5.16
C ASN A 248 5.27 17.17 3.86
N GLY A 249 5.57 18.02 2.85
CA GLY A 249 4.76 18.00 1.60
C GLY A 249 5.63 17.78 0.38
N ARG A 250 5.03 17.36 -0.73
CA ARG A 250 5.83 17.01 -1.92
C ARG A 250 6.61 18.14 -2.50
N LEU A 251 6.25 19.38 -2.18
CA LEU A 251 6.93 20.58 -2.73
C LEU A 251 8.20 20.92 -1.95
N GLY A 252 8.35 20.43 -0.73
CA GLY A 252 9.58 20.68 0.07
C GLY A 252 9.50 21.97 0.93
N SER A 253 8.36 22.70 0.82
CA SER A 253 8.05 23.90 1.64
C SER A 253 9.08 25.07 1.57
N HIS A 254 9.81 25.20 0.48
CA HIS A 254 10.93 26.18 0.35
C HIS A 254 12.02 26.04 1.40
N LEU A 255 12.22 24.81 1.89
CA LEU A 255 13.15 24.56 3.01
C LEU A 255 14.43 24.04 2.43
N PRO A 256 15.57 24.37 3.10
CA PRO A 256 16.85 24.05 2.48
C PRO A 256 17.13 22.57 2.51
N TRP A 257 17.96 22.12 1.55
CA TRP A 257 18.45 20.74 1.51
C TRP A 257 18.95 20.28 2.89
N GLY A 258 18.54 19.07 3.29
CA GLY A 258 18.90 18.51 4.58
C GLY A 258 17.91 18.81 5.70
N ASP A 259 16.96 19.70 5.47
CA ASP A 259 15.93 19.97 6.48
C ASP A 259 14.93 18.78 6.59
N PRO A 260 14.79 18.18 7.80
CA PRO A 260 13.97 16.97 7.99
C PRO A 260 12.48 17.20 7.66
N ARG A 261 12.05 18.47 7.58
CA ARG A 261 10.68 18.83 7.24
C ARG A 261 10.35 18.87 5.73
N ARG A 262 11.33 18.63 4.86
CA ARG A 262 11.08 18.49 3.42
C ARG A 262 10.44 17.12 3.14
N GLY A 263 9.42 17.11 2.28
CA GLY A 263 8.78 15.88 1.83
C GLY A 263 9.70 14.94 1.09
N TRP A 264 10.75 15.49 0.46
CA TRP A 264 11.77 14.66 -0.21
C TRP A 264 13.12 15.39 -0.16
N ASP A 265 14.22 14.66 -0.33
CA ASP A 265 15.54 15.26 -0.33
C ASP A 265 16.47 14.42 -1.19
N PHE A 266 17.57 15.00 -1.63
CA PHE A 266 18.66 14.30 -2.31
C PHE A 266 19.48 13.49 -1.31
N VAL A 267 19.74 12.22 -1.62
CA VAL A 267 20.53 11.37 -0.73
C VAL A 267 21.47 10.53 -1.58
N SER A 268 22.50 9.95 -0.96
CA SER A 268 23.49 9.24 -1.71
C SER A 268 22.88 7.95 -2.28
N ALA A 269 23.40 7.47 -3.41
CA ALA A 269 22.87 6.29 -4.12
C ALA A 269 22.71 5.11 -3.20
N GLY A 270 21.53 4.49 -3.26
CA GLY A 270 21.21 3.33 -2.42
C GLY A 270 20.50 3.71 -1.13
N HIS A 271 20.58 4.98 -0.75
CA HIS A 271 19.88 5.47 0.47
C HIS A 271 18.42 5.97 0.28
N GLY A 272 17.97 6.00 -0.95
CA GLY A 272 16.69 6.59 -1.26
C GLY A 272 15.75 5.62 -1.98
N ASP A 273 15.00 6.12 -2.97
CA ASP A 273 13.83 5.43 -3.49
C ASP A 273 13.91 5.05 -4.94
N VAL A 274 14.94 5.46 -5.68
CA VAL A 274 15.07 5.13 -7.11
C VAL A 274 15.14 3.63 -7.36
N PRO A 275 14.29 3.08 -8.27
CA PRO A 275 14.38 1.63 -8.43
C PRO A 275 15.55 1.25 -9.33
N TRP A 276 16.76 1.27 -8.78
CA TRP A 276 17.96 1.01 -9.58
C TRP A 276 17.91 -0.32 -10.35
N GLU A 277 17.38 -1.36 -9.69
CA GLU A 277 17.25 -2.69 -10.32
C GLU A 277 16.60 -2.65 -11.71
N ASP A 278 15.42 -2.03 -11.77
CA ASP A 278 14.64 -1.86 -12.98
C ASP A 278 15.26 -0.85 -13.96
N VAL A 279 15.81 0.24 -13.44
CA VAL A 279 16.50 1.26 -14.26
C VAL A 279 17.67 0.68 -15.07
N PHE A 280 18.60 0.01 -14.39
CA PHE A 280 19.73 -0.67 -15.04
C PHE A 280 19.35 -1.75 -16.03
N ARG A 281 18.36 -2.59 -15.68
CA ARG A 281 17.85 -3.63 -16.60
C ARG A 281 17.30 -2.96 -17.85
N MSE A 282 16.56 -1.86 -17.66
CA MSE A 282 15.99 -1.11 -18.78
C MSE A 282 17.07 -0.44 -19.60
O MSE A 282 16.97 -0.43 -20.81
CB MSE A 282 14.92 -0.12 -18.29
CG MSE A 282 14.21 0.66 -19.41
SE MSE A 282 13.20 -0.55 -20.67
CE MSE A 282 14.12 -0.25 -22.31
N LEU A 283 18.11 0.13 -18.99
CA LEU A 283 19.22 0.67 -19.79
C LEU A 283 19.77 -0.37 -20.77
N ARG A 284 19.89 -1.62 -20.33
CA ARG A 284 20.31 -2.68 -21.23
C ARG A 284 19.23 -2.97 -22.30
N SER A 285 17.96 -3.07 -21.92
CA SER A 285 16.88 -3.36 -22.89
C SER A 285 16.75 -2.32 -24.01
N ILE A 286 17.12 -1.07 -23.72
CA ILE A 286 17.06 0.00 -24.72
C ILE A 286 18.41 0.20 -25.40
N ASP A 287 19.40 -0.61 -25.03
CA ASP A 287 20.72 -0.54 -25.62
C ASP A 287 21.37 0.87 -25.44
N TYR A 288 21.33 1.36 -24.21
CA TYR A 288 22.01 2.58 -23.88
C TYR A 288 23.49 2.26 -23.77
N GLN A 289 24.33 2.94 -24.56
CA GLN A 289 25.73 2.53 -24.65
C GLN A 289 26.69 3.56 -24.09
N GLY A 290 26.13 4.68 -23.60
CA GLY A 290 26.89 5.74 -22.98
C GLY A 290 27.44 5.42 -21.61
N PRO A 291 28.12 6.41 -20.99
CA PRO A 291 28.59 6.26 -19.59
C PRO A 291 27.44 6.37 -18.60
N VAL A 292 27.66 5.86 -17.41
CA VAL A 292 26.74 6.03 -16.34
C VAL A 292 27.45 7.03 -15.41
N SER A 293 26.89 8.23 -15.32
CA SER A 293 27.47 9.27 -14.49
C SER A 293 26.82 9.26 -13.14
N VAL A 294 27.52 9.79 -12.17
CA VAL A 294 27.01 9.93 -10.82
C VAL A 294 27.06 11.40 -10.47
N GLU A 295 25.90 11.99 -10.19
CA GLU A 295 25.83 13.30 -9.61
C GLU A 295 25.65 13.14 -8.11
N TRP A 296 26.72 13.44 -7.37
CA TRP A 296 26.69 13.17 -5.98
C TRP A 296 26.11 14.34 -5.19
N GLU A 297 25.08 14.06 -4.39
CA GLU A 297 24.41 15.08 -3.59
C GLU A 297 23.70 14.46 -2.37
N ASP A 298 24.00 14.98 -1.18
CA ASP A 298 23.42 14.48 0.08
C ASP A 298 23.76 15.41 1.22
N ALA A 299 22.85 16.32 1.57
CA ALA A 299 23.11 17.26 2.64
C ALA A 299 23.28 16.61 4.02
N GLY A 300 22.89 15.33 4.15
CA GLY A 300 23.07 14.58 5.38
C GLY A 300 24.42 13.89 5.49
N MSE A 301 25.28 14.07 4.48
CA MSE A 301 26.48 13.29 4.31
C MSE A 301 27.67 14.12 3.73
O MSE A 301 27.47 15.14 3.07
CB MSE A 301 26.14 12.11 3.39
CG MSE A 301 26.93 10.88 3.59
SE MSE A 301 26.32 9.41 2.43
CE MSE A 301 24.64 8.91 3.08
N ASP A 302 28.89 13.68 4.00
CA ASP A 302 30.11 14.18 3.38
C ASP A 302 30.44 13.46 2.05
N ARG A 303 30.74 14.26 1.02
CA ARG A 303 30.98 13.78 -0.34
C ARG A 303 32.17 12.83 -0.47
N LEU A 304 33.17 13.02 0.40
CA LEU A 304 34.34 12.14 0.44
C LEU A 304 33.98 10.75 0.86
N GLN A 305 32.98 10.63 1.71
CA GLN A 305 32.47 9.33 2.10
C GLN A 305 31.44 8.80 1.09
N GLY A 306 30.57 9.70 0.62
CA GLY A 306 29.46 9.33 -0.23
C GLY A 306 29.77 8.99 -1.66
N ALA A 307 30.68 9.74 -2.31
CA ALA A 307 31.00 9.54 -3.72
C ALA A 307 31.58 8.14 -4.03
N PRO A 308 32.58 7.65 -3.22
CA PRO A 308 33.01 6.29 -3.51
C PRO A 308 31.93 5.24 -3.13
N GLU A 309 31.20 5.45 -2.03
CA GLU A 309 30.16 4.51 -1.66
C GLU A 309 29.04 4.46 -2.71
N ALA A 310 28.61 5.63 -3.21
CA ALA A 310 27.59 5.68 -4.23
C ALA A 310 28.00 4.83 -5.46
N LEU A 311 29.29 4.89 -5.84
CA LEU A 311 29.82 4.10 -6.97
C LEU A 311 29.64 2.61 -6.68
N THR A 312 30.09 2.17 -5.52
CA THR A 312 29.94 0.77 -5.06
C THR A 312 28.50 0.25 -5.08
N ARG A 313 27.57 1.04 -4.55
CA ARG A 313 26.16 0.66 -4.51
C ARG A 313 25.56 0.54 -5.93
N LEU A 314 25.94 1.45 -6.81
CA LEU A 314 25.40 1.48 -8.16
C LEU A 314 25.88 0.27 -9.00
N LYS A 315 27.16 -0.07 -8.81
CA LYS A 315 27.81 -1.20 -9.47
C LYS A 315 27.22 -2.57 -9.08
N ALA A 316 26.58 -2.68 -7.92
CA ALA A 316 25.83 -3.91 -7.61
C ALA A 316 24.65 -4.19 -8.59
N PHE A 317 24.24 -3.17 -9.36
CA PHE A 317 23.18 -3.26 -10.40
C PHE A 317 23.74 -3.35 -11.82
N ASP A 318 25.04 -3.21 -11.94
CA ASP A 318 25.75 -3.31 -13.22
C ASP A 318 26.17 -4.79 -13.43
N PHE A 319 25.40 -5.55 -14.19
CA PHE A 319 25.82 -6.93 -14.36
C PHE A 319 26.14 -7.17 -15.79
N GLU A 320 27.08 -8.09 -16.00
CA GLU A 320 27.46 -8.54 -17.33
C GLU A 320 26.24 -9.06 -18.08
N PRO A 321 26.16 -8.75 -19.38
CA PRO A 321 25.14 -9.42 -20.23
C PRO A 321 25.30 -10.96 -20.21
N PRO A 322 24.20 -11.69 -20.46
CA PRO A 322 24.24 -13.16 -20.55
C PRO A 322 25.31 -13.74 -21.51
N PRO B 2 -20.94 19.00 10.66
CA PRO B 2 -21.17 20.40 11.17
C PRO B 2 -22.01 21.29 10.20
N ARG B 3 -23.19 21.79 10.59
CA ARG B 3 -24.37 21.78 9.68
C ARG B 3 -25.11 22.93 8.92
N ASN B 4 -24.70 24.20 8.94
CA ASN B 4 -25.15 25.07 7.81
C ASN B 4 -24.21 24.89 6.61
N PHE B 5 -24.78 24.68 5.43
CA PHE B 5 -23.98 24.45 4.23
C PHE B 5 -24.17 25.62 3.32
N THR B 6 -23.06 26.13 2.78
CA THR B 6 -23.16 27.22 1.82
C THR B 6 -22.56 26.87 0.46
N LEU B 7 -22.98 27.62 -0.54
CA LEU B 7 -22.42 27.53 -1.85
C LEU B 7 -21.50 28.73 -2.08
N PHE B 8 -20.24 28.47 -2.46
CA PHE B 8 -19.31 29.49 -2.91
C PHE B 8 -19.69 29.90 -4.33
N THR B 9 -19.72 31.19 -4.49
CA THR B 9 -20.40 31.90 -5.57
C THR B 9 -19.42 32.23 -6.69
N GLY B 10 -18.14 32.00 -6.44
CA GLY B 10 -17.03 32.32 -7.36
C GLY B 10 -17.15 31.63 -8.71
N GLN B 11 -17.56 30.36 -8.72
CA GLN B 11 -17.70 29.60 -9.99
C GLN B 11 -19.02 29.92 -10.65
N TRP B 12 -19.81 30.81 -10.04
CA TRP B 12 -21.12 31.20 -10.54
C TRP B 12 -21.20 32.68 -10.90
N ALA B 13 -20.03 33.32 -10.99
CA ALA B 13 -19.95 34.79 -11.12
C ALA B 13 -20.23 35.32 -12.53
N ASP B 14 -20.26 34.42 -13.50
CA ASP B 14 -20.88 34.66 -14.81
C ASP B 14 -22.38 34.88 -14.73
N LEU B 15 -22.98 34.62 -13.56
CA LEU B 15 -24.44 34.76 -13.44
C LEU B 15 -24.79 35.88 -12.48
N PRO B 16 -25.95 36.54 -12.69
CA PRO B 16 -26.50 37.49 -11.70
C PRO B 16 -26.65 36.83 -10.34
N LEU B 17 -26.33 37.54 -9.27
CA LEU B 17 -26.62 37.05 -7.92
C LEU B 17 -28.03 36.39 -7.76
N GLU B 18 -29.09 37.10 -8.15
CA GLU B 18 -30.46 36.55 -8.05
C GLU B 18 -30.63 35.12 -8.63
N GLU B 19 -30.03 34.89 -9.78
CA GLU B 19 -30.03 33.58 -10.43
C GLU B 19 -29.23 32.51 -9.59
N VAL B 20 -28.08 32.91 -9.03
CA VAL B 20 -27.32 32.06 -8.12
C VAL B 20 -28.12 31.72 -6.87
N CYS B 21 -28.84 32.68 -6.33
CA CYS B 21 -29.74 32.46 -5.19
C CYS B 21 -30.86 31.44 -5.46
N ARG B 22 -31.48 31.55 -6.64
CA ARG B 22 -32.58 30.64 -7.01
C ARG B 22 -32.03 29.20 -7.12
N LEU B 23 -30.89 29.06 -7.79
CA LEU B 23 -30.22 27.79 -7.94
C LEU B 23 -29.77 27.18 -6.61
N ALA B 24 -29.09 27.97 -5.78
CA ALA B 24 -28.60 27.50 -4.48
C ALA B 24 -29.75 27.04 -3.60
N ARG B 25 -30.81 27.85 -3.57
CA ARG B 25 -32.06 27.41 -2.93
C ARG B 25 -32.64 26.08 -3.52
N ASP B 26 -32.78 25.95 -4.84
CA ASP B 26 -33.29 24.69 -5.43
C ASP B 26 -32.36 23.48 -5.12
N PHE B 27 -31.04 23.73 -5.07
CA PHE B 27 -30.00 22.76 -4.66
C PHE B 27 -30.09 22.31 -3.18
N GLY B 28 -30.67 23.14 -2.33
CA GLY B 28 -30.81 22.80 -0.91
C GLY B 28 -29.79 23.48 0.02
N TYR B 29 -28.97 24.40 -0.52
CA TYR B 29 -28.01 25.13 0.31
C TYR B 29 -28.69 26.06 1.29
N ASP B 30 -28.06 26.27 2.44
CA ASP B 30 -28.62 27.15 3.49
C ASP B 30 -28.19 28.61 3.30
N GLY B 31 -27.13 28.83 2.52
CA GLY B 31 -26.60 30.16 2.37
C GLY B 31 -25.58 30.24 1.28
N LEU B 32 -24.92 31.39 1.18
CA LEU B 32 -23.96 31.63 0.11
C LEU B 32 -22.73 32.22 0.74
N GLU B 33 -21.55 31.78 0.26
CA GLU B 33 -20.28 32.45 0.53
C GLU B 33 -20.08 33.31 -0.68
N LEU B 34 -20.22 34.62 -0.48
CA LEU B 34 -20.26 35.60 -1.57
C LEU B 34 -18.91 36.02 -2.06
N ALA B 35 -18.63 35.73 -3.34
CA ALA B 35 -17.43 36.21 -4.03
C ALA B 35 -17.56 37.74 -4.22
N CYS B 36 -16.46 38.48 -4.09
CA CYS B 36 -16.45 39.93 -4.24
C CYS B 36 -16.22 40.31 -5.69
N TRP B 37 -16.91 39.61 -6.58
CA TRP B 37 -16.82 39.93 -7.99
C TRP B 37 -18.10 39.57 -8.72
N GLY B 38 -18.18 39.81 -10.03
CA GLY B 38 -19.45 39.65 -10.71
C GLY B 38 -20.32 40.75 -10.12
N ASP B 39 -21.63 40.51 -10.10
CA ASP B 39 -22.52 41.44 -9.40
C ASP B 39 -22.87 40.94 -8.00
N HIS B 40 -22.09 39.98 -7.50
CA HIS B 40 -22.40 39.28 -6.26
C HIS B 40 -22.16 40.12 -5.01
N PHE B 41 -20.94 40.58 -4.83
CA PHE B 41 -20.71 41.53 -3.75
C PHE B 41 -19.67 42.52 -4.23
N GLU B 42 -20.10 43.76 -4.44
CA GLU B 42 -19.19 44.81 -4.90
C GLU B 42 -18.71 45.68 -3.74
N VAL B 43 -17.42 45.58 -3.44
CA VAL B 43 -16.89 46.10 -2.20
C VAL B 43 -17.02 47.62 -2.13
N ASP B 44 -16.73 48.28 -3.25
CA ASP B 44 -16.81 49.73 -3.35
C ASP B 44 -18.24 50.28 -3.20
N LYS B 45 -19.21 49.63 -3.83
CA LYS B 45 -20.63 49.98 -3.67
C LYS B 45 -21.12 49.75 -2.25
N ALA B 46 -20.56 48.74 -1.55
CA ALA B 46 -21.00 48.43 -0.17
C ALA B 46 -20.59 49.53 0.80
N LEU B 47 -19.46 50.14 0.53
CA LEU B 47 -19.00 51.28 1.29
C LEU B 47 -19.65 52.62 0.86
N ALA B 48 -19.92 52.79 -0.45
CA ALA B 48 -20.37 54.09 -1.00
C ALA B 48 -21.87 54.32 -0.88
N ASP B 49 -22.64 53.24 -1.04
CA ASP B 49 -24.08 53.29 -1.05
C ASP B 49 -24.64 52.56 0.18
N PRO B 50 -25.32 53.29 1.10
CA PRO B 50 -25.72 52.70 2.39
C PRO B 50 -26.90 51.74 2.24
N SER B 51 -27.57 51.82 1.09
CA SER B 51 -28.61 50.86 0.75
C SER B 51 -28.08 49.56 0.06
N TYR B 52 -26.83 49.57 -0.38
CA TYR B 52 -26.31 48.46 -1.17
C TYR B 52 -26.31 47.15 -0.38
N VAL B 53 -25.85 47.20 0.86
CA VAL B 53 -25.78 46.06 1.74
C VAL B 53 -27.18 45.49 2.11
N ASP B 54 -28.17 46.38 2.23
CA ASP B 54 -29.54 45.94 2.47
C ASP B 54 -30.13 45.25 1.26
N SER B 55 -29.69 45.68 0.07
CA SER B 55 -30.11 45.03 -1.17
C SER B 55 -29.64 43.57 -1.21
N ARG B 56 -28.44 43.32 -0.66
CA ARG B 56 -27.86 41.95 -0.56
C ARG B 56 -28.67 41.08 0.36
N HIS B 57 -28.98 41.62 1.53
CA HIS B 57 -29.82 40.93 2.50
C HIS B 57 -31.20 40.62 1.96
N GLN B 58 -31.83 41.59 1.31
CA GLN B 58 -33.15 41.43 0.75
C GLN B 58 -33.16 40.34 -0.32
N LEU B 59 -32.15 40.33 -1.18
CA LEU B 59 -32.09 39.32 -2.23
C LEU B 59 -31.92 37.91 -1.67
N LEU B 60 -31.04 37.75 -0.67
CA LEU B 60 -30.83 36.46 -0.02
C LEU B 60 -32.02 36.01 0.85
N ASP B 61 -32.61 36.93 1.63
CA ASP B 61 -33.87 36.64 2.36
C ASP B 61 -35.00 36.18 1.44
N LYS B 62 -35.09 36.75 0.24
CA LYS B 62 -36.14 36.40 -0.72
C LYS B 62 -36.10 34.88 -1.07
N TYR B 63 -34.90 34.33 -0.98
CA TYR B 63 -34.66 32.94 -1.37
C TYR B 63 -34.40 32.05 -0.16
N GLY B 64 -34.56 32.63 1.04
CA GLY B 64 -34.35 31.93 2.33
C GLY B 64 -32.89 31.52 2.56
N LEU B 65 -31.97 32.34 2.05
CA LEU B 65 -30.53 32.11 2.11
C LEU B 65 -29.86 33.04 3.12
N LYS B 66 -28.86 32.52 3.83
CA LYS B 66 -28.01 33.34 4.72
C LYS B 66 -26.58 33.59 4.18
N CYS B 67 -25.87 34.54 4.78
CA CYS B 67 -24.45 34.68 4.45
C CYS B 67 -23.64 34.93 5.72
N TRP B 68 -22.56 34.15 5.89
CA TRP B 68 -21.65 34.24 7.05
C TRP B 68 -20.24 34.70 6.68
N ALA B 69 -19.99 34.88 5.38
CA ALA B 69 -18.63 35.08 4.88
C ALA B 69 -18.66 35.61 3.44
N ILE B 70 -17.66 36.44 3.10
CA ILE B 70 -17.47 36.93 1.74
C ILE B 70 -16.01 36.58 1.38
N SER B 71 -15.76 36.44 0.08
CA SER B 71 -14.44 36.01 -0.40
C SER B 71 -13.86 36.96 -1.43
N ASN B 72 -12.58 37.24 -1.28
CA ASN B 72 -11.88 38.09 -2.23
C ASN B 72 -10.52 37.53 -2.59
N HIS B 73 -10.52 36.28 -3.06
CA HIS B 73 -9.33 35.60 -3.57
C HIS B 73 -8.60 36.39 -4.63
N LEU B 74 -9.37 36.97 -5.54
CA LEU B 74 -8.84 37.54 -6.78
C LEU B 74 -8.00 38.80 -6.47
N VAL B 75 -8.53 39.67 -5.61
CA VAL B 75 -7.80 40.85 -5.22
C VAL B 75 -6.65 40.53 -4.27
N GLY B 76 -6.87 39.57 -3.35
CA GLY B 76 -5.86 39.25 -2.32
C GLY B 76 -4.59 38.72 -2.93
N GLN B 77 -4.74 37.94 -4.01
CA GLN B 77 -3.60 37.35 -4.65
C GLN B 77 -2.60 38.40 -5.20
N ALA B 78 -3.09 39.62 -5.48
CA ALA B 78 -2.23 40.67 -6.04
C ALA B 78 -1.47 41.52 -5.00
N VAL B 79 -1.69 41.30 -3.71
CA VAL B 79 -0.91 42.10 -2.74
C VAL B 79 0.55 41.72 -2.62
N CYS B 80 0.84 40.40 -2.64
CA CYS B 80 2.18 39.92 -2.42
C CYS B 80 2.83 39.31 -3.63
N ASP B 81 2.08 39.11 -4.70
CA ASP B 81 2.65 38.48 -5.91
C ASP B 81 3.80 39.29 -6.45
N ALA B 82 4.95 38.67 -6.60
CA ALA B 82 6.11 39.35 -7.14
C ALA B 82 6.01 39.57 -8.66
N ILE B 83 5.29 38.70 -9.37
CA ILE B 83 5.21 38.75 -10.82
C ILE B 83 3.80 39.13 -11.17
N ILE B 84 3.56 40.41 -11.47
CA ILE B 84 2.20 40.94 -11.71
C ILE B 84 2.05 41.11 -13.22
N ASP B 85 1.10 40.42 -13.83
CA ASP B 85 1.06 40.46 -15.28
C ASP B 85 -0.35 40.28 -15.80
N GLU B 86 -0.45 39.74 -17.00
CA GLU B 86 -1.72 39.56 -17.71
C GLU B 86 -2.70 38.71 -16.93
N ARG B 87 -2.16 37.80 -16.12
CA ARG B 87 -3.01 36.93 -15.28
C ARG B 87 -3.75 37.72 -14.20
N HIS B 88 -3.12 38.72 -13.62
CA HIS B 88 -3.74 39.55 -12.59
C HIS B 88 -4.72 40.51 -13.23
N GLU B 89 -4.34 41.02 -14.40
CA GLU B 89 -5.22 41.89 -15.14
C GLU B 89 -6.55 41.24 -15.45
N ALA B 90 -6.54 39.94 -15.74
CA ALA B 90 -7.79 39.18 -16.00
C ALA B 90 -8.72 38.98 -14.81
N ILE B 91 -8.16 39.00 -13.61
CA ILE B 91 -8.91 38.72 -12.36
C ILE B 91 -9.23 39.98 -11.52
N LEU B 92 -8.55 41.09 -11.85
CA LEU B 92 -8.69 42.35 -11.10
C LEU B 92 -9.72 43.32 -11.71
N PRO B 93 -10.43 44.11 -10.87
CA PRO B 93 -11.18 45.22 -11.48
C PRO B 93 -10.18 46.23 -12.05
N ALA B 94 -10.59 46.91 -13.11
CA ALA B 94 -9.73 47.86 -13.83
C ALA B 94 -9.22 48.99 -12.89
N ARG B 95 -10.03 49.40 -11.92
CA ARG B 95 -9.62 50.40 -10.91
C ARG B 95 -8.44 49.96 -10.02
N ILE B 96 -8.33 48.65 -9.74
CA ILE B 96 -7.16 48.04 -9.06
C ILE B 96 -5.96 47.78 -10.01
N TRP B 97 -6.22 47.19 -11.17
CA TRP B 97 -5.19 47.02 -12.18
C TRP B 97 -4.50 48.33 -12.53
N GLY B 98 -5.28 49.43 -12.64
CA GLY B 98 -4.72 50.75 -13.00
C GLY B 98 -3.91 50.67 -14.29
N ASP B 99 -2.66 51.14 -14.25
CA ASP B 99 -1.73 51.04 -15.39
C ASP B 99 -0.92 49.72 -15.43
N GLY B 100 -1.09 48.86 -14.42
CA GLY B 100 -0.45 47.56 -14.47
C GLY B 100 0.95 47.51 -13.91
N ASP B 101 1.46 48.65 -13.44
CA ASP B 101 2.76 48.73 -12.79
C ASP B 101 2.70 47.92 -11.50
N ALA B 102 3.53 46.89 -11.42
CA ALA B 102 3.50 45.88 -10.35
C ALA B 102 3.29 46.39 -8.90
N GLU B 103 4.12 47.34 -8.47
CA GLU B 103 4.02 47.90 -7.12
C GLU B 103 2.72 48.67 -6.89
N GLY B 104 2.26 49.40 -7.89
CA GLY B 104 1.00 50.13 -7.76
C GLY B 104 -0.18 49.19 -7.61
N VAL B 105 -0.17 48.10 -8.40
CA VAL B 105 -1.18 47.03 -8.28
C VAL B 105 -1.19 46.41 -6.88
N ARG B 106 0.01 46.10 -6.36
CA ARG B 106 0.11 45.52 -5.01
C ARG B 106 -0.48 46.43 -3.97
N GLN B 107 -0.21 47.72 -4.13
CA GLN B 107 -0.63 48.75 -3.19
C GLN B 107 -2.14 48.96 -3.24
N ARG B 108 -2.70 48.98 -4.46
CA ARG B 108 -4.12 49.14 -4.62
C ARG B 108 -4.95 47.92 -4.15
N ALA B 109 -4.43 46.74 -4.42
CA ALA B 109 -4.99 45.49 -3.89
C ALA B 109 -4.97 45.48 -2.36
N ALA B 110 -3.87 45.91 -1.73
CA ALA B 110 -3.91 46.07 -0.25
C ALA B 110 -5.06 47.00 0.23
N ALA B 111 -5.24 48.13 -0.46
CA ALA B 111 -6.20 49.12 -0.03
C ALA B 111 -7.58 48.51 -0.22
N GLU B 112 -7.73 47.74 -1.30
CA GLU B 112 -9.01 47.09 -1.59
C GLU B 112 -9.35 45.94 -0.60
N ILE B 113 -8.34 45.21 -0.13
CA ILE B 113 -8.57 44.20 0.93
C ILE B 113 -8.98 44.86 2.27
N LYS B 114 -8.34 45.97 2.61
CA LYS B 114 -8.81 46.80 3.76
C LYS B 114 -10.28 47.17 3.64
N ASP B 115 -10.67 47.66 2.46
CA ASP B 115 -12.09 47.97 2.17
C ASP B 115 -13.04 46.77 2.21
N THR B 116 -12.52 45.59 1.82
CA THR B 116 -13.25 44.29 1.95
C THR B 116 -13.58 43.99 3.42
N ALA B 117 -12.62 44.20 4.33
CA ALA B 117 -12.95 44.15 5.79
C ALA B 117 -14.04 45.16 6.18
N ARG B 118 -13.88 46.41 5.78
CA ARG B 118 -14.88 47.43 6.09
C ARG B 118 -16.26 47.02 5.57
N ALA B 119 -16.31 46.56 4.31
CA ALA B 119 -17.59 46.11 3.71
C ALA B 119 -18.19 44.83 4.32
N ALA B 120 -17.36 43.87 4.74
CA ALA B 120 -17.79 42.72 5.55
C ALA B 120 -18.50 43.16 6.85
N ALA B 121 -17.87 44.08 7.56
CA ALA B 121 -18.49 44.67 8.72
C ALA B 121 -19.83 45.31 8.37
N ARG B 122 -19.93 46.05 7.25
CA ARG B 122 -21.22 46.67 6.87
C ARG B 122 -22.27 45.62 6.56
N LEU B 123 -21.86 44.53 5.91
CA LEU B 123 -22.77 43.42 5.63
C LEU B 123 -23.19 42.70 6.93
N GLY B 124 -22.32 42.72 7.92
CA GLY B 124 -22.57 42.06 9.19
C GLY B 124 -21.93 40.68 9.28
N VAL B 125 -20.95 40.40 8.43
CA VAL B 125 -20.25 39.09 8.48
C VAL B 125 -18.89 39.25 9.16
N ASP B 126 -18.40 38.21 9.81
CA ASP B 126 -17.13 38.35 10.54
C ASP B 126 -15.95 37.67 9.92
N THR B 127 -16.11 37.15 8.71
CA THR B 127 -14.99 36.51 8.04
C THR B 127 -14.91 36.92 6.58
N VAL B 128 -13.70 37.20 6.12
CA VAL B 128 -13.36 37.36 4.71
C VAL B 128 -12.37 36.27 4.36
N ILE B 129 -12.72 35.41 3.38
CA ILE B 129 -11.80 34.44 2.75
C ILE B 129 -10.94 35.13 1.68
N GLY B 130 -9.66 34.79 1.62
CA GLY B 130 -8.85 35.32 0.55
C GLY B 130 -7.56 34.62 0.31
N PHE B 131 -6.75 35.22 -0.54
CA PHE B 131 -5.40 34.80 -0.82
C PHE B 131 -4.52 36.04 -0.47
N THR B 132 -3.22 35.85 -0.44
CA THR B 132 -2.23 36.88 -0.12
C THR B 132 -1.25 37.15 -1.32
N GLY B 133 -1.15 36.18 -2.26
CA GLY B 133 -0.04 36.16 -3.18
C GLY B 133 1.24 35.79 -2.44
N SER B 134 2.37 35.93 -3.13
CA SER B 134 3.65 35.57 -2.52
C SER B 134 4.79 36.10 -3.36
N ALA B 135 5.79 36.71 -2.70
CA ALA B 135 7.00 37.21 -3.38
C ALA B 135 7.94 36.09 -3.73
N ILE B 136 7.69 34.93 -3.13
CA ILE B 136 8.64 33.80 -3.31
C ILE B 136 8.08 32.49 -3.95
N TRP B 137 6.78 32.42 -4.16
CA TRP B 137 6.19 31.22 -4.77
C TRP B 137 7.03 30.77 -5.96
N HIS B 138 7.37 31.73 -6.84
CA HIS B 138 8.06 31.36 -8.11
C HIS B 138 9.41 30.68 -7.87
N LEU B 139 9.87 30.66 -6.60
CA LEU B 139 11.16 30.09 -6.23
C LEU B 139 11.03 28.64 -5.72
N VAL B 140 9.80 28.12 -5.75
CA VAL B 140 9.48 26.80 -5.17
C VAL B 140 10.42 25.65 -5.62
N ALA B 141 10.80 25.62 -6.90
CA ALA B 141 11.72 24.56 -7.38
C ALA B 141 13.18 24.70 -6.98
N MSE B 142 13.61 25.85 -6.50
CA MSE B 142 14.95 25.89 -5.93
C MSE B 142 16.09 25.64 -6.94
O MSE B 142 17.22 25.41 -6.54
CB MSE B 142 15.05 24.90 -4.76
CG MSE B 142 13.98 25.21 -3.65
SE MSE B 142 14.75 24.86 -1.88
CE MSE B 142 14.99 26.77 -1.25
N PHE B 143 15.78 25.71 -8.24
CA PHE B 143 16.85 25.95 -9.23
C PHE B 143 16.42 27.00 -10.25
N PRO B 144 17.25 28.04 -10.50
CA PRO B 144 18.58 28.28 -9.89
C PRO B 144 18.47 28.60 -8.38
N PRO B 145 19.48 28.23 -7.59
CA PRO B 145 19.40 28.48 -6.14
C PRO B 145 19.10 29.96 -5.77
N ALA B 146 18.29 30.13 -4.72
CA ALA B 146 17.97 31.44 -4.11
C ALA B 146 18.53 31.39 -2.70
N PRO B 147 19.32 32.43 -2.30
CA PRO B 147 19.81 32.35 -0.90
C PRO B 147 18.66 32.31 0.10
N GLU B 148 18.91 31.67 1.25
CA GLU B 148 17.96 31.63 2.35
C GLU B 148 17.41 33.03 2.78
N SER B 149 18.27 34.04 2.71
CA SER B 149 17.85 35.42 2.95
C SER B 149 16.75 35.94 2.00
N MSE B 150 16.79 35.56 0.72
CA MSE B 150 15.68 35.80 -0.22
C MSE B 150 14.35 35.14 0.28
O MSE B 150 13.30 35.77 0.27
CB MSE B 150 16.06 35.34 -1.65
CG MSE B 150 15.30 36.01 -2.84
SE MSE B 150 15.58 35.41 -4.81
CE MSE B 150 17.53 35.08 -4.73
N ILE B 151 14.40 33.88 0.74
CA ILE B 151 13.20 33.22 1.27
C ILE B 151 12.62 34.00 2.46
N GLU B 152 13.49 34.33 3.42
CA GLU B 152 13.11 35.09 4.61
C GLU B 152 12.48 36.44 4.24
N ARG B 153 13.08 37.12 3.26
CA ARG B 153 12.52 38.37 2.76
C ARG B 153 11.10 38.19 2.22
N GLY B 154 10.80 37.07 1.57
CA GLY B 154 9.44 36.78 1.11
C GLY B 154 8.45 36.73 2.25
N TYR B 155 8.79 36.06 3.34
CA TYR B 155 7.90 36.08 4.53
C TYR B 155 7.80 37.45 5.21
N GLN B 156 8.89 38.22 5.19
CA GLN B 156 8.88 39.57 5.77
C GLN B 156 8.02 40.48 4.92
N ASP B 157 8.14 40.37 3.58
CA ASP B 157 7.29 41.09 2.62
C ASP B 157 5.78 40.90 2.90
N PHE B 158 5.39 39.65 3.16
CA PHE B 158 4.03 39.28 3.49
C PHE B 158 3.57 39.97 4.78
N ALA B 159 4.42 39.92 5.81
CA ALA B 159 4.12 40.57 7.08
C ALA B 159 4.02 42.10 6.87
N ASP B 160 5.00 42.69 6.20
CA ASP B 160 4.96 44.12 5.96
C ASP B 160 3.72 44.66 5.26
N ARG B 161 3.24 43.92 4.25
CA ARG B 161 2.06 44.32 3.48
C ARG B 161 0.79 43.97 4.20
N TRP B 162 0.75 42.81 4.83
CA TRP B 162 -0.51 42.30 5.48
C TRP B 162 -0.76 42.78 6.89
N ASN B 163 0.29 43.01 7.67
CA ASN B 163 0.09 43.62 9.00
C ASN B 163 -0.87 44.86 9.00
N PRO B 164 -0.55 45.86 8.18
CA PRO B 164 -1.46 47.01 8.06
C PRO B 164 -2.84 46.67 7.54
N ILE B 165 -2.93 45.70 6.65
CA ILE B 165 -4.24 45.20 6.24
C ILE B 165 -5.00 44.64 7.46
N LEU B 166 -4.30 43.79 8.23
CA LEU B 166 -4.93 43.11 9.34
C LEU B 166 -5.35 44.10 10.47
N ASP B 167 -4.71 45.28 10.55
CA ASP B 167 -5.05 46.24 11.61
C ASP B 167 -6.40 46.77 11.32
N VAL B 168 -6.75 46.83 10.04
CA VAL B 168 -8.07 47.27 9.62
C VAL B 168 -9.13 46.22 9.91
N PHE B 169 -8.80 44.94 9.70
CA PHE B 169 -9.64 43.82 10.11
C PHE B 169 -9.94 43.93 11.62
N ASP B 170 -8.89 44.07 12.43
CA ASP B 170 -9.07 44.26 13.86
C ASP B 170 -9.99 45.46 14.23
N ALA B 171 -9.79 46.61 13.59
CA ALA B 171 -10.64 47.76 13.84
C ALA B 171 -12.10 47.51 13.49
N GLU B 172 -12.35 46.66 12.49
CA GLU B 172 -13.73 46.39 12.04
C GLU B 172 -14.33 45.22 12.76
N GLY B 173 -13.52 44.51 13.58
CA GLY B 173 -14.04 43.30 14.24
C GLY B 173 -14.25 42.15 13.26
N VAL B 174 -13.40 42.06 12.22
CA VAL B 174 -13.56 41.01 11.22
C VAL B 174 -12.29 40.20 11.20
N ARG B 175 -12.38 38.92 10.83
CA ARG B 175 -11.15 38.14 10.61
C ARG B 175 -10.92 37.71 9.15
N PHE B 176 -9.63 37.49 8.84
CA PHE B 176 -9.17 37.06 7.53
C PHE B 176 -8.91 35.54 7.57
N ALA B 177 -9.44 34.83 6.56
CA ALA B 177 -9.26 33.38 6.47
C ALA B 177 -8.49 33.13 5.19
N HIS B 178 -7.18 33.02 5.35
CA HIS B 178 -6.30 32.79 4.24
C HIS B 178 -6.47 31.37 3.76
N GLU B 179 -6.68 31.20 2.46
CA GLU B 179 -6.82 29.87 1.91
C GLU B 179 -5.46 29.27 1.54
N VAL B 180 -4.96 28.37 2.40
CA VAL B 180 -3.72 27.63 2.14
C VAL B 180 -3.88 26.84 0.82
N HIS B 181 -2.94 27.04 -0.08
CA HIS B 181 -3.17 26.86 -1.49
C HIS B 181 -1.86 27.17 -2.23
N PRO B 182 -1.51 26.39 -3.29
CA PRO B 182 -0.37 26.77 -4.14
C PRO B 182 -0.49 28.20 -4.63
N SER B 183 0.68 28.83 -4.76
CA SER B 183 0.88 30.15 -5.26
C SER B 183 0.75 31.23 -4.19
N GLU B 184 0.55 30.80 -2.93
CA GLU B 184 0.39 31.67 -1.74
C GLU B 184 1.62 31.55 -0.86
N ILE B 185 1.72 32.45 0.10
CA ILE B 185 2.84 32.47 1.01
C ILE B 185 2.72 31.24 1.97
N ALA B 186 1.49 30.85 2.29
CA ALA B 186 1.17 29.61 3.02
C ALA B 186 0.48 28.65 2.06
N TYR B 187 1.19 27.65 1.55
CA TYR B 187 0.56 26.69 0.62
C TYR B 187 0.55 25.21 1.08
N ASP B 188 1.21 25.00 2.22
CA ASP B 188 1.71 23.78 2.87
C ASP B 188 1.33 23.79 4.36
N TYR B 189 1.59 22.66 5.02
CA TYR B 189 1.66 22.59 6.46
C TYR B 189 2.78 23.50 7.07
N TRP B 190 4.02 23.37 6.56
CA TRP B 190 5.17 24.04 7.11
C TRP B 190 5.28 25.53 6.80
N THR B 191 4.89 25.90 5.59
CA THR B 191 4.76 27.31 5.19
C THR B 191 3.56 27.99 5.89
N THR B 192 2.52 27.22 6.26
CA THR B 192 1.48 27.75 7.16
C THR B 192 2.07 28.14 8.53
N HIS B 193 2.77 27.22 9.22
CA HIS B 193 3.52 27.59 10.44
C HIS B 193 4.35 28.85 10.26
N ARG B 194 5.17 28.87 9.23
CA ARG B 194 6.05 29.97 8.96
C ARG B 194 5.33 31.30 8.66
N ALA B 195 4.22 31.27 7.92
CA ALA B 195 3.43 32.50 7.67
C ALA B 195 2.78 32.98 8.96
N LEU B 196 2.25 32.06 9.74
CA LEU B 196 1.64 32.45 10.99
C LEU B 196 2.68 33.11 11.90
N GLU B 197 3.87 32.53 12.02
CA GLU B 197 4.96 33.16 12.81
C GLU B 197 5.27 34.58 12.33
N ALA B 198 5.31 34.76 11.01
CA ALA B 198 5.65 36.01 10.35
C ALA B 198 4.79 37.16 10.81
N VAL B 199 3.53 36.89 11.13
CA VAL B 199 2.58 37.88 11.63
C VAL B 199 2.37 37.71 13.15
N GLY B 200 3.27 36.99 13.82
CA GLY B 200 3.24 36.87 15.30
C GLY B 200 2.04 36.12 15.85
N HIS B 201 1.44 35.24 15.02
CA HIS B 201 0.23 34.48 15.37
C HIS B 201 -0.94 35.37 15.77
N ARG B 202 -0.98 36.58 15.22
CA ARG B 202 -2.02 37.55 15.53
C ARG B 202 -3.41 36.98 15.13
N PRO B 203 -4.44 37.19 15.97
CA PRO B 203 -5.71 36.52 15.68
C PRO B 203 -6.47 36.97 14.43
N ALA B 204 -6.18 38.16 13.89
CA ALA B 204 -6.88 38.60 12.70
C ALA B 204 -6.56 37.66 11.53
N PHE B 205 -5.38 37.07 11.55
CA PHE B 205 -4.92 36.27 10.42
C PHE B 205 -5.14 34.79 10.71
N GLY B 206 -6.23 34.25 10.20
CA GLY B 206 -6.50 32.83 10.35
C GLY B 206 -6.56 32.16 9.01
N LEU B 207 -7.33 31.07 8.92
CA LEU B 207 -7.20 30.14 7.82
C LEU B 207 -8.54 29.69 7.25
N ASN B 208 -8.61 29.61 5.92
CA ASN B 208 -9.72 28.95 5.31
C ASN B 208 -9.25 27.57 4.93
N PHE B 209 -9.83 26.56 5.56
CA PHE B 209 -9.50 25.15 5.26
C PHE B 209 -10.18 24.65 3.99
N ASP B 210 -9.36 24.28 3.02
CA ASP B 210 -9.84 23.63 1.81
C ASP B 210 -8.93 22.41 1.54
N PRO B 211 -9.50 21.20 1.65
CA PRO B 211 -8.69 19.98 1.57
C PRO B 211 -8.14 19.61 0.17
N SER B 212 -8.58 20.28 -0.88
CA SER B 212 -8.34 19.74 -2.22
C SER B 212 -6.85 19.71 -2.59
N HIS B 213 -6.14 20.77 -2.27
CA HIS B 213 -4.71 20.84 -2.55
C HIS B 213 -3.84 20.01 -1.63
N PHE B 214 -4.39 19.59 -0.50
CA PHE B 214 -3.71 18.59 0.37
C PHE B 214 -3.47 17.24 -0.32
N VAL B 215 -4.34 16.88 -1.27
CA VAL B 215 -4.31 15.57 -1.90
C VAL B 215 -3.02 15.35 -2.70
N TRP B 216 -2.76 16.21 -3.67
CA TRP B 216 -1.58 16.06 -4.50
C TRP B 216 -0.24 16.30 -3.78
N GLN B 217 -0.27 17.11 -2.73
CA GLN B 217 0.94 17.43 -1.96
C GLN B 217 1.19 16.36 -0.87
N ASP B 218 0.20 15.45 -0.67
CA ASP B 218 0.28 14.36 0.33
C ASP B 218 0.30 14.89 1.76
N LEU B 219 -0.40 15.98 1.98
CA LEU B 219 -0.58 16.55 3.31
C LEU B 219 -1.81 15.90 3.95
N ASP B 220 -1.67 15.62 5.25
CA ASP B 220 -2.75 15.13 6.06
C ASP B 220 -3.66 16.29 6.42
N PRO B 221 -4.89 16.32 5.85
CA PRO B 221 -5.82 17.43 6.13
C PRO B 221 -6.35 17.43 7.55
N VAL B 222 -6.38 16.24 8.15
CA VAL B 222 -6.88 16.03 9.50
C VAL B 222 -5.91 16.50 10.57
N GLY B 223 -4.64 16.09 10.47
CA GLY B 223 -3.58 16.69 11.30
C GLY B 223 -3.43 18.22 11.22
N PHE B 224 -3.59 18.76 10.03
CA PHE B 224 -3.61 20.22 9.83
C PHE B 224 -4.68 20.92 10.68
N LEU B 225 -5.92 20.42 10.59
CA LEU B 225 -7.05 20.93 11.35
C LEU B 225 -6.71 20.90 12.83
N TRP B 226 -6.15 19.77 13.30
CA TRP B 226 -5.78 19.59 14.68
C TRP B 226 -4.67 20.60 15.06
N ASP B 227 -3.58 20.65 14.30
CA ASP B 227 -2.45 21.49 14.76
C ASP B 227 -2.73 23.00 14.63
N PHE B 228 -3.60 23.39 13.68
CA PHE B 228 -3.99 24.80 13.50
C PHE B 228 -5.41 25.11 13.95
N ARG B 229 -5.90 24.33 14.93
CA ARG B 229 -7.28 24.36 15.41
C ARG B 229 -7.77 25.74 15.88
N ASP B 230 -6.87 26.52 16.48
CA ASP B 230 -7.22 27.87 16.92
C ASP B 230 -7.32 28.93 15.78
N ARG B 231 -6.99 28.51 14.57
CA ARG B 231 -6.96 29.40 13.43
C ARG B 231 -7.78 28.89 12.26
N ILE B 232 -8.61 27.84 12.47
CA ILE B 232 -9.54 27.47 11.40
C ILE B 232 -10.80 28.33 11.36
N TYR B 233 -10.78 29.31 10.46
CA TYR B 233 -11.84 30.34 10.45
C TYR B 233 -12.94 30.04 9.48
N HIS B 234 -12.67 29.12 8.54
CA HIS B 234 -13.68 28.82 7.54
C HIS B 234 -13.28 27.52 6.82
N VAL B 235 -14.25 26.88 6.18
CA VAL B 235 -14.12 25.56 5.56
C VAL B 235 -14.79 25.66 4.21
N ASP B 236 -14.03 25.31 3.16
CA ASP B 236 -14.56 25.13 1.83
C ASP B 236 -14.28 23.71 1.40
N CYS B 237 -15.35 22.95 1.20
CA CYS B 237 -15.23 21.55 0.85
C CYS B 237 -15.02 21.50 -0.66
N LYS B 238 -13.81 21.30 -1.08
CA LYS B 238 -13.55 21.17 -2.48
C LYS B 238 -12.79 19.85 -2.63
N GLU B 239 -13.20 19.05 -3.62
CA GLU B 239 -12.71 17.69 -3.77
C GLU B 239 -11.67 17.61 -4.89
N ALA B 240 -10.73 16.67 -4.78
CA ALA B 240 -9.74 16.43 -5.80
C ALA B 240 -9.43 14.93 -5.91
N ARG B 241 -9.03 14.48 -7.09
CA ARG B 241 -8.76 13.08 -7.35
C ARG B 241 -7.41 12.94 -8.07
N LYS B 242 -6.60 12.00 -7.58
CA LYS B 242 -5.36 11.61 -8.22
C LYS B 242 -5.57 10.54 -9.30
N ARG B 243 -4.78 10.60 -10.36
CA ARG B 243 -4.63 9.48 -11.26
C ARG B 243 -3.15 9.41 -11.66
N LEU B 244 -2.40 8.67 -10.90
CA LEU B 244 -0.96 8.69 -11.07
C LEU B 244 -0.55 7.31 -11.62
N ASP B 245 -0.53 7.19 -12.95
CA ASP B 245 -0.31 5.89 -13.65
C ASP B 245 1.17 5.69 -14.07
N GLY B 246 2.07 6.56 -13.63
CA GLY B 246 3.49 6.47 -14.02
C GLY B 246 3.86 7.47 -15.11
N ARG B 247 2.87 7.88 -15.91
CA ARG B 247 3.08 8.88 -16.94
C ARG B 247 2.58 10.25 -16.47
N ASN B 248 1.35 10.33 -15.97
CA ASN B 248 0.84 11.58 -15.35
C ASN B 248 1.69 11.93 -14.14
N GLY B 249 1.88 13.22 -13.89
CA GLY B 249 2.78 13.65 -12.82
C GLY B 249 2.04 14.46 -11.80
N ARG B 250 2.57 14.47 -10.59
CA ARG B 250 2.07 15.27 -9.45
C ARG B 250 1.81 16.77 -9.77
N LEU B 251 2.58 17.34 -10.71
CA LEU B 251 2.49 18.75 -11.06
C LEU B 251 1.34 19.09 -12.06
N GLY B 252 0.88 18.10 -12.84
CA GLY B 252 -0.19 18.31 -13.80
C GLY B 252 0.25 18.77 -15.19
N SER B 253 1.58 18.94 -15.40
CA SER B 253 2.25 19.15 -16.73
C SER B 253 1.75 20.39 -17.46
N HIS B 254 1.33 21.40 -16.70
CA HIS B 254 0.74 22.60 -17.30
C HIS B 254 -0.46 22.26 -18.20
N LEU B 255 -1.21 21.20 -17.88
CA LEU B 255 -2.27 20.73 -18.78
C LEU B 255 -3.59 21.25 -18.26
N PRO B 256 -4.53 21.59 -19.16
CA PRO B 256 -5.74 22.21 -18.60
C PRO B 256 -6.56 21.24 -17.78
N TRP B 257 -7.42 21.78 -16.92
CA TRP B 257 -8.35 20.96 -16.15
C TRP B 257 -9.19 20.07 -17.07
N GLY B 258 -9.41 18.82 -16.63
CA GLY B 258 -10.18 17.85 -17.45
C GLY B 258 -9.32 16.96 -18.36
N ASP B 259 -8.11 17.38 -18.67
CA ASP B 259 -7.19 16.55 -19.45
C ASP B 259 -6.79 15.27 -18.67
N PRO B 260 -7.00 14.09 -19.26
CA PRO B 260 -6.71 12.86 -18.50
C PRO B 260 -5.19 12.57 -18.20
N ARG B 261 -4.31 13.39 -18.74
CA ARG B 261 -2.88 13.23 -18.58
C ARG B 261 -2.31 14.04 -17.38
N ARG B 262 -3.19 14.78 -16.70
CA ARG B 262 -2.89 15.37 -15.39
C ARG B 262 -2.83 14.31 -14.28
N GLY B 263 -1.91 14.48 -13.34
CA GLY B 263 -1.75 13.52 -12.26
C GLY B 263 -2.81 13.70 -11.21
N TRP B 264 -3.49 14.84 -11.22
CA TRP B 264 -4.62 15.08 -10.30
C TRP B 264 -5.54 16.12 -10.97
N ASP B 265 -6.78 16.22 -10.52
CA ASP B 265 -7.73 17.18 -11.01
C ASP B 265 -8.79 17.39 -9.92
N PHE B 266 -9.53 18.49 -10.05
CA PHE B 266 -10.71 18.76 -9.22
C PHE B 266 -11.89 17.96 -9.73
N VAL B 267 -12.64 17.35 -8.81
CA VAL B 267 -13.84 16.55 -9.14
C VAL B 267 -14.87 16.92 -8.09
N SER B 268 -16.13 16.64 -8.40
CA SER B 268 -17.23 16.86 -7.47
C SER B 268 -17.11 15.96 -6.20
N ALA B 269 -17.54 16.49 -5.05
CA ALA B 269 -17.43 15.87 -3.72
C ALA B 269 -17.93 14.42 -3.76
N GLY B 270 -17.11 13.52 -3.23
CA GLY B 270 -17.47 12.12 -3.21
C GLY B 270 -16.83 11.38 -4.38
N HIS B 271 -16.42 12.11 -5.42
CA HIS B 271 -15.75 11.49 -6.58
C HIS B 271 -14.23 11.43 -6.54
N GLY B 272 -13.63 11.99 -5.48
CA GLY B 272 -12.18 12.02 -5.35
C GLY B 272 -11.61 11.28 -4.16
N ASP B 273 -10.56 11.87 -3.58
CA ASP B 273 -9.71 11.23 -2.56
C ASP B 273 -9.78 11.89 -1.17
N VAL B 274 -10.45 13.03 -1.05
CA VAL B 274 -10.51 13.69 0.26
C VAL B 274 -11.15 12.78 1.33
N PRO B 275 -10.44 12.62 2.47
CA PRO B 275 -11.02 11.79 3.49
C PRO B 275 -12.12 12.48 4.29
N TRP B 276 -13.29 12.71 3.67
CA TRP B 276 -14.42 13.41 4.35
C TRP B 276 -14.82 12.87 5.71
N GLU B 277 -14.81 11.54 5.88
CA GLU B 277 -15.19 10.94 7.14
C GLU B 277 -14.39 11.52 8.32
N ASP B 278 -13.07 11.54 8.14
CA ASP B 278 -12.15 12.04 9.14
C ASP B 278 -12.18 13.54 9.24
N VAL B 279 -12.34 14.23 8.09
CA VAL B 279 -12.46 15.68 8.08
C VAL B 279 -13.64 16.14 8.91
N PHE B 280 -14.82 15.59 8.66
CA PHE B 280 -15.99 16.05 9.43
C PHE B 280 -15.94 15.74 10.90
N ARG B 281 -15.36 14.58 11.25
CA ARG B 281 -15.26 14.19 12.67
C ARG B 281 -14.34 15.15 13.40
N MSE B 282 -13.27 15.52 12.71
CA MSE B 282 -12.33 16.46 13.24
C MSE B 282 -12.82 17.92 13.39
O MSE B 282 -12.49 18.61 14.36
CB MSE B 282 -11.00 16.39 12.47
CG MSE B 282 -10.00 17.34 13.02
SE MSE B 282 -9.25 16.84 14.76
CE MSE B 282 -9.93 18.15 16.00
N LEU B 283 -13.57 18.41 12.43
CA LEU B 283 -14.24 19.72 12.64
C LEU B 283 -15.02 19.71 13.96
N ARG B 284 -15.70 18.62 14.22
CA ARG B 284 -16.41 18.49 15.49
C ARG B 284 -15.43 18.39 16.70
N SER B 285 -14.38 17.57 16.60
CA SER B 285 -13.34 17.52 17.68
C SER B 285 -12.68 18.87 18.03
N ILE B 286 -12.45 19.73 17.03
CA ILE B 286 -11.83 21.05 17.24
C ILE B 286 -12.87 22.16 17.48
N ASP B 287 -14.15 21.79 17.50
CA ASP B 287 -15.25 22.70 17.78
C ASP B 287 -15.43 23.82 16.75
N TYR B 288 -15.28 23.47 15.47
CA TYR B 288 -15.50 24.41 14.41
C TYR B 288 -16.98 24.69 14.32
N GLN B 289 -17.40 25.93 14.54
CA GLN B 289 -18.82 26.25 14.54
C GLN B 289 -19.31 27.08 13.33
N GLY B 290 -18.44 27.29 12.34
CA GLY B 290 -18.77 28.08 11.17
C GLY B 290 -19.60 27.28 10.18
N PRO B 291 -19.91 27.86 9.01
CA PRO B 291 -20.58 27.06 8.00
C PRO B 291 -19.60 26.16 7.25
N VAL B 292 -20.17 25.15 6.61
CA VAL B 292 -19.44 24.30 5.70
C VAL B 292 -19.84 24.74 4.28
N SER B 293 -18.90 25.40 3.61
CA SER B 293 -19.12 25.91 2.28
C SER B 293 -18.68 24.85 1.27
N VAL B 294 -19.23 24.93 0.05
CA VAL B 294 -18.90 24.03 -1.04
C VAL B 294 -18.35 24.87 -2.18
N GLU B 295 -17.13 24.59 -2.59
CA GLU B 295 -16.63 25.21 -3.78
C GLU B 295 -16.67 24.15 -4.87
N TRP B 296 -17.61 24.34 -5.79
CA TRP B 296 -17.91 23.35 -6.82
C TRP B 296 -17.04 23.51 -8.08
N GLU B 297 -16.31 22.47 -8.42
CA GLU B 297 -15.48 22.47 -9.62
C GLU B 297 -15.25 21.03 -10.08
N ASP B 298 -15.40 20.82 -11.39
CA ASP B 298 -15.24 19.47 -11.98
C ASP B 298 -15.36 19.68 -13.46
N ALA B 299 -14.22 19.74 -14.15
CA ALA B 299 -14.24 19.96 -15.60
C ALA B 299 -14.89 18.78 -16.32
N GLY B 300 -15.08 17.66 -15.64
CA GLY B 300 -15.75 16.49 -16.26
C GLY B 300 -17.26 16.42 -16.07
N MSE B 301 -17.84 17.47 -15.50
CA MSE B 301 -19.19 17.43 -15.05
C MSE B 301 -19.86 18.80 -15.25
O MSE B 301 -19.17 19.82 -15.44
CB MSE B 301 -19.21 16.96 -13.60
CG MSE B 301 -20.53 16.55 -13.11
SE MSE B 301 -20.44 15.73 -11.30
CE MSE B 301 -18.97 14.62 -11.45
N ASP B 302 -21.17 18.80 -15.28
CA ASP B 302 -21.98 20.02 -15.39
C ASP B 302 -22.38 20.48 -13.97
N ARG B 303 -22.11 21.76 -13.67
CA ARG B 303 -22.29 22.33 -12.34
C ARG B 303 -23.73 22.24 -11.85
N LEU B 304 -24.68 22.22 -12.78
CA LEU B 304 -26.11 22.13 -12.44
C LEU B 304 -26.49 20.78 -11.86
N GLN B 305 -25.76 19.73 -12.23
CA GLN B 305 -25.96 18.42 -11.65
C GLN B 305 -24.99 18.18 -10.46
N GLY B 306 -23.77 18.70 -10.56
CA GLY B 306 -22.75 18.42 -9.56
C GLY B 306 -22.97 19.21 -8.27
N ALA B 307 -23.46 20.45 -8.36
CA ALA B 307 -23.59 21.28 -7.12
C ALA B 307 -24.59 20.70 -6.13
N PRO B 308 -25.82 20.34 -6.58
CA PRO B 308 -26.71 19.68 -5.59
C PRO B 308 -26.21 18.30 -5.14
N GLU B 309 -25.58 17.55 -6.05
CA GLU B 309 -25.11 16.23 -5.71
C GLU B 309 -23.98 16.33 -4.69
N ALA B 310 -23.08 17.29 -4.86
CA ALA B 310 -21.96 17.45 -3.94
C ALA B 310 -22.47 17.74 -2.55
N LEU B 311 -23.53 18.49 -2.43
CA LEU B 311 -24.11 18.76 -1.12
C LEU B 311 -24.76 17.50 -0.48
N THR B 312 -25.48 16.73 -1.30
CA THR B 312 -26.02 15.46 -0.84
C THR B 312 -24.91 14.52 -0.32
N ARG B 313 -23.85 14.35 -1.08
CA ARG B 313 -22.71 13.54 -0.62
C ARG B 313 -22.09 14.07 0.68
N LEU B 314 -21.82 15.36 0.74
CA LEU B 314 -21.14 15.92 1.91
C LEU B 314 -22.01 15.78 3.19
N LYS B 315 -23.33 15.85 3.00
CA LYS B 315 -24.25 15.78 4.12
C LYS B 315 -24.28 14.40 4.75
N ALA B 316 -23.92 13.38 3.97
CA ALA B 316 -23.80 12.04 4.53
C ALA B 316 -22.70 11.92 5.66
N PHE B 317 -21.83 12.93 5.76
CA PHE B 317 -20.75 13.00 6.78
C PHE B 317 -21.08 14.02 7.89
N ASP B 318 -22.21 14.68 7.77
CA ASP B 318 -22.67 15.61 8.78
C ASP B 318 -23.57 14.86 9.79
N PHE B 319 -23.05 14.55 10.98
CA PHE B 319 -23.80 13.74 11.95
C PHE B 319 -24.32 14.64 13.04
N GLU B 320 -25.53 14.37 13.53
CA GLU B 320 -25.98 14.99 14.78
C GLU B 320 -25.00 14.64 15.89
N PRO B 321 -24.65 15.62 16.72
CA PRO B 321 -23.80 15.22 17.86
C PRO B 321 -24.53 14.23 18.83
N PRO B 322 -23.76 13.42 19.59
CA PRO B 322 -24.46 12.53 20.52
C PRO B 322 -25.27 13.36 21.51
N SER B 323 -26.34 12.76 22.03
CA SER B 323 -27.18 13.42 23.06
C SER B 323 -26.59 13.29 24.48
N PRO C 2 25.97 -23.03 7.50
CA PRO C 2 25.57 -24.25 8.16
C PRO C 2 24.33 -25.03 7.75
N ARG C 3 23.46 -24.48 6.90
CA ARG C 3 22.67 -25.40 6.09
C ARG C 3 23.60 -25.85 4.97
N ASN C 4 23.32 -26.99 4.35
CA ASN C 4 23.98 -27.35 3.10
C ASN C 4 23.33 -26.72 1.89
N PHE C 5 24.12 -26.05 1.07
CA PHE C 5 23.63 -25.45 -0.15
C PHE C 5 24.09 -26.20 -1.41
N THR C 6 23.16 -26.32 -2.35
CA THR C 6 23.25 -27.23 -3.49
C THR C 6 22.95 -26.36 -4.70
N LEU C 7 23.57 -26.68 -5.83
CA LEU C 7 23.22 -26.04 -7.08
C LEU C 7 22.41 -27.07 -7.91
N PHE C 8 21.21 -26.64 -8.36
CA PHE C 8 20.44 -27.39 -9.33
C PHE C 8 21.12 -27.34 -10.70
N THR C 9 21.23 -28.51 -11.30
CA THR C 9 22.15 -28.76 -12.39
C THR C 9 21.45 -28.59 -13.75
N GLY C 10 20.11 -28.55 -13.73
CA GLY C 10 19.25 -28.38 -14.91
C GLY C 10 19.53 -27.21 -15.85
N GLN C 11 19.68 -25.99 -15.31
CA GLN C 11 20.22 -24.86 -16.11
C GLN C 11 21.63 -25.01 -16.69
N TRP C 12 22.34 -26.07 -16.31
CA TRP C 12 23.75 -26.30 -16.68
C TRP C 12 23.91 -27.58 -17.53
N ALA C 13 22.78 -28.12 -18.00
CA ALA C 13 22.77 -29.42 -18.65
C ALA C 13 23.41 -29.41 -20.06
N ASP C 14 23.58 -28.20 -20.63
CA ASP C 14 24.46 -27.98 -21.79
C ASP C 14 25.95 -28.28 -21.47
N LEU C 15 26.31 -28.37 -20.19
CA LEU C 15 27.70 -28.66 -19.80
C LEU C 15 27.90 -30.09 -19.33
N PRO C 16 29.10 -30.66 -19.60
CA PRO C 16 29.42 -31.95 -19.00
C PRO C 16 29.38 -31.85 -17.45
N LEU C 17 28.89 -32.89 -16.77
CA LEU C 17 28.84 -32.89 -15.31
C LEU C 17 30.13 -32.42 -14.62
N GLU C 18 31.29 -32.91 -15.08
CA GLU C 18 32.57 -32.51 -14.48
C GLU C 18 32.82 -31.01 -14.51
N GLU C 19 32.46 -30.33 -15.60
CA GLU C 19 32.54 -28.85 -15.62
C GLU C 19 31.59 -28.23 -14.58
N VAL C 20 30.38 -28.79 -14.43
CA VAL C 20 29.43 -28.24 -13.46
C VAL C 20 29.98 -28.40 -12.04
N CYS C 21 30.70 -29.49 -11.83
CA CYS C 21 31.38 -29.77 -10.55
C CYS C 21 32.46 -28.77 -10.19
N ARG C 22 33.26 -28.43 -11.20
CA ARG C 22 34.32 -27.42 -11.04
C ARG C 22 33.72 -26.06 -10.69
N LEU C 23 32.76 -25.63 -11.51
CA LEU C 23 32.01 -24.40 -11.30
C LEU C 23 31.40 -24.28 -9.93
N ALA C 24 30.58 -25.28 -9.56
CA ALA C 24 29.92 -25.32 -8.25
C ALA C 24 30.91 -25.27 -7.09
N ARG C 25 31.98 -26.04 -7.18
CA ARG C 25 33.07 -25.86 -6.22
C ARG C 25 33.65 -24.42 -6.20
N ASP C 26 34.03 -23.88 -7.34
CA ASP C 26 34.50 -22.48 -7.44
C ASP C 26 33.46 -21.53 -6.80
N PHE C 27 32.16 -21.79 -6.98
CA PHE C 27 31.08 -20.90 -6.49
C PHE C 27 30.84 -21.04 -4.99
N GLY C 28 31.34 -22.10 -4.37
CA GLY C 28 31.10 -22.29 -2.93
C GLY C 28 29.97 -23.24 -2.54
N TYR C 29 29.38 -23.92 -3.53
CA TYR C 29 28.26 -24.83 -3.21
C TYR C 29 28.78 -26.08 -2.50
N ASP C 30 27.94 -26.64 -1.63
CA ASP C 30 28.26 -27.83 -0.88
C ASP C 30 27.92 -29.08 -1.65
N GLY C 31 27.12 -28.91 -2.70
CA GLY C 31 26.61 -30.06 -3.44
C GLY C 31 25.83 -29.76 -4.68
N LEU C 32 25.30 -30.81 -5.29
CA LEU C 32 24.59 -30.66 -6.55
C LEU C 32 23.24 -31.34 -6.40
N GLU C 33 22.18 -30.70 -6.94
CA GLU C 33 20.92 -31.41 -7.19
C GLU C 33 20.97 -31.83 -8.66
N LEU C 34 21.16 -33.12 -8.94
CA LEU C 34 21.44 -33.62 -10.28
C LEU C 34 20.19 -33.75 -11.14
N ALA C 35 20.17 -33.02 -12.26
CA ALA C 35 19.16 -33.16 -13.27
C ALA C 35 19.32 -34.51 -13.97
N CYS C 36 18.20 -35.17 -14.25
CA CYS C 36 18.21 -36.45 -14.90
C CYS C 36 18.27 -36.25 -16.42
N TRP C 37 19.13 -35.36 -16.88
CA TRP C 37 19.27 -35.15 -18.32
C TRP C 37 20.66 -34.59 -18.57
N GLY C 38 20.98 -34.30 -19.85
CA GLY C 38 22.38 -34.13 -20.26
C GLY C 38 23.18 -35.39 -19.90
N ASP C 39 24.45 -35.23 -19.54
CA ASP C 39 25.20 -36.34 -18.97
C ASP C 39 25.24 -36.35 -17.44
N HIS C 40 24.32 -35.64 -16.78
CA HIS C 40 24.43 -35.44 -15.34
C HIS C 40 24.04 -36.65 -14.54
N PHE C 41 22.81 -37.12 -14.74
CA PHE C 41 22.41 -38.38 -14.18
C PHE C 41 21.51 -39.13 -15.17
N GLU C 42 22.05 -40.18 -15.75
CA GLU C 42 21.31 -40.93 -16.76
C GLU C 42 20.69 -42.16 -16.12
N VAL C 43 19.38 -42.11 -15.98
CA VAL C 43 18.64 -43.10 -15.18
C VAL C 43 18.79 -44.51 -15.81
N ASP C 44 18.75 -44.57 -17.14
CA ASP C 44 18.88 -45.86 -17.88
C ASP C 44 20.26 -46.50 -17.57
N LYS C 45 21.34 -45.73 -17.69
CA LYS C 45 22.68 -46.16 -17.30
C LYS C 45 22.82 -46.50 -15.79
N ALA C 46 22.22 -45.70 -14.88
CA ALA C 46 22.23 -46.03 -13.45
C ALA C 46 21.67 -47.43 -13.16
N LEU C 47 20.71 -47.84 -13.97
CA LEU C 47 20.10 -49.17 -13.82
C LEU C 47 20.80 -50.29 -14.64
N ALA C 48 21.27 -49.99 -15.85
CA ALA C 48 21.95 -50.98 -16.70
C ALA C 48 23.37 -51.31 -16.25
N ASP C 49 24.11 -50.28 -15.88
CA ASP C 49 25.52 -50.32 -15.54
C ASP C 49 25.78 -50.19 -14.05
N PRO C 50 26.24 -51.29 -13.41
CA PRO C 50 26.45 -51.38 -11.95
C PRO C 50 27.54 -50.41 -11.46
N SER C 51 28.48 -50.09 -12.36
CA SER C 51 29.51 -49.06 -12.18
C SER C 51 29.05 -47.61 -12.23
N TYR C 52 27.95 -47.33 -12.94
CA TYR C 52 27.60 -45.96 -13.31
C TYR C 52 27.38 -45.04 -12.09
N VAL C 53 26.72 -45.58 -11.08
CA VAL C 53 26.37 -44.84 -9.90
C VAL C 53 27.63 -44.53 -9.11
N ASP C 54 28.61 -45.41 -9.22
CA ASP C 54 29.91 -45.20 -8.60
C ASP C 54 30.73 -44.12 -9.29
N SER C 55 30.63 -44.03 -10.61
CA SER C 55 31.21 -42.93 -11.34
C SER C 55 30.63 -41.58 -10.86
N ARG C 56 29.37 -41.57 -10.44
CA ARG C 56 28.72 -40.32 -10.01
C ARG C 56 29.30 -39.85 -8.69
N HIS C 57 29.36 -40.75 -7.71
CA HIS C 57 30.01 -40.49 -6.45
C HIS C 57 31.48 -40.09 -6.58
N GLN C 58 32.24 -40.81 -7.39
CA GLN C 58 33.67 -40.54 -7.58
C GLN C 58 33.90 -39.12 -8.07
N LEU C 59 33.13 -38.73 -9.09
CA LEU C 59 33.16 -37.39 -9.65
C LEU C 59 32.80 -36.31 -8.65
N LEU C 60 31.66 -36.46 -7.96
CA LEU C 60 31.29 -35.51 -6.92
C LEU C 60 32.28 -35.43 -5.71
N ASP C 61 32.59 -36.60 -5.12
CA ASP C 61 33.63 -36.75 -4.10
C ASP C 61 34.94 -36.06 -4.50
N LYS C 62 35.32 -36.15 -5.78
CA LYS C 62 36.55 -35.56 -6.27
C LYS C 62 36.55 -34.03 -6.14
N TYR C 63 35.37 -33.42 -6.25
CA TYR C 63 35.27 -31.96 -6.12
C TYR C 63 34.80 -31.50 -4.77
N GLY C 64 34.78 -32.41 -3.79
CA GLY C 64 34.22 -32.11 -2.47
C GLY C 64 32.73 -31.85 -2.47
N LEU C 65 32.00 -32.35 -3.47
CA LEU C 65 30.54 -32.16 -3.54
C LEU C 65 29.70 -33.34 -3.08
N LYS C 66 28.55 -33.04 -2.46
CA LYS C 66 27.56 -34.04 -2.05
C LYS C 66 26.30 -34.00 -2.96
N CYS C 67 25.53 -35.07 -2.92
CA CYS C 67 24.24 -35.10 -3.58
C CYS C 67 23.19 -35.74 -2.67
N TRP C 68 22.15 -34.99 -2.35
CA TRP C 68 21.02 -35.47 -1.53
C TRP C 68 19.75 -35.73 -2.34
N ALA C 69 19.77 -35.36 -3.63
CA ALA C 69 18.60 -35.46 -4.46
C ALA C 69 18.89 -35.41 -5.95
N ILE C 70 18.03 -36.08 -6.71
CA ILE C 70 18.04 -35.99 -8.16
C ILE C 70 16.69 -35.46 -8.65
N SER C 71 16.68 -34.94 -9.88
CA SER C 71 15.50 -34.26 -10.41
C SER C 71 15.18 -34.70 -11.80
N ASN C 72 13.89 -35.00 -11.98
CA ASN C 72 13.38 -35.40 -13.31
C ASN C 72 12.08 -34.69 -13.71
N HIS C 73 12.12 -33.36 -13.68
CA HIS C 73 11.01 -32.54 -14.15
C HIS C 73 10.56 -32.91 -15.56
N LEU C 74 11.55 -33.11 -16.42
CA LEU C 74 11.33 -33.22 -17.87
C LEU C 74 10.47 -34.40 -18.25
N VAL C 75 10.76 -35.55 -17.64
CA VAL C 75 9.97 -36.74 -17.89
C VAL C 75 8.66 -36.77 -17.13
N GLY C 76 8.69 -36.27 -15.90
CA GLY C 76 7.50 -36.22 -15.05
C GLY C 76 6.36 -35.42 -15.66
N GLN C 77 6.68 -34.30 -16.31
CA GLN C 77 5.72 -33.52 -17.06
C GLN C 77 4.86 -34.34 -18.03
N ALA C 78 5.51 -35.27 -18.72
CA ALA C 78 4.81 -36.12 -19.70
C ALA C 78 3.90 -37.19 -19.11
N VAL C 79 3.90 -37.40 -17.79
CA VAL C 79 3.06 -38.45 -17.21
C VAL C 79 1.57 -38.13 -17.31
N CYS C 80 1.16 -36.94 -16.87
CA CYS C 80 -0.24 -36.55 -16.89
C CYS C 80 -0.66 -35.53 -17.96
N ASP C 81 0.26 -34.92 -18.70
CA ASP C 81 -0.20 -33.85 -19.60
C ASP C 81 -1.20 -34.37 -20.59
N ALA C 82 -2.28 -33.62 -20.81
CA ALA C 82 -3.34 -34.00 -21.75
C ALA C 82 -2.94 -33.74 -23.17
N ILE C 83 -2.06 -32.76 -23.39
CA ILE C 83 -1.71 -32.34 -24.71
C ILE C 83 -0.25 -32.67 -24.86
N ILE C 84 0.04 -33.76 -25.57
CA ILE C 84 1.40 -34.23 -25.70
C ILE C 84 1.80 -33.89 -27.12
N ASP C 85 2.83 -33.07 -27.27
CA ASP C 85 3.16 -32.48 -28.56
C ASP C 85 4.64 -32.21 -28.68
N GLU C 86 4.99 -31.33 -29.60
CA GLU C 86 6.38 -31.10 -29.91
C GLU C 86 7.15 -30.50 -28.75
N ARG C 87 6.47 -29.81 -27.84
CA ARG C 87 7.20 -29.28 -26.69
C ARG C 87 7.75 -30.45 -25.82
N HIS C 88 6.95 -31.49 -25.69
CA HIS C 88 7.38 -32.71 -24.99
C HIS C 88 8.50 -33.43 -25.72
N GLU C 89 8.38 -33.57 -27.03
CA GLU C 89 9.42 -34.18 -27.85
C GLU C 89 10.78 -33.51 -27.57
N ALA C 90 10.76 -32.19 -27.41
CA ALA C 90 12.00 -31.44 -27.23
C ALA C 90 12.69 -31.67 -25.88
N ILE C 91 11.92 -32.11 -24.87
CA ILE C 91 12.42 -32.30 -23.51
C ILE C 91 12.56 -33.78 -23.04
N LEU C 92 12.16 -34.71 -23.89
CA LEU C 92 12.16 -36.15 -23.55
C LEU C 92 13.28 -36.82 -24.32
N PRO C 93 13.87 -37.90 -23.75
CA PRO C 93 14.75 -38.75 -24.58
C PRO C 93 13.93 -39.37 -25.70
N ALA C 94 14.56 -39.62 -26.85
CA ALA C 94 13.92 -40.28 -27.98
C ALA C 94 13.24 -41.58 -27.62
N ARG C 95 13.87 -42.36 -26.74
CA ARG C 95 13.30 -43.63 -26.17
C ARG C 95 11.98 -43.45 -25.39
N ILE C 96 11.80 -42.28 -24.76
CA ILE C 96 10.50 -41.94 -24.14
C ILE C 96 9.47 -41.41 -25.16
N TRP C 97 9.92 -40.54 -26.05
CA TRP C 97 9.07 -40.05 -27.12
C TRP C 97 8.55 -41.24 -27.96
N GLY C 98 9.47 -42.12 -28.37
CA GLY C 98 9.04 -43.30 -29.14
C GLY C 98 8.31 -42.84 -30.41
N ASP C 99 7.11 -43.36 -30.66
CA ASP C 99 6.36 -42.94 -31.84
C ASP C 99 5.53 -41.64 -31.71
N GLY C 100 5.62 -41.00 -30.55
CA GLY C 100 4.92 -39.75 -30.37
C GLY C 100 3.45 -39.84 -30.03
N ASP C 101 2.95 -41.06 -29.89
CA ASP C 101 1.56 -41.27 -29.54
C ASP C 101 1.31 -40.84 -28.07
N ALA C 102 0.32 -39.98 -27.83
CA ALA C 102 0.19 -39.30 -26.53
C ALA C 102 0.15 -40.28 -25.38
N GLU C 103 -0.77 -41.25 -25.46
CA GLU C 103 -0.89 -42.28 -24.42
C GLU C 103 0.41 -43.13 -24.30
N GLY C 104 1.02 -43.52 -25.42
CA GLY C 104 2.32 -44.19 -25.43
C GLY C 104 3.36 -43.39 -24.63
N VAL C 105 3.49 -42.10 -24.94
CA VAL C 105 4.41 -41.24 -24.23
C VAL C 105 4.14 -41.16 -22.71
N ARG C 106 2.87 -41.05 -22.32
CA ARG C 106 2.50 -41.02 -20.88
C ARG C 106 2.88 -42.30 -20.15
N GLN C 107 2.68 -43.45 -20.80
CA GLN C 107 3.07 -44.74 -20.23
C GLN C 107 4.60 -44.90 -20.16
N ARG C 108 5.29 -44.48 -21.20
CA ARG C 108 6.74 -44.56 -21.19
C ARG C 108 7.39 -43.62 -20.13
N ALA C 109 6.79 -42.45 -19.96
CA ALA C 109 7.19 -41.44 -18.97
C ALA C 109 6.96 -41.99 -17.56
N ALA C 110 5.80 -42.60 -17.33
CA ALA C 110 5.51 -43.29 -16.07
C ALA C 110 6.50 -44.40 -15.69
N ALA C 111 6.75 -45.31 -16.64
CA ALA C 111 7.79 -46.32 -16.53
C ALA C 111 9.16 -45.72 -16.19
N GLU C 112 9.53 -44.64 -16.87
CA GLU C 112 10.81 -43.95 -16.60
C GLU C 112 10.88 -43.28 -15.21
N ILE C 113 9.75 -42.77 -14.71
CA ILE C 113 9.73 -42.21 -13.36
C ILE C 113 9.89 -43.33 -12.29
N LYS C 114 9.28 -44.50 -12.51
CA LYS C 114 9.50 -45.65 -11.65
C LYS C 114 10.97 -46.00 -11.67
N ASP C 115 11.56 -46.03 -12.83
CA ASP C 115 13.04 -46.19 -12.95
C ASP C 115 13.87 -45.10 -12.27
N THR C 116 13.37 -43.86 -12.30
CA THR C 116 14.04 -42.76 -11.55
C THR C 116 14.10 -43.05 -10.04
N ALA C 117 12.98 -43.45 -9.43
CA ALA C 117 13.03 -43.86 -8.01
C ALA C 117 14.07 -45.02 -7.78
N ARG C 118 14.11 -45.99 -8.67
CA ARG C 118 15.00 -47.15 -8.52
C ARG C 118 16.44 -46.71 -8.62
N ALA C 119 16.73 -45.85 -9.59
CA ALA C 119 18.05 -45.23 -9.74
C ALA C 119 18.47 -44.35 -8.57
N ALA C 120 17.52 -43.56 -8.03
CA ALA C 120 17.75 -42.76 -6.81
C ALA C 120 18.24 -43.65 -5.68
N ALA C 121 17.56 -44.77 -5.47
CA ALA C 121 17.91 -45.68 -4.40
C ALA C 121 19.27 -46.32 -4.64
N ARG C 122 19.61 -46.63 -5.89
CA ARG C 122 20.94 -47.12 -6.19
C ARG C 122 22.00 -46.10 -5.87
N LEU C 123 21.72 -44.84 -6.20
CA LEU C 123 22.59 -43.73 -5.86
C LEU C 123 22.65 -43.53 -4.36
N GLY C 124 21.58 -43.88 -3.65
CA GLY C 124 21.57 -43.73 -2.19
C GLY C 124 20.98 -42.42 -1.72
N VAL C 125 20.16 -41.77 -2.57
CA VAL C 125 19.48 -40.51 -2.19
C VAL C 125 18.02 -40.80 -1.90
N ASP C 126 17.40 -40.02 -1.02
CA ASP C 126 16.03 -40.41 -0.64
C ASP C 126 14.88 -39.64 -1.28
N THR C 127 15.22 -38.75 -2.20
CA THR C 127 14.27 -37.81 -2.75
C THR C 127 14.51 -37.60 -4.25
N VAL C 128 13.42 -37.72 -5.02
CA VAL C 128 13.33 -37.35 -6.44
C VAL C 128 12.42 -36.14 -6.55
N ILE C 129 12.98 -35.04 -7.06
CA ILE C 129 12.20 -33.86 -7.43
C ILE C 129 11.64 -34.00 -8.84
N GLY C 130 10.40 -33.59 -9.03
CA GLY C 130 9.94 -33.53 -10.41
C GLY C 130 8.63 -32.85 -10.58
N PHE C 131 8.02 -33.11 -11.72
CA PHE C 131 6.74 -32.55 -12.13
C PHE C 131 5.79 -33.73 -12.38
N THR C 132 4.50 -33.47 -12.49
CA THR C 132 3.51 -34.52 -12.74
C THR C 132 2.82 -34.36 -14.09
N GLY C 133 2.82 -33.13 -14.60
CA GLY C 133 1.97 -32.78 -15.70
C GLY C 133 0.55 -32.61 -15.17
N SER C 134 -0.41 -32.41 -16.08
CA SER C 134 -1.83 -32.25 -15.66
C SER C 134 -2.75 -32.47 -16.82
N ALA C 135 -3.86 -33.18 -16.59
CA ALA C 135 -4.86 -33.43 -17.67
C ALA C 135 -5.78 -32.24 -17.81
N ILE C 136 -5.63 -31.29 -16.90
CA ILE C 136 -6.62 -30.25 -16.63
C ILE C 136 -6.05 -28.82 -16.66
N TRP C 137 -4.74 -28.68 -16.78
CA TRP C 137 -4.10 -27.36 -16.71
C TRP C 137 -4.63 -26.40 -17.76
N HIS C 138 -4.81 -26.89 -19.00
CA HIS C 138 -5.27 -26.05 -20.13
C HIS C 138 -6.69 -25.47 -20.00
N LEU C 139 -7.40 -25.92 -18.95
CA LEU C 139 -8.75 -25.50 -18.59
C LEU C 139 -8.72 -24.39 -17.52
N VAL C 140 -7.51 -23.94 -17.17
CA VAL C 140 -7.31 -22.98 -16.06
C VAL C 140 -8.16 -21.71 -16.17
N ALA C 141 -8.27 -21.17 -17.40
CA ALA C 141 -9.10 -19.97 -17.64
C ALA C 141 -10.62 -20.14 -17.52
N MSE C 142 -11.15 -21.33 -17.75
CA MSE C 142 -12.58 -21.52 -17.49
C MSE C 142 -13.58 -20.95 -18.50
O MSE C 142 -14.77 -20.98 -18.27
CB MSE C 142 -12.92 -21.14 -16.04
CG MSE C 142 -12.38 -22.23 -15.10
SE MSE C 142 -12.76 -21.99 -13.22
CE MSE C 142 -14.70 -21.72 -13.16
N PHE C 143 -13.06 -20.41 -19.61
CA PHE C 143 -13.80 -20.24 -20.83
C PHE C 143 -13.07 -20.92 -21.99
N PRO C 144 -13.80 -21.77 -22.78
CA PRO C 144 -15.21 -22.13 -22.54
C PRO C 144 -15.38 -23.02 -21.28
N PRO C 145 -16.57 -22.99 -20.63
CA PRO C 145 -16.71 -23.68 -19.35
C PRO C 145 -16.55 -25.19 -19.47
N ALA C 146 -15.83 -25.76 -18.51
CA ALA C 146 -15.75 -27.20 -18.33
C ALA C 146 -16.59 -27.59 -17.11
N PRO C 147 -17.34 -28.70 -17.19
CA PRO C 147 -18.05 -29.12 -15.95
C PRO C 147 -17.13 -29.57 -14.81
N GLU C 148 -17.66 -29.51 -13.60
CA GLU C 148 -16.95 -29.94 -12.42
C GLU C 148 -16.46 -31.40 -12.52
N SER C 149 -17.30 -32.29 -13.09
CA SER C 149 -16.91 -33.68 -13.30
C SER C 149 -15.61 -33.80 -14.12
N MSE C 150 -15.40 -32.89 -15.08
CA MSE C 150 -14.20 -32.75 -15.90
C MSE C 150 -12.96 -32.40 -15.05
O MSE C 150 -11.92 -33.02 -15.24
CB MSE C 150 -14.44 -31.77 -17.04
CG MSE C 150 -13.34 -31.71 -18.13
SE MSE C 150 -13.50 -30.52 -19.84
CE MSE C 150 -15.37 -30.93 -20.49
N ILE C 151 -13.09 -31.45 -14.12
CA ILE C 151 -12.00 -31.04 -13.20
C ILE C 151 -11.64 -32.17 -12.28
N GLU C 152 -12.67 -32.81 -11.72
CA GLU C 152 -12.49 -33.94 -10.80
C GLU C 152 -11.82 -35.12 -11.50
N ARG C 153 -12.19 -35.37 -12.75
CA ARG C 153 -11.57 -36.43 -13.52
C ARG C 153 -10.06 -36.16 -13.68
N GLY C 154 -9.66 -34.87 -13.69
CA GLY C 154 -8.25 -34.48 -13.81
C GLY C 154 -7.42 -34.91 -12.63
N TYR C 155 -7.96 -34.66 -11.44
CA TYR C 155 -7.38 -35.12 -10.19
C TYR C 155 -7.40 -36.65 -10.04
N GLN C 156 -8.49 -37.28 -10.50
CA GLN C 156 -8.56 -38.75 -10.49
C GLN C 156 -7.53 -39.35 -11.42
N ASP C 157 -7.30 -38.72 -12.57
CA ASP C 157 -6.29 -39.13 -13.57
C ASP C 157 -4.87 -39.08 -12.99
N PHE C 158 -4.61 -38.04 -12.20
CA PHE C 158 -3.32 -37.83 -11.57
C PHE C 158 -3.09 -38.98 -10.57
N ALA C 159 -4.08 -39.21 -9.70
CA ALA C 159 -4.08 -40.34 -8.78
C ALA C 159 -3.86 -41.70 -9.48
N ASP C 160 -4.61 -41.95 -10.55
CA ASP C 160 -4.51 -43.23 -11.25
C ASP C 160 -3.18 -43.54 -11.91
N ARG C 161 -2.48 -42.50 -12.36
CA ARG C 161 -1.17 -42.61 -13.01
C ARG C 161 -0.05 -42.56 -11.98
N TRP C 162 -0.26 -41.79 -10.92
CA TRP C 162 0.84 -41.62 -9.96
C TRP C 162 0.83 -42.62 -8.80
N ASN C 163 -0.35 -43.08 -8.40
CA ASN C 163 -0.43 -44.12 -7.36
C ASN C 163 0.47 -45.34 -7.65
N PRO C 164 0.43 -45.88 -8.89
CA PRO C 164 1.35 -46.98 -9.23
C PRO C 164 2.82 -46.56 -9.27
N ILE C 165 3.08 -45.34 -9.71
CA ILE C 165 4.45 -44.80 -9.62
C ILE C 165 4.92 -44.74 -8.18
N LEU C 166 4.05 -44.30 -7.27
CA LEU C 166 4.45 -44.07 -5.86
C LEU C 166 4.58 -45.35 -5.10
N ASP C 167 3.95 -46.39 -5.62
CA ASP C 167 4.15 -47.73 -5.09
C ASP C 167 5.62 -48.16 -5.21
N VAL C 168 6.21 -47.94 -6.38
CA VAL C 168 7.63 -48.19 -6.59
C VAL C 168 8.51 -47.29 -5.69
N PHE C 169 8.24 -45.99 -5.62
CA PHE C 169 8.85 -45.13 -4.61
C PHE C 169 8.85 -45.77 -3.24
N ASP C 170 7.70 -46.21 -2.75
CA ASP C 170 7.62 -46.85 -1.41
C ASP C 170 8.53 -48.11 -1.29
N ALA C 171 8.43 -48.98 -2.30
CA ALA C 171 9.24 -50.21 -2.35
C ALA C 171 10.75 -49.93 -2.32
N GLU C 172 11.15 -48.81 -2.96
CA GLU C 172 12.55 -48.43 -3.01
C GLU C 172 12.99 -47.58 -1.81
N GLY C 173 12.06 -47.14 -0.97
CA GLY C 173 12.45 -46.26 0.17
C GLY C 173 12.81 -44.84 -0.23
N VAL C 174 12.13 -44.31 -1.25
CA VAL C 174 12.43 -43.02 -1.87
C VAL C 174 11.13 -42.17 -1.87
N ARG C 175 11.28 -40.85 -1.82
CA ARG C 175 10.14 -39.93 -1.81
C ARG C 175 10.13 -39.13 -3.10
N PHE C 176 8.92 -38.78 -3.56
CA PHE C 176 8.75 -37.82 -4.65
C PHE C 176 8.45 -36.40 -4.08
N ALA C 177 9.18 -35.41 -4.60
CA ALA C 177 8.98 -34.03 -4.21
C ALA C 177 8.43 -33.31 -5.42
N HIS C 178 7.11 -33.25 -5.48
CA HIS C 178 6.47 -32.59 -6.59
C HIS C 178 6.64 -31.08 -6.47
N GLU C 179 7.13 -30.43 -7.52
CA GLU C 179 7.36 -29.01 -7.42
C GLU C 179 6.08 -28.22 -7.85
N VAL C 180 5.43 -27.62 -6.87
CA VAL C 180 4.21 -26.86 -7.11
C VAL C 180 4.58 -25.70 -8.05
N HIS C 181 3.91 -25.63 -9.19
CA HIS C 181 4.38 -24.86 -10.31
C HIS C 181 3.23 -24.87 -11.32
N PRO C 182 3.02 -23.75 -12.04
CA PRO C 182 2.03 -23.76 -13.14
C PRO C 182 2.30 -24.88 -14.15
N SER C 183 1.25 -25.35 -14.83
CA SER C 183 1.32 -26.50 -15.78
C SER C 183 1.13 -27.83 -15.12
N GLU C 184 1.12 -27.82 -13.79
CA GLU C 184 1.11 -29.01 -12.96
C GLU C 184 -0.27 -29.19 -12.36
N ILE C 185 -0.56 -30.39 -11.83
CA ILE C 185 -1.86 -30.66 -11.16
C ILE C 185 -1.99 -29.82 -9.86
N ALA C 186 -0.83 -29.51 -9.26
CA ALA C 186 -0.67 -28.66 -8.08
C ALA C 186 0.25 -27.53 -8.48
N TYR C 187 -0.31 -26.32 -8.47
CA TYR C 187 0.35 -25.10 -8.89
C TYR C 187 0.07 -23.89 -7.97
N ASP C 188 -0.76 -24.08 -6.92
CA ASP C 188 -1.54 -23.06 -6.11
C ASP C 188 -1.39 -23.68 -4.71
N TYR C 189 -1.79 -22.94 -3.69
CA TYR C 189 -2.03 -23.49 -2.34
C TYR C 189 -3.24 -24.48 -2.37
N TRP C 190 -4.36 -24.10 -2.98
CA TRP C 190 -5.57 -24.91 -2.97
C TRP C 190 -5.52 -26.16 -3.87
N THR C 191 -4.86 -26.04 -5.03
CA THR C 191 -4.59 -27.21 -5.87
C THR C 191 -3.62 -28.24 -5.23
N THR C 192 -2.75 -27.78 -4.34
CA THR C 192 -1.86 -28.64 -3.60
C THR C 192 -2.66 -29.47 -2.59
N HIS C 193 -3.49 -28.82 -1.78
CA HIS C 193 -4.51 -29.52 -0.99
C HIS C 193 -5.21 -30.62 -1.80
N ARG C 194 -5.83 -30.24 -2.90
CA ARG C 194 -6.64 -31.15 -3.69
C ARG C 194 -5.85 -32.32 -4.30
N ALA C 195 -4.63 -32.03 -4.76
CA ALA C 195 -3.74 -33.07 -5.26
C ALA C 195 -3.30 -34.03 -4.14
N LEU C 196 -2.89 -33.51 -2.97
CA LEU C 196 -2.63 -34.36 -1.79
C LEU C 196 -3.80 -35.24 -1.40
N GLU C 197 -5.02 -34.67 -1.35
CA GLU C 197 -6.25 -35.43 -1.10
C GLU C 197 -6.41 -36.56 -2.13
N ALA C 198 -6.02 -36.30 -3.37
CA ALA C 198 -6.27 -37.25 -4.44
C ALA C 198 -5.50 -38.54 -4.23
N VAL C 199 -4.35 -38.46 -3.58
CA VAL C 199 -3.52 -39.63 -3.35
C VAL C 199 -3.56 -39.99 -1.85
N GLY C 200 -4.67 -39.64 -1.18
CA GLY C 200 -4.90 -39.95 0.22
C GLY C 200 -3.84 -39.45 1.20
N HIS C 201 -3.18 -38.33 0.85
CA HIS C 201 -2.04 -37.82 1.63
C HIS C 201 -0.91 -38.83 1.87
N ARG C 202 -0.76 -39.78 0.95
CA ARG C 202 0.18 -40.86 1.16
C ARG C 202 1.59 -40.25 1.26
N PRO C 203 2.43 -40.76 2.19
CA PRO C 203 3.76 -40.14 2.40
C PRO C 203 4.77 -40.14 1.21
N ALA C 204 4.60 -41.02 0.24
CA ALA C 204 5.48 -41.01 -0.94
C ALA C 204 5.40 -39.70 -1.76
N PHE C 205 4.25 -39.04 -1.70
CA PHE C 205 4.00 -37.86 -2.52
C PHE C 205 4.12 -36.62 -1.65
N GLY C 206 5.28 -35.96 -1.72
CA GLY C 206 5.46 -34.70 -0.99
C GLY C 206 5.77 -33.63 -1.99
N LEU C 207 6.41 -32.55 -1.51
CA LEU C 207 6.50 -31.30 -2.21
C LEU C 207 7.97 -30.79 -2.33
N ASN C 208 8.35 -30.32 -3.54
CA ASN C 208 9.51 -29.47 -3.73
C ASN C 208 9.03 -28.02 -3.60
N PHE C 209 9.49 -27.36 -2.55
CA PHE C 209 9.13 -25.98 -2.35
C PHE C 209 9.99 -25.00 -3.18
N ASP C 210 9.37 -24.28 -4.11
CA ASP C 210 10.12 -23.28 -4.84
C ASP C 210 9.27 -22.02 -4.84
N PRO C 211 9.80 -20.93 -4.27
CA PRO C 211 8.95 -19.77 -3.93
C PRO C 211 8.65 -18.83 -5.11
N SER C 212 9.25 -19.09 -6.27
CA SER C 212 9.27 -18.13 -7.38
C SER C 212 7.88 -17.88 -7.98
N HIS C 213 7.12 -18.96 -8.18
CA HIS C 213 5.82 -18.84 -8.80
C HIS C 213 4.77 -18.42 -7.79
N PHE C 214 5.14 -18.36 -6.50
CA PHE C 214 4.25 -17.80 -5.48
C PHE C 214 4.11 -16.32 -5.70
N VAL C 215 5.15 -15.72 -6.30
CA VAL C 215 5.22 -14.27 -6.45
C VAL C 215 4.10 -13.70 -7.32
N TRP C 216 3.99 -14.12 -8.58
CA TRP C 216 2.95 -13.55 -9.44
C TRP C 216 1.53 -14.00 -9.13
N GLN C 217 1.40 -15.15 -8.45
CA GLN C 217 0.09 -15.68 -8.08
C GLN C 217 -0.42 -15.08 -6.76
N ASP C 218 0.46 -14.29 -6.12
CA ASP C 218 0.22 -13.70 -4.79
C ASP C 218 -0.01 -14.70 -3.69
N LEU C 219 0.72 -15.81 -3.71
CA LEU C 219 0.59 -16.81 -2.70
C LEU C 219 1.59 -16.51 -1.59
N ASP C 220 1.21 -16.75 -0.35
CA ASP C 220 2.13 -16.53 0.77
C ASP C 220 3.00 -17.79 0.88
N PRO C 221 4.30 -17.71 0.55
CA PRO C 221 5.12 -18.95 0.60
C PRO C 221 5.33 -19.43 2.02
N VAL C 222 5.26 -18.49 2.97
CA VAL C 222 5.56 -18.78 4.35
C VAL C 222 4.41 -19.59 5.00
N GLY C 223 3.18 -19.19 4.69
CA GLY C 223 2.01 -19.88 5.15
C GLY C 223 1.87 -21.22 4.48
N PHE C 224 2.27 -21.30 3.22
CA PHE C 224 2.29 -22.60 2.51
C PHE C 224 3.27 -23.58 3.25
N LEU C 225 4.49 -23.10 3.57
CA LEU C 225 5.46 -23.90 4.34
C LEU C 225 4.87 -24.45 5.65
N TRP C 226 4.19 -23.59 6.38
CA TRP C 226 3.51 -23.99 7.59
C TRP C 226 2.36 -25.02 7.35
N ASP C 227 1.38 -24.71 6.51
CA ASP C 227 0.25 -25.63 6.34
C ASP C 227 0.66 -26.97 5.73
N PHE C 228 1.73 -26.99 4.94
CA PHE C 228 2.18 -28.25 4.32
C PHE C 228 3.50 -28.76 4.89
N ARG C 229 3.78 -28.34 6.14
CA ARG C 229 5.06 -28.64 6.83
C ARG C 229 5.54 -30.09 6.78
N ASP C 230 4.58 -31.03 6.89
CA ASP C 230 4.85 -32.46 6.92
C ASP C 230 5.11 -33.07 5.52
N ARG C 231 5.00 -32.24 4.47
CA ARG C 231 5.22 -32.65 3.08
C ARG C 231 6.27 -31.82 2.36
N ILE C 232 7.02 -31.01 3.11
CA ILE C 232 8.11 -30.25 2.52
C ILE C 232 9.36 -31.15 2.48
N TYR C 233 9.62 -31.70 1.30
CA TYR C 233 10.64 -32.75 1.09
C TYR C 233 11.89 -32.18 0.52
N HIS C 234 11.80 -30.99 -0.06
CA HIS C 234 12.98 -30.39 -0.66
C HIS C 234 12.74 -28.90 -0.86
N VAL C 235 13.80 -28.13 -0.99
CA VAL C 235 13.68 -26.70 -1.19
C VAL C 235 14.57 -26.26 -2.37
N ASP C 236 14.00 -25.53 -3.35
CA ASP C 236 14.79 -24.83 -4.39
C ASP C 236 14.57 -23.31 -4.32
N CYS C 237 15.65 -22.56 -4.10
CA CYS C 237 15.51 -21.10 -3.99
C CYS C 237 15.60 -20.57 -5.38
N LYS C 238 14.51 -20.02 -5.88
CA LYS C 238 14.50 -19.45 -7.21
C LYS C 238 13.73 -18.17 -7.07
N GLU C 239 14.31 -17.06 -7.54
CA GLU C 239 13.84 -15.72 -7.25
C GLU C 239 13.02 -15.15 -8.45
N ALA C 240 11.98 -14.37 -8.15
CA ALA C 240 11.16 -13.76 -9.17
C ALA C 240 10.92 -12.28 -8.80
N ARG C 241 10.84 -11.40 -9.82
CA ARG C 241 10.65 -9.95 -9.64
C ARG C 241 9.45 -9.54 -10.49
N LYS C 242 8.47 -8.85 -9.88
CA LYS C 242 7.37 -8.22 -10.59
C LYS C 242 7.71 -6.83 -11.09
N ARG C 243 7.18 -6.51 -12.26
CA ARG C 243 7.20 -5.14 -12.73
C ARG C 243 5.87 -4.85 -13.43
N LEU C 244 4.89 -4.59 -12.60
CA LEU C 244 3.51 -4.41 -13.04
C LEU C 244 3.24 -2.92 -13.12
N ASP C 245 3.46 -2.33 -14.29
CA ASP C 245 3.34 -0.87 -14.48
C ASP C 245 1.99 -0.39 -15.08
N GLY C 246 0.92 -1.21 -15.02
CA GLY C 246 -0.33 -0.88 -15.72
C GLY C 246 -0.48 -1.50 -17.12
N ARG C 247 0.65 -1.67 -17.81
CA ARG C 247 0.65 -2.30 -19.16
C ARG C 247 1.04 -3.75 -19.09
N ASN C 248 2.13 -4.03 -18.39
CA ASN C 248 2.62 -5.40 -18.22
C ASN C 248 1.56 -6.16 -17.41
N GLY C 249 1.30 -7.43 -17.75
CA GLY C 249 0.33 -8.18 -16.97
C GLY C 249 0.89 -9.38 -16.18
N ARG C 250 0.12 -9.87 -15.22
CA ARG C 250 0.52 -11.00 -14.39
C ARG C 250 0.87 -12.31 -15.11
N LEU C 251 0.31 -12.50 -16.30
CA LEU C 251 0.50 -13.71 -17.12
C LEU C 251 1.73 -13.63 -18.02
N GLY C 252 2.30 -12.45 -18.22
CA GLY C 252 3.55 -12.37 -18.98
C GLY C 252 3.40 -12.18 -20.49
N SER C 253 2.15 -12.28 -21.00
CA SER C 253 1.82 -11.96 -22.39
C SER C 253 2.45 -12.91 -23.45
N HIS C 254 2.76 -14.17 -23.07
CA HIS C 254 3.47 -15.10 -24.01
C HIS C 254 4.85 -14.57 -24.46
N LEU C 255 5.44 -13.67 -23.67
CA LEU C 255 6.69 -13.02 -24.08
C LEU C 255 7.90 -13.69 -23.47
N PRO C 256 9.03 -13.70 -24.19
CA PRO C 256 10.19 -14.46 -23.73
C PRO C 256 10.81 -13.88 -22.42
N TRP C 257 11.43 -14.75 -21.62
CA TRP C 257 12.17 -14.36 -20.43
C TRP C 257 13.12 -13.23 -20.82
N GLY C 258 13.17 -12.19 -19.98
CA GLY C 258 14.03 -11.05 -20.25
C GLY C 258 13.35 -9.90 -20.98
N ASP C 259 12.21 -10.16 -21.63
CA ASP C 259 11.47 -9.07 -22.28
C ASP C 259 10.87 -8.14 -21.20
N PRO C 260 11.18 -6.83 -21.27
CA PRO C 260 10.73 -6.02 -20.12
C PRO C 260 9.23 -5.74 -20.05
N ARG C 261 8.47 -6.20 -21.05
CA ARG C 261 7.01 -6.07 -21.06
C ARG C 261 6.28 -7.18 -20.29
N ARG C 262 7.03 -8.13 -19.74
CA ARG C 262 6.51 -9.17 -18.85
C ARG C 262 6.14 -8.54 -17.49
N GLY C 263 4.98 -8.87 -16.92
CA GLY C 263 4.60 -8.39 -15.55
C GLY C 263 5.51 -8.95 -14.45
N TRP C 264 6.24 -10.03 -14.78
CA TRP C 264 7.14 -10.67 -13.82
C TRP C 264 8.24 -11.48 -14.58
N ASP C 265 9.39 -11.67 -13.94
CA ASP C 265 10.42 -12.46 -14.61
C ASP C 265 11.28 -13.09 -13.51
N PHE C 266 12.00 -14.15 -13.89
CA PHE C 266 13.06 -14.76 -13.05
C PHE C 266 14.28 -13.81 -12.92
N VAL C 267 14.81 -13.65 -11.71
CA VAL C 267 15.99 -12.84 -11.49
C VAL C 267 16.86 -13.57 -10.47
N SER C 268 18.15 -13.25 -10.44
CA SER C 268 19.06 -13.87 -9.49
C SER C 268 18.63 -13.46 -8.04
N ALA C 269 18.84 -14.34 -7.06
CA ALA C 269 18.47 -14.14 -5.66
C ALA C 269 18.94 -12.80 -5.05
N GLY C 270 18.01 -12.09 -4.39
CA GLY C 270 18.21 -10.72 -3.91
C GLY C 270 17.74 -9.63 -4.87
N HIS C 271 17.56 -9.97 -6.13
CA HIS C 271 17.15 -8.97 -7.14
C HIS C 271 15.65 -8.93 -7.34
N GLY C 272 14.94 -9.79 -6.62
CA GLY C 272 13.49 -9.94 -6.82
C GLY C 272 12.69 -9.66 -5.57
N ASP C 273 11.55 -10.41 -5.42
CA ASP C 273 10.51 -10.13 -4.47
C ASP C 273 10.30 -11.20 -3.39
N VAL C 274 10.90 -12.38 -3.52
CA VAL C 274 10.69 -13.45 -2.52
C VAL C 274 11.10 -12.94 -1.13
N PRO C 275 10.27 -13.20 -0.11
CA PRO C 275 10.68 -12.81 1.26
C PRO C 275 11.57 -13.85 1.92
N TRP C 276 12.85 -13.86 1.53
CA TRP C 276 13.84 -14.81 2.07
C TRP C 276 13.96 -14.83 3.59
N GLU C 277 13.88 -13.65 4.20
CA GLU C 277 13.90 -13.52 5.65
C GLU C 277 12.84 -14.42 6.32
N ASP C 278 11.59 -14.28 5.91
CA ASP C 278 10.52 -15.15 6.44
C ASP C 278 10.62 -16.61 6.01
N VAL C 279 11.01 -16.84 4.76
CA VAL C 279 11.18 -18.19 4.26
C VAL C 279 12.19 -19.00 5.10
N PHE C 280 13.39 -18.44 5.31
CA PHE C 280 14.42 -19.15 6.08
C PHE C 280 14.07 -19.34 7.53
N ARG C 281 13.41 -18.34 8.13
CA ARG C 281 13.05 -18.47 9.53
C ARG C 281 12.04 -19.60 9.63
N MSE C 282 11.08 -19.65 8.71
CA MSE C 282 10.04 -20.69 8.68
C MSE C 282 10.59 -22.11 8.40
O MSE C 282 10.13 -23.07 8.98
CB MSE C 282 8.90 -20.33 7.70
CG MSE C 282 7.77 -21.35 7.65
SE MSE C 282 6.82 -21.44 9.39
CE MSE C 282 6.53 -23.35 9.55
N LEU C 283 11.55 -22.29 7.49
CA LEU C 283 12.21 -23.61 7.38
C LEU C 283 12.76 -24.12 8.73
N ARG C 284 13.30 -23.23 9.56
CA ARG C 284 13.70 -23.66 10.88
C ARG C 284 12.47 -24.00 11.75
N SER C 285 11.48 -23.12 11.75
CA SER C 285 10.25 -23.36 12.51
C SER C 285 9.60 -24.72 12.14
N ILE C 286 9.64 -25.09 10.86
CA ILE C 286 9.10 -26.43 10.46
C ILE C 286 10.10 -27.60 10.53
N ASP C 287 11.28 -27.32 11.07
CA ASP C 287 12.34 -28.32 11.18
C ASP C 287 12.58 -29.03 9.84
N TYR C 288 12.70 -28.22 8.79
CA TYR C 288 13.13 -28.70 7.47
C TYR C 288 14.60 -28.98 7.52
N GLN C 289 14.96 -30.24 7.26
CA GLN C 289 16.32 -30.68 7.50
C GLN C 289 17.14 -30.96 6.23
N GLY C 290 16.54 -30.75 5.07
CA GLY C 290 17.18 -31.10 3.85
C GLY C 290 18.17 -30.07 3.38
N PRO C 291 18.71 -30.27 2.16
CA PRO C 291 19.55 -29.25 1.58
C PRO C 291 18.73 -28.05 1.16
N VAL C 292 19.39 -26.91 1.07
CA VAL C 292 18.81 -25.77 0.42
C VAL C 292 19.41 -25.63 -1.01
N SER C 293 18.62 -25.95 -2.01
CA SER C 293 19.09 -25.88 -3.36
C SER C 293 18.83 -24.50 -3.98
N VAL C 294 19.61 -24.21 -5.01
CA VAL C 294 19.52 -22.97 -5.78
C VAL C 294 19.31 -23.31 -7.25
N GLU C 295 18.17 -22.90 -7.75
CA GLU C 295 17.86 -22.99 -9.16
C GLU C 295 18.11 -21.61 -9.78
N TRP C 296 19.24 -21.50 -10.52
CA TRP C 296 19.70 -20.19 -10.94
C TRP C 296 19.14 -19.81 -12.30
N GLU C 297 18.45 -18.68 -12.38
CA GLU C 297 17.85 -18.22 -13.63
C GLU C 297 17.61 -16.70 -13.61
N ASP C 298 18.14 -16.04 -14.64
CA ASP C 298 18.00 -14.59 -14.79
C ASP C 298 18.43 -14.27 -16.22
N ALA C 299 17.46 -13.93 -17.05
CA ALA C 299 17.75 -13.64 -18.44
C ALA C 299 18.56 -12.35 -18.66
N GLY C 300 18.60 -11.43 -17.68
CA GLY C 300 19.43 -10.24 -17.81
C GLY C 300 20.83 -10.37 -17.26
N MSE C 301 21.22 -11.58 -16.84
CA MSE C 301 22.53 -11.85 -16.27
C MSE C 301 23.24 -13.05 -16.87
O MSE C 301 22.65 -13.93 -17.45
CB MSE C 301 22.42 -12.15 -14.77
CG MSE C 301 22.04 -11.03 -13.90
SE MSE C 301 22.48 -11.43 -11.96
CE MSE C 301 21.40 -9.98 -11.25
N ASP C 302 24.55 -13.12 -16.64
CA ASP C 302 25.34 -14.29 -16.96
C ASP C 302 25.42 -15.19 -15.72
N ARG C 303 25.21 -16.51 -15.94
CA ARG C 303 25.15 -17.51 -14.88
C ARG C 303 26.46 -17.62 -14.09
N LEU C 304 27.56 -17.31 -14.78
CA LEU C 304 28.89 -17.36 -14.18
C LEU C 304 29.01 -16.29 -13.11
N GLN C 305 28.36 -15.15 -13.30
CA GLN C 305 28.33 -14.10 -12.27
C GLN C 305 27.21 -14.32 -11.22
N GLY C 306 26.02 -14.70 -11.69
CA GLY C 306 24.87 -14.83 -10.79
C GLY C 306 24.87 -16.00 -9.85
N ALA C 307 25.26 -17.18 -10.33
CA ALA C 307 25.19 -18.34 -9.47
C ALA C 307 26.01 -18.21 -8.16
N PRO C 308 27.28 -17.73 -8.21
CA PRO C 308 27.95 -17.50 -6.94
C PRO C 308 27.40 -16.34 -6.12
N GLU C 309 26.90 -15.30 -6.77
CA GLU C 309 26.35 -14.17 -6.06
C GLU C 309 25.05 -14.52 -5.33
N ALA C 310 24.25 -15.40 -5.93
CA ALA C 310 22.98 -15.84 -5.39
C ALA C 310 23.23 -16.67 -4.14
N LEU C 311 24.27 -17.49 -4.17
CA LEU C 311 24.65 -18.22 -2.97
C LEU C 311 24.99 -17.24 -1.83
N THR C 312 25.83 -16.25 -2.12
CA THR C 312 26.18 -15.23 -1.14
C THR C 312 24.93 -14.50 -0.56
N ARG C 313 24.02 -14.07 -1.41
CA ARG C 313 22.81 -13.38 -0.96
C ARG C 313 21.92 -14.29 -0.10
N LEU C 314 21.82 -15.56 -0.47
CA LEU C 314 20.93 -16.49 0.26
C LEU C 314 21.50 -16.84 1.65
N LYS C 315 22.81 -16.97 1.68
CA LYS C 315 23.52 -17.22 2.95
C LYS C 315 23.36 -16.10 3.99
N ALA C 316 23.16 -14.83 3.57
CA ALA C 316 22.82 -13.77 4.54
C ALA C 316 21.54 -14.08 5.35
N PHE C 317 20.73 -15.03 4.89
CA PHE C 317 19.46 -15.44 5.58
C PHE C 317 19.60 -16.74 6.36
N ASP C 318 20.80 -17.34 6.32
CA ASP C 318 21.05 -18.62 6.94
C ASP C 318 21.82 -18.37 8.24
N PHE C 319 21.18 -18.58 9.39
CA PHE C 319 21.78 -18.23 10.68
C PHE C 319 21.95 -19.45 11.51
N GLU C 320 23.00 -19.44 12.32
CA GLU C 320 23.15 -20.40 13.38
C GLU C 320 21.98 -20.23 14.35
N PRO C 321 21.39 -21.34 14.78
CA PRO C 321 20.30 -21.26 15.75
C PRO C 321 20.88 -20.90 17.13
N PRO C 322 20.06 -20.36 18.04
CA PRO C 322 20.60 -20.09 19.38
C PRO C 322 21.15 -21.36 19.97
N SER C 323 22.25 -21.27 20.71
CA SER C 323 22.80 -22.50 21.29
C SER C 323 22.58 -22.64 22.81
N PRO D 2 -27.91 9.88 -19.25
CA PRO D 2 -27.99 10.14 -20.67
C PRO D 2 -27.01 9.53 -21.63
N ARG D 3 -26.07 8.71 -21.13
CA ARG D 3 -25.56 7.63 -21.98
C ARG D 3 -26.68 6.58 -22.01
N ASN D 4 -26.78 5.82 -23.12
CA ASN D 4 -27.66 4.68 -23.21
C ASN D 4 -27.05 3.46 -22.52
N PHE D 5 -27.82 2.82 -21.66
CA PHE D 5 -27.37 1.60 -21.01
C PHE D 5 -28.16 0.44 -21.49
N THR D 6 -27.48 -0.69 -21.60
CA THR D 6 -27.91 -1.82 -22.36
C THR D 6 -27.65 -3.03 -21.48
N LEU D 7 -28.52 -4.03 -21.54
CA LEU D 7 -28.30 -5.28 -20.85
C LEU D 7 -27.85 -6.35 -21.85
N PHE D 8 -26.69 -6.97 -21.54
CA PHE D 8 -26.19 -8.14 -22.26
C PHE D 8 -27.05 -9.35 -21.95
N THR D 9 -27.45 -10.00 -23.01
CA THR D 9 -28.52 -10.96 -22.93
C THR D 9 -27.98 -12.39 -22.67
N GLY D 10 -26.65 -12.61 -22.77
CA GLY D 10 -26.05 -13.95 -22.64
C GLY D 10 -26.33 -14.71 -21.36
N GLN D 11 -26.30 -14.01 -20.22
CA GLN D 11 -26.60 -14.64 -18.92
C GLN D 11 -28.11 -14.87 -18.73
N TRP D 12 -28.89 -14.52 -19.74
CA TRP D 12 -30.35 -14.58 -19.71
C TRP D 12 -30.88 -15.53 -20.80
N ALA D 13 -29.98 -16.26 -21.46
CA ALA D 13 -30.34 -17.10 -22.62
C ALA D 13 -31.19 -18.33 -22.32
N ASP D 14 -31.30 -18.70 -21.03
CA ASP D 14 -32.25 -19.68 -20.57
C ASP D 14 -33.69 -19.15 -20.72
N LEU D 15 -33.84 -17.84 -20.91
CA LEU D 15 -35.14 -17.20 -21.04
C LEU D 15 -35.47 -16.82 -22.46
N PRO D 16 -36.79 -16.89 -22.83
CA PRO D 16 -37.27 -16.35 -24.09
C PRO D 16 -36.98 -14.89 -24.10
N LEU D 17 -36.51 -14.40 -25.25
CA LEU D 17 -36.21 -13.00 -25.45
C LEU D 17 -37.29 -12.09 -24.81
N GLU D 18 -38.56 -12.45 -25.01
CA GLU D 18 -39.68 -11.56 -24.60
C GLU D 18 -39.67 -11.30 -23.11
N GLU D 19 -39.36 -12.35 -22.35
CA GLU D 19 -39.19 -12.25 -20.92
C GLU D 19 -37.99 -11.37 -20.52
N VAL D 20 -36.87 -11.52 -21.24
CA VAL D 20 -35.67 -10.68 -21.07
C VAL D 20 -36.03 -9.18 -21.32
N CYS D 21 -36.81 -8.92 -22.38
CA CYS D 21 -37.25 -7.57 -22.73
C CYS D 21 -38.09 -6.94 -21.61
N ARG D 22 -39.02 -7.74 -21.05
CA ARG D 22 -39.89 -7.34 -19.94
C ARG D 22 -39.06 -6.93 -18.73
N LEU D 23 -38.12 -7.81 -18.34
CA LEU D 23 -37.24 -7.59 -17.17
C LEU D 23 -36.35 -6.39 -17.40
N ALA D 24 -35.71 -6.30 -18.58
CA ALA D 24 -34.82 -5.18 -18.92
C ALA D 24 -35.52 -3.82 -18.87
N ARG D 25 -36.74 -3.83 -19.40
CA ARG D 25 -37.64 -2.70 -19.27
C ARG D 25 -37.96 -2.38 -17.79
N ASP D 26 -38.45 -3.35 -17.02
CA ASP D 26 -38.69 -3.10 -15.60
C ASP D 26 -37.43 -2.62 -14.85
N PHE D 27 -36.26 -3.15 -15.22
CA PHE D 27 -34.97 -2.81 -14.57
C PHE D 27 -34.48 -1.38 -14.88
N GLY D 28 -34.94 -0.79 -15.97
CA GLY D 28 -34.52 0.56 -16.35
C GLY D 28 -33.60 0.65 -17.54
N TYR D 29 -33.27 -0.47 -18.16
CA TYR D 29 -32.33 -0.42 -19.30
C TYR D 29 -32.94 0.24 -20.50
N ASP D 30 -32.09 0.88 -21.30
CA ASP D 30 -32.49 1.53 -22.55
C ASP D 30 -32.52 0.57 -23.76
N GLY D 31 -31.81 -0.55 -23.64
CA GLY D 31 -31.70 -1.49 -24.76
C GLY D 31 -31.12 -2.80 -24.36
N LEU D 32 -30.90 -3.63 -25.38
CA LEU D 32 -30.39 -5.01 -25.19
C LEU D 32 -29.17 -5.14 -26.05
N GLU D 33 -28.12 -5.75 -25.49
CA GLU D 33 -27.03 -6.30 -26.30
C GLU D 33 -27.39 -7.79 -26.56
N LEU D 34 -27.87 -8.09 -27.77
CA LEU D 34 -28.40 -9.45 -28.12
C LEU D 34 -27.35 -10.52 -28.34
N ALA D 35 -27.39 -11.53 -27.47
CA ALA D 35 -26.60 -12.77 -27.61
C ALA D 35 -27.15 -13.54 -28.80
N CYS D 36 -26.23 -14.11 -29.57
CA CYS D 36 -26.64 -14.89 -30.74
C CYS D 36 -26.92 -16.35 -30.41
N TRP D 37 -27.57 -16.57 -29.27
CA TRP D 37 -27.95 -17.90 -28.83
C TRP D 37 -29.29 -17.84 -28.09
N GLY D 38 -29.76 -18.96 -27.56
CA GLY D 38 -31.15 -19.09 -27.18
C GLY D 38 -32.06 -18.71 -28.34
N ASP D 39 -33.19 -18.10 -28.03
CA ASP D 39 -34.06 -17.60 -29.09
C ASP D 39 -33.83 -16.08 -29.27
N HIS D 40 -32.75 -15.53 -28.70
CA HIS D 40 -32.55 -14.08 -28.68
C HIS D 40 -32.23 -13.51 -30.07
N PHE D 41 -31.17 -14.01 -30.66
CA PHE D 41 -30.86 -13.64 -32.05
C PHE D 41 -30.32 -14.86 -32.78
N GLU D 42 -31.13 -15.45 -33.65
CA GLU D 42 -30.75 -16.64 -34.38
C GLU D 42 -30.19 -16.26 -35.72
N VAL D 43 -28.88 -16.33 -35.85
CA VAL D 43 -28.23 -15.82 -37.05
C VAL D 43 -28.71 -16.49 -38.36
N ASP D 44 -28.94 -17.82 -38.30
CA ASP D 44 -29.46 -18.58 -39.43
C ASP D 44 -30.85 -18.08 -39.88
N LYS D 45 -31.74 -17.90 -38.93
CA LYS D 45 -33.11 -17.42 -39.18
C LYS D 45 -33.08 -16.00 -39.70
N ALA D 46 -32.18 -15.18 -39.14
CA ALA D 46 -32.01 -13.83 -39.60
C ALA D 46 -31.73 -13.76 -41.11
N LEU D 47 -31.03 -14.75 -41.62
CA LEU D 47 -30.63 -14.75 -43.02
C LEU D 47 -31.61 -15.49 -43.92
N ALA D 48 -32.26 -16.54 -43.40
CA ALA D 48 -33.16 -17.40 -44.18
C ALA D 48 -34.56 -16.80 -44.27
N ASP D 49 -35.08 -16.33 -43.13
CA ASP D 49 -36.42 -15.75 -42.99
C ASP D 49 -36.36 -14.21 -43.06
N PRO D 50 -36.78 -13.62 -44.21
CA PRO D 50 -36.65 -12.18 -44.44
C PRO D 50 -37.56 -11.36 -43.50
N SER D 51 -38.45 -12.07 -42.80
CA SER D 51 -39.30 -11.48 -41.79
C SER D 51 -38.67 -11.45 -40.36
N TYR D 52 -37.58 -12.21 -40.16
CA TYR D 52 -37.07 -12.45 -38.81
C TYR D 52 -36.47 -11.19 -38.14
N VAL D 53 -35.70 -10.46 -38.90
CA VAL D 53 -35.12 -9.24 -38.37
C VAL D 53 -36.21 -8.26 -37.84
N ASP D 54 -37.31 -8.13 -38.57
CA ASP D 54 -38.45 -7.30 -38.13
C ASP D 54 -39.10 -7.74 -36.85
N SER D 55 -39.18 -9.05 -36.64
CA SER D 55 -39.70 -9.65 -35.43
C SER D 55 -38.89 -9.19 -34.20
N ARG D 56 -37.58 -8.96 -34.41
CA ARG D 56 -36.64 -8.53 -33.36
C ARG D 56 -36.94 -7.09 -33.03
N HIS D 57 -37.06 -6.26 -34.07
CA HIS D 57 -37.38 -4.83 -33.89
C HIS D 57 -38.73 -4.63 -33.22
N GLN D 58 -39.72 -5.39 -33.65
CA GLN D 58 -41.07 -5.26 -33.13
C GLN D 58 -41.14 -5.65 -31.66
N LEU D 59 -40.43 -6.72 -31.27
CA LEU D 59 -40.40 -7.18 -29.88
C LEU D 59 -39.67 -6.17 -28.95
N LEU D 60 -38.48 -5.79 -29.36
CA LEU D 60 -37.75 -4.71 -28.73
C LEU D 60 -38.53 -3.39 -28.59
N ASP D 61 -39.15 -2.95 -29.69
CA ASP D 61 -39.93 -1.72 -29.67
C ASP D 61 -41.15 -1.79 -28.74
N LYS D 62 -41.70 -2.98 -28.58
CA LYS D 62 -42.84 -3.21 -27.70
C LYS D 62 -42.54 -2.90 -26.23
N TYR D 63 -41.28 -3.14 -25.85
CA TYR D 63 -40.81 -2.92 -24.51
C TYR D 63 -40.01 -1.65 -24.34
N GLY D 64 -40.01 -0.80 -25.35
CA GLY D 64 -39.28 0.49 -25.34
C GLY D 64 -37.75 0.33 -25.39
N LEU D 65 -37.29 -0.73 -26.06
CA LEU D 65 -35.87 -1.13 -26.02
C LEU D 65 -35.22 -0.94 -27.37
N LYS D 66 -33.98 -0.50 -27.37
CA LYS D 66 -33.21 -0.43 -28.58
C LYS D 66 -32.10 -1.50 -28.63
N CYS D 67 -31.50 -1.66 -29.77
CA CYS D 67 -30.36 -2.57 -29.89
C CYS D 67 -29.33 -1.90 -30.80
N TRP D 68 -28.09 -1.81 -30.33
CA TRP D 68 -27.06 -1.22 -31.15
C TRP D 68 -25.93 -2.22 -31.45
N ALA D 69 -26.05 -3.46 -30.97
CA ALA D 69 -24.97 -4.43 -31.07
C ALA D 69 -25.49 -5.82 -30.79
N ILE D 70 -24.89 -6.82 -31.45
CA ILE D 70 -25.17 -8.24 -31.18
C ILE D 70 -23.85 -8.93 -30.84
N SER D 71 -23.94 -10.10 -30.20
CA SER D 71 -22.76 -10.76 -29.65
C SER D 71 -22.72 -12.25 -29.97
N ASN D 72 -21.55 -12.73 -30.38
CA ASN D 72 -21.39 -14.18 -30.65
C ASN D 72 -20.05 -14.67 -30.11
N HIS D 73 -19.82 -14.45 -28.82
CA HIS D 73 -18.69 -15.02 -28.14
C HIS D 73 -18.57 -16.54 -28.32
N LEU D 74 -19.72 -17.22 -28.31
CA LEU D 74 -19.75 -18.69 -28.27
C LEU D 74 -19.24 -19.33 -29.57
N VAL D 75 -19.61 -18.78 -30.72
CA VAL D 75 -19.11 -19.28 -32.01
C VAL D 75 -17.71 -18.75 -32.28
N GLY D 76 -17.47 -17.47 -31.93
CA GLY D 76 -16.19 -16.85 -32.17
C GLY D 76 -15.07 -17.60 -31.51
N GLN D 77 -15.32 -18.10 -30.31
CA GLN D 77 -14.32 -18.87 -29.57
C GLN D 77 -13.77 -20.07 -30.40
N ALA D 78 -14.63 -20.68 -31.19
CA ALA D 78 -14.30 -21.92 -31.90
C ALA D 78 -13.53 -21.68 -33.22
N VAL D 79 -13.29 -20.43 -33.59
CA VAL D 79 -12.58 -20.10 -34.81
C VAL D 79 -11.08 -20.45 -34.67
N CYS D 80 -10.41 -20.00 -33.61
CA CYS D 80 -8.97 -20.21 -33.46
C CYS D 80 -8.54 -21.21 -32.41
N ASP D 81 -9.45 -21.63 -31.55
CA ASP D 81 -9.08 -22.57 -30.49
C ASP D 81 -8.39 -23.82 -31.04
N ALA D 82 -7.24 -24.16 -30.44
CA ALA D 82 -6.42 -25.30 -30.85
C ALA D 82 -7.01 -26.58 -30.32
N ILE D 83 -7.60 -26.49 -29.14
CA ILE D 83 -8.19 -27.64 -28.47
C ILE D 83 -9.70 -27.52 -28.55
N ILE D 84 -10.30 -28.24 -29.51
CA ILE D 84 -11.74 -28.28 -29.67
C ILE D 84 -12.31 -29.56 -29.02
N ASP D 85 -13.25 -29.40 -28.10
CA ASP D 85 -13.62 -30.53 -27.29
C ASP D 85 -15.06 -30.35 -26.77
N GLU D 86 -15.43 -31.06 -25.70
CA GLU D 86 -16.82 -31.09 -25.18
C GLU D 86 -17.30 -29.72 -24.69
N ARG D 87 -16.36 -28.90 -24.26
CA ARG D 87 -16.65 -27.54 -23.83
C ARG D 87 -17.19 -26.73 -25.00
N HIS D 88 -16.56 -26.84 -26.16
CA HIS D 88 -17.07 -26.23 -27.39
C HIS D 88 -18.38 -26.90 -27.90
N GLU D 89 -18.46 -28.21 -27.79
CA GLU D 89 -19.71 -28.90 -28.05
C GLU D 89 -20.89 -28.34 -27.28
N ALA D 90 -20.70 -28.05 -25.99
CA ALA D 90 -21.76 -27.50 -25.10
C ALA D 90 -22.17 -26.08 -25.43
N ILE D 91 -21.35 -25.33 -26.13
CA ILE D 91 -21.71 -23.94 -26.42
C ILE D 91 -22.08 -23.67 -27.89
N LEU D 92 -22.03 -24.72 -28.72
CA LEU D 92 -22.23 -24.58 -30.15
C LEU D 92 -23.51 -25.23 -30.57
N PRO D 93 -24.18 -24.65 -31.60
CA PRO D 93 -25.28 -25.37 -32.24
C PRO D 93 -24.72 -26.62 -32.86
N ALA D 94 -25.57 -27.66 -32.91
CA ALA D 94 -25.24 -28.95 -33.47
C ALA D 94 -24.76 -28.84 -34.91
N ARG D 95 -25.29 -27.84 -35.63
CA ARG D 95 -24.94 -27.66 -37.06
C ARG D 95 -23.53 -27.08 -37.19
N ILE D 96 -23.05 -26.42 -36.14
CA ILE D 96 -21.66 -25.95 -36.18
C ILE D 96 -20.67 -27.03 -35.69
N TRP D 97 -21.05 -27.72 -34.61
CA TRP D 97 -20.27 -28.81 -34.07
C TRP D 97 -20.04 -29.90 -35.15
N GLY D 98 -21.12 -30.29 -35.84
CA GLY D 98 -21.06 -31.24 -36.94
C GLY D 98 -20.52 -32.56 -36.45
N ASP D 99 -19.39 -32.98 -37.02
CA ASP D 99 -18.76 -34.26 -36.69
C ASP D 99 -17.81 -34.18 -35.50
N GLY D 100 -17.53 -32.97 -35.04
CA GLY D 100 -16.69 -32.79 -33.86
C GLY D 100 -15.23 -32.64 -34.21
N ASP D 101 -14.89 -32.76 -35.50
CA ASP D 101 -13.50 -32.65 -35.89
C ASP D 101 -13.03 -31.21 -35.62
N ALA D 102 -11.85 -31.08 -35.04
CA ALA D 102 -11.33 -29.76 -34.65
C ALA D 102 -11.38 -28.78 -35.79
N GLU D 103 -10.69 -29.07 -36.91
CA GLU D 103 -10.65 -28.17 -38.03
C GLU D 103 -12.00 -27.92 -38.68
N GLY D 104 -12.87 -28.92 -38.71
CA GLY D 104 -14.19 -28.75 -39.25
C GLY D 104 -14.99 -27.73 -38.47
N VAL D 105 -14.98 -27.85 -37.13
CA VAL D 105 -15.63 -26.92 -36.23
C VAL D 105 -15.10 -25.49 -36.44
N ARG D 106 -13.78 -25.34 -36.54
CA ARG D 106 -13.17 -24.05 -36.83
C ARG D 106 -13.63 -23.41 -38.12
N GLN D 107 -13.76 -24.24 -39.17
CA GLN D 107 -14.24 -23.79 -40.49
C GLN D 107 -15.70 -23.41 -40.45
N ARG D 108 -16.51 -24.21 -39.77
CA ARG D 108 -17.94 -23.91 -39.64
C ARG D 108 -18.22 -22.69 -38.74
N ALA D 109 -17.42 -22.55 -37.69
CA ALA D 109 -17.46 -21.38 -36.83
C ALA D 109 -17.09 -20.06 -37.58
N ALA D 110 -16.00 -20.09 -38.35
CA ALA D 110 -15.65 -18.94 -39.19
C ALA D 110 -16.79 -18.56 -40.17
N ALA D 111 -17.43 -19.55 -40.75
CA ALA D 111 -18.50 -19.34 -41.71
C ALA D 111 -19.67 -18.66 -41.00
N GLU D 112 -19.96 -19.13 -39.80
CA GLU D 112 -21.03 -18.61 -38.98
C GLU D 112 -20.81 -17.14 -38.52
N ILE D 113 -19.56 -16.76 -38.23
CA ILE D 113 -19.23 -15.39 -37.88
C ILE D 113 -19.43 -14.46 -39.05
N LYS D 114 -18.99 -14.89 -40.21
CA LYS D 114 -19.36 -14.23 -41.50
C LYS D 114 -20.85 -13.98 -41.64
N ASP D 115 -21.67 -15.00 -41.39
CA ASP D 115 -23.14 -14.86 -41.38
C ASP D 115 -23.63 -13.95 -40.28
N THR D 116 -22.91 -13.91 -39.16
CA THR D 116 -23.20 -12.96 -38.07
C THR D 116 -23.04 -11.50 -38.53
N ALA D 117 -22.00 -11.18 -39.25
CA ALA D 117 -21.85 -9.84 -39.81
C ALA D 117 -23.01 -9.45 -40.76
N ARG D 118 -23.36 -10.39 -41.67
CA ARG D 118 -24.52 -10.33 -42.56
C ARG D 118 -25.83 -10.14 -41.82
N ALA D 119 -26.10 -10.97 -40.80
CA ALA D 119 -27.27 -10.82 -39.93
C ALA D 119 -27.31 -9.47 -39.21
N ALA D 120 -26.17 -9.01 -38.67
CA ALA D 120 -26.06 -7.66 -38.09
C ALA D 120 -26.46 -6.54 -39.06
N ALA D 121 -25.95 -6.61 -40.30
CA ALA D 121 -26.26 -5.64 -41.34
C ALA D 121 -27.75 -5.64 -41.61
N ARG D 122 -28.37 -6.82 -41.60
CA ARG D 122 -29.83 -6.93 -41.76
C ARG D 122 -30.61 -6.27 -40.63
N LEU D 123 -30.12 -6.43 -39.42
CA LEU D 123 -30.77 -5.87 -38.26
C LEU D 123 -30.54 -4.35 -38.22
N GLY D 124 -29.51 -3.88 -38.93
CA GLY D 124 -29.16 -2.46 -38.92
C GLY D 124 -28.20 -2.03 -37.83
N VAL D 125 -27.46 -2.96 -37.25
CA VAL D 125 -26.47 -2.61 -36.19
C VAL D 125 -25.04 -2.68 -36.77
N ASP D 126 -24.12 -1.89 -36.24
CA ASP D 126 -22.82 -1.81 -36.88
C ASP D 126 -21.69 -2.49 -36.12
N THR D 127 -22.04 -3.21 -35.06
CA THR D 127 -21.04 -3.85 -34.26
C THR D 127 -21.46 -5.23 -33.87
N VAL D 128 -20.55 -6.19 -34.05
CA VAL D 128 -20.65 -7.53 -33.55
C VAL D 128 -19.57 -7.69 -32.44
N ILE D 129 -20.01 -8.06 -31.25
CA ILE D 129 -19.11 -8.39 -30.15
C ILE D 129 -18.80 -9.90 -30.25
N GLY D 130 -17.58 -10.32 -29.95
CA GLY D 130 -17.33 -11.74 -29.87
C GLY D 130 -15.96 -12.07 -29.34
N PHE D 131 -15.58 -13.32 -29.53
CA PHE D 131 -14.28 -13.82 -29.17
C PHE D 131 -13.65 -14.37 -30.49
N THR D 132 -12.34 -14.69 -30.43
CA THR D 132 -11.59 -15.25 -31.54
C THR D 132 -11.13 -16.69 -31.31
N GLY D 133 -11.00 -17.08 -30.03
CA GLY D 133 -10.28 -18.25 -29.66
C GLY D 133 -8.80 -17.97 -29.82
N SER D 134 -7.99 -19.01 -29.74
CA SER D 134 -6.57 -18.82 -29.83
C SER D 134 -5.88 -20.15 -29.99
N ALA D 135 -4.96 -20.22 -30.94
CA ALA D 135 -4.16 -21.44 -31.13
C ALA D 135 -3.05 -21.59 -30.08
N ILE D 136 -2.79 -20.53 -29.31
CA ILE D 136 -1.61 -20.57 -28.43
C ILE D 136 -1.90 -20.31 -26.95
N TRP D 137 -3.18 -20.11 -26.60
CA TRP D 137 -3.58 -19.76 -25.24
C TRP D 137 -3.07 -20.80 -24.24
N HIS D 138 -3.18 -22.07 -24.59
CA HIS D 138 -2.80 -23.20 -23.69
C HIS D 138 -1.31 -23.22 -23.42
N LEU D 139 -0.55 -22.40 -24.17
CA LEU D 139 0.90 -22.29 -24.02
C LEU D 139 1.29 -21.16 -23.03
N VAL D 140 0.28 -20.50 -22.40
CA VAL D 140 0.48 -19.31 -21.54
C VAL D 140 1.55 -19.47 -20.44
N ALA D 141 1.55 -20.66 -19.79
CA ALA D 141 2.47 -20.97 -18.70
C ALA D 141 3.91 -21.17 -19.17
N MSE D 142 4.11 -21.53 -20.44
CA MSE D 142 5.48 -21.64 -20.96
C MSE D 142 6.37 -22.74 -20.32
O MSE D 142 7.60 -22.65 -20.31
CB MSE D 142 6.17 -20.28 -20.91
CG MSE D 142 5.64 -19.28 -21.97
SE MSE D 142 6.69 -17.60 -22.00
CE MSE D 142 8.58 -18.16 -22.00
N PHE D 143 5.72 -23.78 -19.81
CA PHE D 143 6.39 -25.04 -19.52
C PHE D 143 5.43 -26.16 -19.81
N PRO D 144 5.83 -27.11 -20.67
CA PRO D 144 7.15 -27.14 -21.32
C PRO D 144 7.37 -26.03 -22.35
N PRO D 145 8.62 -25.57 -22.55
CA PRO D 145 8.85 -24.37 -23.40
C PRO D 145 8.30 -24.56 -24.83
N ALA D 146 7.75 -23.51 -25.44
CA ALA D 146 7.46 -23.53 -26.89
C ALA D 146 8.39 -22.49 -27.53
N PRO D 147 9.02 -22.84 -28.67
CA PRO D 147 9.83 -21.88 -29.41
C PRO D 147 9.01 -20.64 -29.83
N GLU D 148 9.72 -19.51 -29.95
CA GLU D 148 9.13 -18.23 -30.39
C GLU D 148 8.31 -18.38 -31.67
N SER D 149 8.77 -19.27 -32.56
CA SER D 149 8.12 -19.53 -33.84
C SER D 149 6.72 -20.08 -33.65
N MSE D 150 6.51 -20.94 -32.64
CA MSE D 150 5.19 -21.49 -32.31
C MSE D 150 4.23 -20.34 -31.90
O MSE D 150 3.08 -20.32 -32.34
CB MSE D 150 5.27 -22.56 -31.19
CG MSE D 150 4.40 -23.82 -31.40
SE MSE D 150 4.15 -25.20 -29.87
CE MSE D 150 6.00 -25.96 -29.89
N ILE D 151 4.73 -19.40 -31.10
CA ILE D 151 3.95 -18.24 -30.67
C ILE D 151 3.59 -17.36 -31.90
N GLU D 152 4.58 -17.06 -32.71
CA GLU D 152 4.39 -16.29 -33.90
C GLU D 152 3.35 -16.91 -34.83
N ARG D 153 3.38 -18.25 -34.98
CA ARG D 153 2.40 -18.95 -35.81
C ARG D 153 0.97 -18.88 -35.24
N GLY D 154 0.85 -18.70 -33.92
CA GLY D 154 -0.45 -18.49 -33.24
C GLY D 154 -1.12 -17.21 -33.68
N TYR D 155 -0.36 -16.11 -33.70
CA TYR D 155 -0.82 -14.81 -34.24
C TYR D 155 -1.08 -14.80 -35.74
N GLN D 156 -0.26 -15.53 -36.49
CA GLN D 156 -0.46 -15.68 -37.92
C GLN D 156 -1.69 -16.54 -38.26
N ASP D 157 -1.92 -17.59 -37.49
CA ASP D 157 -3.16 -18.38 -37.54
C ASP D 157 -4.42 -17.54 -37.33
N PHE D 158 -4.36 -16.65 -36.32
CA PHE D 158 -5.44 -15.70 -36.01
C PHE D 158 -5.70 -14.83 -37.25
N ALA D 159 -4.61 -14.27 -37.81
CA ALA D 159 -4.68 -13.45 -39.04
C ALA D 159 -5.25 -14.25 -40.24
N ASP D 160 -4.76 -15.46 -40.45
CA ASP D 160 -5.22 -16.24 -41.61
C ASP D 160 -6.66 -16.71 -41.52
N ARG D 161 -7.15 -16.93 -40.29
CA ARG D 161 -8.57 -17.30 -40.09
C ARG D 161 -9.50 -16.07 -40.05
N TRP D 162 -9.04 -15.02 -39.36
CA TRP D 162 -9.84 -13.81 -39.22
C TRP D 162 -9.81 -12.81 -40.36
N ASN D 163 -8.72 -12.69 -41.13
CA ASN D 163 -8.72 -11.74 -42.27
C ASN D 163 -9.90 -11.97 -43.22
N PRO D 164 -10.14 -13.24 -43.63
CA PRO D 164 -11.31 -13.43 -44.50
C PRO D 164 -12.67 -13.15 -43.86
N ILE D 165 -12.81 -13.37 -42.56
CA ILE D 165 -14.05 -13.08 -41.87
C ILE D 165 -14.23 -11.56 -41.86
N LEU D 166 -13.14 -10.84 -41.59
CA LEU D 166 -13.18 -9.37 -41.50
C LEU D 166 -13.46 -8.73 -42.84
N ASP D 167 -13.00 -9.37 -43.91
CA ASP D 167 -13.35 -8.97 -45.28
C ASP D 167 -14.87 -8.94 -45.46
N VAL D 168 -15.58 -9.90 -44.87
CA VAL D 168 -17.05 -9.88 -44.93
C VAL D 168 -17.66 -8.73 -44.09
N PHE D 169 -17.16 -8.52 -42.85
CA PHE D 169 -17.47 -7.32 -42.03
C PHE D 169 -17.40 -6.03 -42.87
N ASP D 170 -16.24 -5.78 -43.49
CA ASP D 170 -16.04 -4.64 -44.35
C ASP D 170 -17.10 -4.54 -45.45
N ALA D 171 -17.33 -5.62 -46.18
CA ALA D 171 -18.33 -5.66 -47.26
C ALA D 171 -19.75 -5.36 -46.76
N GLU D 172 -20.05 -5.70 -45.50
CA GLU D 172 -21.38 -5.50 -44.93
C GLU D 172 -21.53 -4.17 -44.21
N GLY D 173 -20.41 -3.47 -43.97
CA GLY D 173 -20.42 -2.23 -43.24
C GLY D 173 -20.55 -2.40 -41.74
N VAL D 174 -19.98 -3.48 -41.22
CA VAL D 174 -20.10 -3.86 -39.81
C VAL D 174 -18.67 -3.99 -39.23
N ARG D 175 -18.52 -3.67 -37.93
CA ARG D 175 -17.26 -3.87 -37.20
C ARG D 175 -17.32 -5.03 -36.21
N PHE D 176 -16.16 -5.62 -35.95
CA PHE D 176 -16.05 -6.67 -34.99
C PHE D 176 -15.42 -6.05 -33.76
N ALA D 177 -16.01 -6.32 -32.61
CA ALA D 177 -15.50 -5.84 -31.35
C ALA D 177 -15.03 -7.06 -30.57
N HIS D 178 -13.74 -7.36 -30.69
CA HIS D 178 -13.17 -8.49 -29.95
C HIS D 178 -13.06 -8.18 -28.46
N GLU D 179 -13.54 -9.08 -27.63
CA GLU D 179 -13.46 -8.86 -26.23
C GLU D 179 -12.18 -9.44 -25.65
N VAL D 180 -11.28 -8.52 -25.28
CA VAL D 180 -10.00 -8.85 -24.66
C VAL D 180 -10.29 -9.52 -23.34
N HIS D 181 -9.80 -10.76 -23.24
CA HIS D 181 -10.30 -11.70 -22.27
C HIS D 181 -9.37 -12.92 -22.30
N PRO D 182 -9.11 -13.55 -21.14
CA PRO D 182 -8.32 -14.79 -21.09
C PRO D 182 -8.89 -15.83 -22.06
N SER D 183 -7.99 -16.65 -22.58
CA SER D 183 -8.29 -17.75 -23.50
C SER D 183 -8.46 -17.28 -24.95
N GLU D 184 -8.25 -15.99 -25.17
CA GLU D 184 -8.30 -15.38 -26.50
C GLU D 184 -6.90 -15.03 -26.98
N ILE D 185 -6.78 -14.74 -28.28
CA ILE D 185 -5.49 -14.36 -28.86
C ILE D 185 -5.01 -13.02 -28.26
N ALA D 186 -5.94 -12.14 -27.87
CA ALA D 186 -5.62 -10.88 -27.18
C ALA D 186 -6.38 -10.99 -25.86
N TYR D 187 -5.63 -11.01 -24.75
CA TYR D 187 -6.20 -11.23 -23.42
C TYR D 187 -5.63 -10.19 -22.43
N ASP D 188 -4.74 -9.38 -22.98
CA ASP D 188 -3.75 -8.52 -22.31
C ASP D 188 -3.65 -7.20 -23.01
N TYR D 189 -2.97 -6.27 -22.35
CA TYR D 189 -2.47 -5.08 -23.01
C TYR D 189 -1.50 -5.43 -24.19
N TRP D 190 -0.42 -6.18 -23.90
CA TRP D 190 0.61 -6.43 -24.91
C TRP D 190 0.16 -7.38 -25.99
N THR D 191 -0.66 -8.38 -25.65
CA THR D 191 -1.21 -9.31 -26.68
C THR D 191 -2.30 -8.65 -27.53
N THR D 192 -3.00 -7.65 -26.97
CA THR D 192 -3.84 -6.76 -27.77
C THR D 192 -3.05 -6.03 -28.84
N HIS D 193 -1.94 -5.38 -28.46
CA HIS D 193 -1.03 -4.73 -29.46
C HIS D 193 -0.59 -5.69 -30.56
N ARG D 194 -0.07 -6.85 -30.17
CA ARG D 194 0.40 -7.86 -31.09
C ARG D 194 -0.72 -8.42 -32.01
N ALA D 195 -1.93 -8.68 -31.47
CA ALA D 195 -3.08 -9.10 -32.28
C ALA D 195 -3.54 -8.04 -33.30
N LEU D 196 -3.62 -6.77 -32.87
CA LEU D 196 -3.92 -5.68 -33.82
C LEU D 196 -2.91 -5.60 -34.94
N GLU D 197 -1.63 -5.77 -34.60
CA GLU D 197 -0.57 -5.72 -35.58
C GLU D 197 -0.74 -6.87 -36.55
N ALA D 198 -1.10 -8.04 -36.04
CA ALA D 198 -1.23 -9.25 -36.88
C ALA D 198 -2.23 -9.06 -38.01
N VAL D 199 -3.25 -8.20 -37.82
CA VAL D 199 -4.24 -7.86 -38.87
C VAL D 199 -4.05 -6.47 -39.46
N GLY D 200 -2.82 -5.97 -39.36
CA GLY D 200 -2.41 -4.69 -39.86
C GLY D 200 -3.17 -3.48 -39.35
N HIS D 201 -3.70 -3.54 -38.13
CA HIS D 201 -4.60 -2.47 -37.57
C HIS D 201 -5.81 -2.12 -38.44
N ARG D 202 -6.30 -3.10 -39.21
CA ARG D 202 -7.39 -2.85 -40.12
C ARG D 202 -8.65 -2.46 -39.30
N PRO D 203 -9.43 -1.45 -39.80
CA PRO D 203 -10.50 -0.93 -38.96
C PRO D 203 -11.65 -1.89 -38.63
N ALA D 204 -11.85 -2.93 -39.43
CA ALA D 204 -12.89 -3.94 -39.16
C ALA D 204 -12.66 -4.65 -37.81
N PHE D 205 -11.40 -4.78 -37.40
CA PHE D 205 -11.04 -5.47 -36.14
C PHE D 205 -10.84 -4.49 -34.98
N GLY D 206 -11.88 -4.25 -34.18
CA GLY D 206 -11.68 -3.42 -32.98
C GLY D 206 -11.93 -4.22 -31.70
N LEU D 207 -12.31 -3.53 -30.64
CA LEU D 207 -12.29 -4.11 -29.32
C LEU D 207 -13.56 -3.85 -28.54
N ASN D 208 -13.98 -4.88 -27.80
CA ASN D 208 -15.03 -4.76 -26.81
C ASN D 208 -14.36 -4.62 -25.46
N PHE D 209 -14.58 -3.50 -24.80
CA PHE D 209 -13.90 -3.22 -23.56
C PHE D 209 -14.71 -3.77 -22.37
N ASP D 210 -14.08 -4.68 -21.62
CA ASP D 210 -14.69 -5.22 -20.45
C ASP D 210 -13.61 -5.20 -19.37
N PRO D 211 -13.82 -4.38 -18.31
CA PRO D 211 -12.75 -4.24 -17.33
C PRO D 211 -12.55 -5.38 -16.34
N SER D 212 -13.47 -6.38 -16.28
CA SER D 212 -13.44 -7.41 -15.23
C SER D 212 -12.08 -8.16 -15.13
N HIS D 213 -11.57 -8.69 -16.27
CA HIS D 213 -10.32 -9.44 -16.28
C HIS D 213 -9.06 -8.58 -16.21
N PHE D 214 -9.21 -7.26 -16.35
CA PHE D 214 -8.07 -6.32 -16.06
C PHE D 214 -7.72 -6.36 -14.58
N VAL D 215 -8.71 -6.65 -13.72
CA VAL D 215 -8.51 -6.75 -12.25
C VAL D 215 -7.53 -7.82 -11.78
N TRP D 216 -7.82 -9.10 -12.04
CA TRP D 216 -6.85 -10.10 -11.58
C TRP D 216 -5.46 -10.05 -12.23
N GLN D 217 -5.41 -9.57 -13.47
CA GLN D 217 -4.17 -9.42 -14.26
C GLN D 217 -3.32 -8.16 -13.95
N ASP D 218 -3.86 -7.27 -13.09
CA ASP D 218 -3.24 -6.00 -12.69
C ASP D 218 -3.00 -5.04 -13.86
N LEU D 219 -3.90 -5.09 -14.83
CA LEU D 219 -3.81 -4.22 -15.98
C LEU D 219 -4.60 -2.95 -15.64
N ASP D 220 -4.05 -1.80 -16.02
CA ASP D 220 -4.73 -0.52 -15.91
C ASP D 220 -5.79 -0.41 -17.06
N PRO D 221 -7.11 -0.49 -16.73
CA PRO D 221 -8.17 -0.40 -17.79
C PRO D 221 -8.27 0.97 -18.48
N VAL D 222 -7.88 2.02 -17.73
CA VAL D 222 -7.96 3.42 -18.15
C VAL D 222 -6.86 3.74 -19.16
N GLY D 223 -5.62 3.32 -18.94
CA GLY D 223 -4.54 3.45 -19.97
C GLY D 223 -4.77 2.66 -21.23
N PHE D 224 -5.42 1.50 -21.08
CA PHE D 224 -5.79 0.65 -22.19
C PHE D 224 -6.74 1.42 -23.07
N LEU D 225 -7.76 1.98 -22.43
CA LEU D 225 -8.79 2.81 -23.12
C LEU D 225 -8.13 3.95 -23.89
N TRP D 226 -7.13 4.58 -23.30
CA TRP D 226 -6.39 5.67 -23.94
C TRP D 226 -5.54 5.19 -25.12
N ASP D 227 -4.69 4.19 -24.90
CA ASP D 227 -3.78 3.71 -25.94
C ASP D 227 -4.49 3.05 -27.11
N PHE D 228 -5.67 2.48 -26.89
CA PHE D 228 -6.44 1.82 -27.97
C PHE D 228 -7.73 2.57 -28.33
N ARG D 229 -7.75 3.87 -28.01
CA ARG D 229 -8.92 4.73 -28.17
C ARG D 229 -9.53 4.71 -29.52
N ASP D 230 -8.73 4.51 -30.58
CA ASP D 230 -9.27 4.40 -31.93
C ASP D 230 -9.95 3.07 -32.24
N ARG D 231 -9.86 2.09 -31.31
CA ARG D 231 -10.41 0.75 -31.57
C ARG D 231 -11.35 0.30 -30.46
N ILE D 232 -11.84 1.24 -29.64
CA ILE D 232 -12.80 0.93 -28.61
C ILE D 232 -14.16 0.98 -29.26
N TYR D 233 -14.64 -0.19 -29.69
CA TYR D 233 -15.88 -0.26 -30.44
C TYR D 233 -17.12 -0.55 -29.60
N HIS D 234 -16.94 -1.05 -28.38
CA HIS D 234 -18.07 -1.29 -27.51
C HIS D 234 -17.56 -1.42 -26.08
N VAL D 235 -18.46 -1.35 -25.11
CA VAL D 235 -18.13 -1.36 -23.69
C VAL D 235 -19.12 -2.28 -22.97
N ASP D 236 -18.59 -3.24 -22.21
CA ASP D 236 -19.39 -4.08 -21.33
C ASP D 236 -18.88 -3.92 -19.92
N CYS D 237 -19.69 -3.33 -19.04
CA CYS D 237 -19.34 -3.20 -17.61
C CYS D 237 -19.55 -4.52 -16.90
N LYS D 238 -18.46 -5.20 -16.58
CA LYS D 238 -18.54 -6.44 -15.83
C LYS D 238 -17.60 -6.23 -14.64
N GLU D 239 -18.12 -6.51 -13.46
CA GLU D 239 -17.39 -6.28 -12.22
C GLU D 239 -16.68 -7.53 -11.68
N ALA D 240 -15.53 -7.32 -11.06
CA ALA D 240 -14.73 -8.38 -10.45
C ALA D 240 -14.16 -7.88 -9.08
N ARG D 241 -14.13 -8.77 -8.09
CA ARG D 241 -13.57 -8.50 -6.79
C ARG D 241 -12.42 -9.52 -6.45
N LYS D 242 -11.27 -9.02 -5.96
CA LYS D 242 -10.19 -9.92 -5.45
C LYS D 242 -10.40 -10.21 -3.98
N ARG D 243 -9.98 -11.40 -3.59
CA ARG D 243 -9.80 -11.70 -2.20
C ARG D 243 -8.62 -12.59 -2.06
N LEU D 244 -7.51 -11.91 -1.85
CA LEU D 244 -6.17 -12.47 -1.93
C LEU D 244 -5.59 -12.48 -0.54
N ASP D 245 -5.96 -13.50 0.22
CA ASP D 245 -5.56 -13.67 1.64
C ASP D 245 -4.21 -14.44 1.86
N GLY D 246 -3.37 -14.62 0.81
CA GLY D 246 -2.22 -15.55 0.89
C GLY D 246 -2.42 -17.03 0.55
N ARG D 247 -3.64 -17.54 0.73
CA ARG D 247 -3.97 -18.92 0.33
C ARG D 247 -4.62 -18.88 -1.03
N ASN D 248 -5.63 -18.04 -1.19
CA ASN D 248 -6.32 -17.93 -2.48
C ASN D 248 -5.29 -17.37 -3.47
N GLY D 249 -5.36 -17.80 -4.74
CA GLY D 249 -4.41 -17.31 -5.77
C GLY D 249 -5.01 -16.64 -6.97
N ARG D 250 -4.18 -15.89 -7.72
CA ARG D 250 -4.70 -15.09 -8.85
C ARG D 250 -5.37 -15.91 -9.93
N LEU D 251 -4.98 -17.21 -10.03
CA LEU D 251 -5.53 -18.12 -11.06
C LEU D 251 -6.89 -18.70 -10.72
N GLY D 252 -7.28 -18.75 -9.44
CA GLY D 252 -8.64 -19.17 -9.07
C GLY D 252 -8.71 -20.68 -8.74
N SER D 253 -7.60 -21.40 -8.94
CA SER D 253 -7.46 -22.80 -8.54
C SER D 253 -8.42 -23.80 -9.23
N HIS D 254 -8.90 -23.49 -10.45
CA HIS D 254 -9.90 -24.31 -11.16
C HIS D 254 -11.13 -24.47 -10.27
N LEU D 255 -11.42 -23.46 -9.46
CA LEU D 255 -12.53 -23.52 -8.50
C LEU D 255 -13.76 -22.80 -9.09
N PRO D 256 -14.97 -23.32 -8.77
CA PRO D 256 -16.20 -22.80 -9.39
C PRO D 256 -16.49 -21.40 -8.91
N TRP D 257 -17.12 -20.60 -9.76
CA TRP D 257 -17.55 -19.25 -9.39
C TRP D 257 -18.34 -19.34 -8.07
N GLY D 258 -18.09 -18.38 -7.18
CA GLY D 258 -18.76 -18.39 -5.88
C GLY D 258 -17.97 -19.09 -4.79
N ASP D 259 -17.01 -19.94 -5.17
CA ASP D 259 -16.17 -20.57 -4.16
C ASP D 259 -15.26 -19.49 -3.46
N PRO D 260 -15.32 -19.40 -2.13
CA PRO D 260 -14.50 -18.34 -1.48
C PRO D 260 -13.01 -18.57 -1.47
N ARG D 261 -12.58 -19.70 -1.98
CA ARG D 261 -11.16 -20.00 -2.05
C ARG D 261 -10.51 -19.43 -3.33
N ARG D 262 -11.33 -18.86 -4.21
CA ARG D 262 -10.85 -18.23 -5.43
C ARG D 262 -10.23 -16.90 -5.07
N GLY D 263 -9.07 -16.62 -5.64
CA GLY D 263 -8.42 -15.31 -5.52
C GLY D 263 -9.17 -14.11 -6.05
N TRP D 264 -10.07 -14.32 -7.03
CA TRP D 264 -10.93 -13.27 -7.53
C TRP D 264 -12.23 -13.95 -8.02
N ASP D 265 -13.31 -13.16 -8.11
CA ASP D 265 -14.58 -13.66 -8.64
C ASP D 265 -15.35 -12.51 -9.27
N PHE D 266 -16.25 -12.84 -10.20
CA PHE D 266 -17.26 -11.88 -10.64
C PHE D 266 -18.27 -11.52 -9.52
N VAL D 267 -18.56 -10.23 -9.39
CA VAL D 267 -19.58 -9.71 -8.46
C VAL D 267 -20.37 -8.61 -9.20
N SER D 268 -21.56 -8.31 -8.71
CA SER D 268 -22.38 -7.24 -9.28
C SER D 268 -21.70 -5.86 -9.17
N ALA D 269 -21.99 -4.94 -10.09
CA ALA D 269 -21.26 -3.65 -10.17
C ALA D 269 -21.34 -2.85 -8.85
N GLY D 270 -20.23 -2.23 -8.46
CA GLY D 270 -20.15 -1.56 -7.16
C GLY D 270 -19.63 -2.43 -6.03
N HIS D 271 -19.76 -3.75 -6.17
CA HIS D 271 -19.30 -4.72 -5.14
C HIS D 271 -17.85 -5.23 -5.28
N GLY D 272 -17.17 -4.80 -6.33
CA GLY D 272 -15.79 -5.24 -6.64
C GLY D 272 -14.75 -4.10 -6.72
N ASP D 273 -13.78 -4.23 -7.62
CA ASP D 273 -12.61 -3.41 -7.61
C ASP D 273 -12.43 -2.57 -8.89
N VAL D 274 -13.26 -2.76 -9.91
CA VAL D 274 -13.07 -1.99 -11.15
C VAL D 274 -13.19 -0.48 -10.85
N PRO D 275 -12.21 0.33 -11.33
CA PRO D 275 -12.25 1.78 -11.04
C PRO D 275 -13.22 2.56 -11.95
N TRP D 276 -14.52 2.43 -11.70
CA TRP D 276 -15.56 3.04 -12.54
C TRP D 276 -15.45 4.52 -12.73
N GLU D 277 -15.02 5.23 -11.69
CA GLU D 277 -14.85 6.68 -11.78
C GLU D 277 -13.93 7.03 -12.93
N ASP D 278 -12.75 6.44 -12.92
CA ASP D 278 -11.79 6.67 -13.99
C ASP D 278 -12.22 6.14 -15.36
N VAL D 279 -12.78 4.93 -15.39
CA VAL D 279 -13.28 4.35 -16.63
C VAL D 279 -14.28 5.30 -17.30
N PHE D 280 -15.29 5.75 -16.58
CA PHE D 280 -16.31 6.59 -17.23
C PHE D 280 -15.77 7.91 -17.69
N ARG D 281 -14.87 8.50 -16.88
CA ARG D 281 -14.25 9.77 -17.23
C ARG D 281 -13.43 9.56 -18.52
N MSE D 282 -12.75 8.43 -18.60
CA MSE D 282 -11.93 8.15 -19.76
C MSE D 282 -12.76 7.88 -21.02
O MSE D 282 -12.36 8.27 -22.08
CB MSE D 282 -10.91 7.03 -19.47
CG MSE D 282 -10.05 6.69 -20.65
SE MSE D 282 -8.89 8.22 -21.21
CE MSE D 282 -7.40 8.12 -19.92
N LEU D 283 -13.92 7.22 -20.90
CA LEU D 283 -14.79 7.06 -22.07
C LEU D 283 -15.18 8.41 -22.68
N ARG D 284 -15.43 9.42 -21.84
CA ARG D 284 -15.71 10.77 -22.33
C ARG D 284 -14.49 11.40 -22.97
N SER D 285 -13.33 11.32 -22.31
CA SER D 285 -12.08 11.83 -22.88
C SER D 285 -11.73 11.22 -24.28
N ILE D 286 -12.08 9.95 -24.42
CA ILE D 286 -11.81 9.15 -25.61
C ILE D 286 -12.93 9.35 -26.66
N ASP D 287 -13.97 10.10 -26.28
CA ASP D 287 -15.11 10.32 -27.20
C ASP D 287 -15.80 9.00 -27.63
N TYR D 288 -15.95 8.07 -26.68
CA TYR D 288 -16.72 6.86 -26.94
C TYR D 288 -18.21 7.20 -26.89
N GLN D 289 -18.92 6.95 -27.99
CA GLN D 289 -20.29 7.39 -28.12
C GLN D 289 -21.27 6.21 -28.28
N GLY D 290 -20.80 4.99 -28.05
CA GLY D 290 -21.68 3.83 -28.12
C GLY D 290 -22.45 3.65 -26.83
N PRO D 291 -23.22 2.54 -26.75
CA PRO D 291 -23.97 2.24 -25.54
C PRO D 291 -23.01 1.74 -24.44
N VAL D 292 -23.49 1.78 -23.20
CA VAL D 292 -22.77 1.21 -22.12
C VAL D 292 -23.55 -0.03 -21.74
N SER D 293 -22.96 -1.18 -22.00
CA SER D 293 -23.65 -2.39 -21.78
C SER D 293 -23.25 -2.96 -20.44
N VAL D 294 -24.16 -3.73 -19.87
CA VAL D 294 -23.93 -4.40 -18.60
C VAL D 294 -24.07 -5.92 -18.78
N GLU D 295 -22.97 -6.63 -18.47
CA GLU D 295 -22.96 -8.10 -18.43
C GLU D 295 -23.03 -8.48 -16.97
N TRP D 296 -24.18 -9.00 -16.55
CA TRP D 296 -24.41 -9.18 -15.14
C TRP D 296 -23.96 -10.59 -14.75
N GLU D 297 -23.18 -10.66 -13.67
CA GLU D 297 -22.71 -11.93 -13.19
C GLU D 297 -22.18 -11.82 -11.74
N ASP D 298 -22.65 -12.71 -10.89
CA ASP D 298 -22.29 -12.77 -9.48
C ASP D 298 -22.88 -14.03 -8.96
N ALA D 299 -22.09 -15.07 -8.78
CA ALA D 299 -22.61 -16.31 -8.23
C ALA D 299 -23.14 -16.19 -6.78
N GLY D 300 -22.79 -15.12 -6.06
CA GLY D 300 -23.34 -14.92 -4.71
C GLY D 300 -24.65 -14.17 -4.62
N MSE D 301 -25.30 -13.91 -5.74
CA MSE D 301 -26.45 -13.07 -5.78
C MSE D 301 -27.40 -13.57 -6.85
O MSE D 301 -27.00 -14.23 -7.83
CB MSE D 301 -25.97 -11.67 -6.13
CG MSE D 301 -26.82 -10.56 -5.68
SE MSE D 301 -25.91 -8.82 -6.07
CE MSE D 301 -24.49 -8.94 -4.83
N ASP D 302 -28.68 -13.26 -6.63
CA ASP D 302 -29.76 -13.44 -7.60
C ASP D 302 -29.78 -12.33 -8.67
N ARG D 303 -29.80 -12.74 -9.95
CA ARG D 303 -29.81 -11.75 -11.07
C ARG D 303 -30.93 -10.70 -11.08
N LEU D 304 -32.08 -11.09 -10.53
CA LEU D 304 -33.33 -10.30 -10.56
C LEU D 304 -33.23 -9.14 -9.60
N GLN D 305 -32.43 -9.30 -8.54
CA GLN D 305 -32.00 -8.25 -7.64
C GLN D 305 -30.73 -7.51 -8.18
N GLY D 306 -29.72 -8.25 -8.66
CA GLY D 306 -28.43 -7.65 -9.08
C GLY D 306 -28.45 -6.80 -10.34
N ALA D 307 -29.13 -7.27 -11.41
CA ALA D 307 -29.23 -6.53 -12.69
C ALA D 307 -29.79 -5.11 -12.59
N PRO D 308 -30.94 -4.91 -11.92
CA PRO D 308 -31.35 -3.50 -11.72
C PRO D 308 -30.45 -2.68 -10.74
N GLU D 309 -29.91 -3.30 -9.69
CA GLU D 309 -29.04 -2.55 -8.75
C GLU D 309 -27.77 -2.09 -9.43
N ALA D 310 -27.19 -2.97 -10.27
CA ALA D 310 -25.97 -2.70 -11.03
C ALA D 310 -26.15 -1.53 -11.94
N LEU D 311 -27.31 -1.44 -12.58
CA LEU D 311 -27.65 -0.30 -13.43
C LEU D 311 -27.63 0.99 -12.62
N THR D 312 -28.37 1.04 -11.51
CA THR D 312 -28.27 2.19 -10.58
C THR D 312 -26.83 2.54 -10.13
N ARG D 313 -26.02 1.53 -9.78
CA ARG D 313 -24.64 1.80 -9.29
C ARG D 313 -23.76 2.37 -10.39
N LEU D 314 -23.97 1.89 -11.60
CA LEU D 314 -23.18 2.34 -12.75
C LEU D 314 -23.58 3.74 -13.21
N LYS D 315 -24.87 4.05 -13.12
CA LYS D 315 -25.36 5.41 -13.50
C LYS D 315 -24.84 6.52 -12.57
N ALA D 316 -24.45 6.19 -11.35
CA ALA D 316 -23.78 7.17 -10.46
C ALA D 316 -22.45 7.66 -11.05
N PHE D 317 -21.93 6.99 -12.10
CA PHE D 317 -20.69 7.42 -12.78
C PHE D 317 -20.97 8.04 -14.14
N ASP D 318 -22.22 8.05 -14.55
CA ASP D 318 -22.59 8.61 -15.82
C ASP D 318 -23.05 10.06 -15.62
N PHE D 319 -22.19 11.02 -15.93
CA PHE D 319 -22.53 12.41 -15.63
C PHE D 319 -22.73 13.13 -16.93
N GLU D 320 -23.61 14.12 -16.87
CA GLU D 320 -23.82 15.07 -17.93
C GLU D 320 -22.50 15.79 -18.22
N PRO D 321 -22.18 15.98 -19.50
CA PRO D 321 -20.98 16.77 -19.83
C PRO D 321 -21.24 18.26 -19.52
N PRO D 322 -20.18 19.06 -19.33
CA PRO D 322 -20.42 20.51 -19.20
C PRO D 322 -20.86 21.20 -20.51
N SER D 323 -21.70 22.24 -20.36
CA SER D 323 -22.06 23.14 -21.48
C SER D 323 -21.00 24.23 -21.71
N PRO E 2 33.06 8.64 13.23
CA PRO E 2 31.77 7.92 13.44
C PRO E 2 31.17 8.19 14.81
N ARG E 3 29.96 7.70 15.04
CA ARG E 3 29.34 7.80 16.37
C ARG E 3 29.97 6.72 17.25
N ASN E 4 29.88 6.86 18.57
CA ASN E 4 30.22 5.78 19.50
C ASN E 4 29.08 4.78 19.66
N PHE E 5 29.39 3.51 19.50
CA PHE E 5 28.42 2.46 19.63
C PHE E 5 28.70 1.63 20.85
N THR E 6 27.62 1.29 21.51
CA THR E 6 27.66 0.63 22.79
C THR E 6 26.78 -0.64 22.72
N LEU E 7 27.15 -1.67 23.49
CA LEU E 7 26.34 -2.84 23.68
C LEU E 7 25.59 -2.75 25.03
N PHE E 8 24.27 -2.93 25.01
CA PHE E 8 23.48 -3.13 26.24
C PHE E 8 23.73 -4.51 26.80
N THR E 9 23.96 -4.53 28.09
CA THR E 9 24.51 -5.66 28.81
C THR E 9 23.39 -6.54 29.39
N GLY E 10 22.14 -6.08 29.35
CA GLY E 10 21.05 -6.80 29.99
C GLY E 10 20.91 -8.22 29.47
N GLN E 11 20.98 -8.43 28.15
CA GLN E 11 20.90 -9.76 27.52
C GLN E 11 22.09 -10.64 27.74
N TRP E 12 23.07 -10.15 28.51
CA TRP E 12 24.36 -10.83 28.77
C TRP E 12 24.64 -10.92 30.27
N ALA E 13 23.61 -10.65 31.09
CA ALA E 13 23.74 -10.64 32.54
C ALA E 13 23.99 -12.07 33.11
N ASP E 14 23.77 -13.09 32.28
CA ASP E 14 24.14 -14.45 32.65
C ASP E 14 25.66 -14.59 32.70
N LEU E 15 26.37 -13.64 32.09
CA LEU E 15 27.83 -13.72 32.02
C LEU E 15 28.49 -12.74 32.97
N PRO E 16 29.71 -13.09 33.46
CA PRO E 16 30.50 -12.12 34.22
C PRO E 16 30.85 -10.95 33.33
N LEU E 17 30.88 -9.75 33.89
CA LEU E 17 31.16 -8.54 33.11
C LEU E 17 32.46 -8.64 32.28
N GLU E 18 33.50 -9.25 32.84
CA GLU E 18 34.76 -9.37 32.10
C GLU E 18 34.57 -10.13 30.77
N GLU E 19 33.81 -11.20 30.77
CA GLU E 19 33.52 -11.92 29.52
C GLU E 19 32.70 -11.08 28.53
N VAL E 20 31.71 -10.34 29.02
CA VAL E 20 30.96 -9.33 28.19
C VAL E 20 31.88 -8.22 27.59
N CYS E 21 32.76 -7.64 28.41
CA CYS E 21 33.82 -6.71 27.91
C CYS E 21 34.66 -7.28 26.75
N ARG E 22 35.13 -8.49 26.96
CA ARG E 22 35.93 -9.24 26.01
C ARG E 22 35.14 -9.49 24.73
N LEU E 23 33.89 -9.96 24.86
CA LEU E 23 33.00 -10.07 23.65
C LEU E 23 32.72 -8.76 22.92
N ALA E 24 32.30 -7.72 23.67
CA ALA E 24 32.07 -6.38 23.11
C ALA E 24 33.31 -5.81 22.39
N ARG E 25 34.50 -5.98 22.97
CA ARG E 25 35.73 -5.60 22.28
C ARG E 25 35.89 -6.38 20.95
N ASP E 26 35.80 -7.72 21.00
CA ASP E 26 35.88 -8.55 19.78
C ASP E 26 34.79 -8.23 18.75
N PHE E 27 33.59 -7.85 19.21
CA PHE E 27 32.53 -7.46 18.29
C PHE E 27 32.75 -6.09 17.62
N GLY E 28 33.64 -5.26 18.19
CA GLY E 28 33.95 -3.92 17.65
C GLY E 28 33.22 -2.77 18.32
N TYR E 29 32.60 -3.03 19.46
CA TYR E 29 31.87 -1.97 20.17
C TYR E 29 32.83 -1.00 20.82
N ASP E 30 32.40 0.23 21.00
CA ASP E 30 33.23 1.25 21.61
C ASP E 30 33.02 1.29 23.12
N GLY E 31 31.89 0.76 23.62
CA GLY E 31 31.59 0.78 25.05
C GLY E 31 30.44 -0.14 25.44
N LEU E 32 30.01 0.00 26.69
CA LEU E 32 28.94 -0.79 27.29
C LEU E 32 27.87 0.10 27.89
N GLU E 33 26.62 -0.29 27.71
CA GLU E 33 25.55 0.30 28.50
C GLU E 33 25.33 -0.71 29.63
N LEU E 34 25.76 -0.33 30.85
CA LEU E 34 25.80 -1.26 31.97
C LEU E 34 24.43 -1.51 32.61
N ALA E 35 23.98 -2.76 32.53
CA ALA E 35 22.79 -3.18 33.24
C ALA E 35 23.12 -3.18 34.74
N CYS E 36 22.20 -2.65 35.55
CA CYS E 36 22.38 -2.67 37.00
C CYS E 36 21.98 -3.99 37.63
N TRP E 37 22.35 -5.08 36.98
CA TRP E 37 22.14 -6.41 37.54
C TRP E 37 23.24 -7.39 37.13
N GLY E 38 23.12 -8.66 37.58
CA GLY E 38 24.19 -9.63 37.45
C GLY E 38 25.37 -9.09 38.28
N ASP E 39 26.58 -9.30 37.78
CA ASP E 39 27.73 -8.65 38.35
C ASP E 39 28.13 -7.39 37.55
N HIS E 40 27.25 -6.90 36.67
CA HIS E 40 27.64 -5.82 35.76
C HIS E 40 27.78 -4.46 36.45
N PHE E 41 26.71 -4.01 37.09
CA PHE E 41 26.80 -2.81 37.88
C PHE E 41 25.91 -2.99 39.09
N GLU E 42 26.52 -3.17 40.25
CA GLU E 42 25.77 -3.36 41.48
C GLU E 42 25.64 -2.03 42.25
N VAL E 43 24.44 -1.48 42.25
CA VAL E 43 24.23 -0.12 42.77
C VAL E 43 24.67 0.06 44.23
N ASP E 44 24.33 -0.95 45.03
CA ASP E 44 24.64 -0.98 46.46
C ASP E 44 26.14 -1.00 46.74
N LYS E 45 26.89 -1.79 45.98
CA LYS E 45 28.35 -1.86 46.12
C LYS E 45 29.00 -0.53 45.66
N ALA E 46 28.43 0.07 44.61
CA ALA E 46 28.95 1.32 44.06
C ALA E 46 28.97 2.42 45.10
N LEU E 47 27.98 2.40 45.98
CA LEU E 47 27.82 3.39 47.03
C LEU E 47 28.48 3.02 48.38
N ALA E 48 28.56 1.71 48.69
CA ALA E 48 29.11 1.19 49.95
C ALA E 48 30.64 1.00 49.94
N ASP E 49 31.16 0.49 48.82
CA ASP E 49 32.57 0.15 48.62
C ASP E 49 33.19 1.25 47.81
N PRO E 50 34.13 2.02 48.43
CA PRO E 50 34.74 3.19 47.76
C PRO E 50 35.56 2.81 46.55
N SER E 51 35.95 1.55 46.48
CA SER E 51 36.75 1.11 45.35
C SER E 51 35.94 0.51 44.16
N TYR E 52 34.65 0.31 44.34
CA TYR E 52 33.81 -0.41 43.35
C TYR E 52 33.74 0.24 41.98
N VAL E 53 33.43 1.53 41.98
CA VAL E 53 33.34 2.31 40.74
C VAL E 53 34.66 2.23 39.92
N ASP E 54 35.79 2.39 40.59
CA ASP E 54 37.11 2.28 39.96
C ASP E 54 37.38 0.90 39.37
N SER E 55 36.89 -0.15 40.04
CA SER E 55 36.95 -1.51 39.52
C SER E 55 36.22 -1.65 38.16
N ARG E 56 35.10 -0.95 38.02
CA ARG E 56 34.34 -0.86 36.77
C ARG E 56 35.15 -0.16 35.71
N HIS E 57 35.68 1.01 36.01
CA HIS E 57 36.56 1.75 35.08
C HIS E 57 37.77 0.93 34.58
N GLN E 58 38.46 0.31 35.51
CA GLN E 58 39.65 -0.50 35.25
C GLN E 58 39.33 -1.70 34.32
N LEU E 59 38.25 -2.41 34.60
CA LEU E 59 37.81 -3.50 33.72
C LEU E 59 37.50 -3.01 32.31
N LEU E 60 36.58 -2.04 32.19
CA LEU E 60 36.24 -1.49 30.88
C LEU E 60 37.45 -0.97 30.14
N ASP E 61 38.35 -0.24 30.84
CA ASP E 61 39.57 0.33 30.22
C ASP E 61 40.52 -0.75 29.72
N LYS E 62 40.58 -1.85 30.43
CA LYS E 62 41.42 -2.99 30.04
C LYS E 62 40.97 -3.54 28.70
N TYR E 63 39.67 -3.42 28.39
CA TYR E 63 39.14 -3.92 27.13
C TYR E 63 38.95 -2.88 26.07
N GLY E 64 39.45 -1.65 26.31
CA GLY E 64 39.25 -0.51 25.38
C GLY E 64 37.82 0.06 25.30
N LEU E 65 37.05 -0.10 26.38
CA LEU E 65 35.63 0.27 26.39
C LEU E 65 35.33 1.45 27.30
N LYS E 66 34.34 2.25 26.91
CA LYS E 66 33.82 3.33 27.73
C LYS E 66 32.40 3.00 28.18
N CYS E 67 31.93 3.77 29.15
CA CYS E 67 30.54 3.66 29.55
C CYS E 67 30.01 5.12 29.68
N TRP E 68 28.85 5.39 29.08
CA TRP E 68 28.17 6.67 29.16
C TRP E 68 26.81 6.58 29.87
N ALA E 69 26.41 5.37 30.21
CA ALA E 69 25.09 5.14 30.72
C ALA E 69 25.01 3.80 31.41
N ILE E 70 24.21 3.74 32.46
CA ILE E 70 23.79 2.52 33.15
C ILE E 70 22.24 2.41 33.07
N SER E 71 21.72 1.20 33.25
CA SER E 71 20.27 0.96 33.08
C SER E 71 19.71 0.18 34.24
N ASN E 72 18.56 0.62 34.73
CA ASN E 72 17.89 -0.12 35.80
C ASN E 72 16.39 -0.34 35.51
N HIS E 73 16.10 -0.92 34.35
CA HIS E 73 14.72 -1.30 33.96
C HIS E 73 14.01 -2.15 35.01
N LEU E 74 14.76 -3.05 35.61
CA LEU E 74 14.21 -4.12 36.45
C LEU E 74 13.65 -3.58 37.75
N VAL E 75 14.42 -2.71 38.38
CA VAL E 75 13.97 -2.07 39.59
C VAL E 75 12.96 -0.95 39.28
N GLY E 76 13.20 -0.17 38.21
CA GLY E 76 12.28 0.92 37.85
C GLY E 76 10.83 0.46 37.65
N GLN E 77 10.66 -0.74 37.05
CA GLN E 77 9.38 -1.32 36.75
C GLN E 77 8.48 -1.40 37.98
N ALA E 78 9.11 -1.70 39.12
CA ALA E 78 8.44 -1.94 40.40
C ALA E 78 8.09 -0.67 41.21
N VAL E 79 8.42 0.50 40.68
CA VAL E 79 8.06 1.78 41.33
C VAL E 79 6.56 2.02 41.15
N CYS E 80 6.01 1.84 39.94
CA CYS E 80 4.63 2.26 39.74
C CYS E 80 3.63 1.13 39.49
N ASP E 81 4.13 -0.09 39.29
CA ASP E 81 3.26 -1.18 38.90
C ASP E 81 2.15 -1.40 39.96
N ALA E 82 0.93 -1.48 39.48
CA ALA E 82 -0.21 -1.72 40.35
C ALA E 82 -0.20 -3.17 40.87
N ILE E 83 0.22 -4.08 40.00
CA ILE E 83 0.15 -5.52 40.23
C ILE E 83 1.59 -5.98 40.46
N ILE E 84 1.97 -6.09 41.72
CA ILE E 84 3.29 -6.56 42.15
C ILE E 84 3.19 -8.05 42.48
N ASP E 85 3.96 -8.87 41.80
CA ASP E 85 3.77 -10.32 42.00
C ASP E 85 5.03 -11.09 41.70
N GLU E 86 4.89 -12.39 41.45
CA GLU E 86 6.00 -13.27 41.19
C GLU E 86 6.83 -12.81 40.02
N ARG E 87 6.23 -12.12 39.04
CA ARG E 87 7.09 -11.57 37.97
C ARG E 87 8.13 -10.51 38.50
N HIS E 88 7.69 -9.67 39.41
CA HIS E 88 8.56 -8.64 40.00
C HIS E 88 9.57 -9.33 40.91
N GLU E 89 9.10 -10.29 41.71
CA GLU E 89 10.00 -11.11 42.53
C GLU E 89 11.18 -11.69 41.75
N ALA E 90 10.92 -12.17 40.54
CA ALA E 90 11.95 -12.81 39.75
C ALA E 90 13.03 -11.83 39.23
N ILE E 91 12.70 -10.52 39.22
CA ILE E 91 13.57 -9.51 38.62
C ILE E 91 14.22 -8.56 39.62
N LEU E 92 13.89 -8.74 40.89
CA LEU E 92 14.35 -7.86 41.96
C LEU E 92 15.35 -8.59 42.87
N PRO E 93 16.29 -7.86 43.52
CA PRO E 93 17.07 -8.58 44.51
C PRO E 93 16.20 -8.77 45.72
N ALA E 94 16.49 -9.79 46.52
CA ALA E 94 15.68 -10.07 47.69
C ALA E 94 15.51 -8.86 48.66
N ARG E 95 16.49 -7.98 48.75
CA ARG E 95 16.42 -6.78 49.61
C ARG E 95 15.34 -5.77 49.18
N ILE E 96 15.10 -5.71 47.87
CA ILE E 96 14.03 -4.86 47.36
C ILE E 96 12.68 -5.60 47.48
N TRP E 97 12.65 -6.88 47.10
CA TRP E 97 11.41 -7.67 47.24
C TRP E 97 10.93 -7.70 48.68
N GLY E 98 11.87 -7.94 49.62
CA GLY E 98 11.56 -7.88 51.06
C GLY E 98 10.47 -8.89 51.41
N ASP E 99 9.43 -8.44 52.12
CA ASP E 99 8.28 -9.32 52.37
C ASP E 99 7.32 -9.54 51.20
N GLY E 100 7.51 -8.84 50.08
CA GLY E 100 6.62 -9.02 48.95
C GLY E 100 5.33 -8.23 48.99
N ASP E 101 5.12 -7.47 50.07
CA ASP E 101 4.01 -6.49 50.11
C ASP E 101 4.15 -5.41 49.02
N ALA E 102 3.11 -5.25 48.21
CA ALA E 102 3.15 -4.38 47.03
C ALA E 102 3.65 -2.94 47.30
N GLU E 103 2.99 -2.24 48.22
CA GLU E 103 3.42 -0.90 48.59
C GLU E 103 4.84 -0.87 49.10
N GLY E 104 5.20 -1.80 49.98
CA GLY E 104 6.58 -1.83 50.47
C GLY E 104 7.59 -2.02 49.35
N VAL E 105 7.27 -2.87 48.38
CA VAL E 105 8.15 -3.10 47.21
C VAL E 105 8.35 -1.77 46.41
N ARG E 106 7.22 -1.10 46.11
CA ARG E 106 7.19 0.11 45.36
C ARG E 106 8.07 1.21 45.99
N GLN E 107 8.04 1.27 47.31
CA GLN E 107 8.81 2.24 48.07
C GLN E 107 10.30 1.87 48.12
N ARG E 108 10.60 0.58 48.35
CA ARG E 108 11.98 0.12 48.29
C ARG E 108 12.57 0.28 46.90
N ALA E 109 11.77 0.07 45.88
CA ALA E 109 12.19 0.24 44.48
C ALA E 109 12.50 1.71 44.20
N ALA E 110 11.65 2.60 44.70
CA ALA E 110 11.90 4.06 44.61
C ALA E 110 13.24 4.50 45.26
N ALA E 111 13.52 3.98 46.47
CA ALA E 111 14.78 4.22 47.19
C ALA E 111 16.00 3.77 46.38
N GLU E 112 15.83 2.64 45.71
CA GLU E 112 16.90 2.05 44.93
C GLU E 112 17.17 2.80 43.61
N ILE E 113 16.12 3.34 42.96
CA ILE E 113 16.34 4.23 41.79
C ILE E 113 17.06 5.53 42.21
N LYS E 114 16.64 6.13 43.34
CA LYS E 114 17.39 7.25 43.97
C LYS E 114 18.87 6.90 44.12
N ASP E 115 19.16 5.69 44.64
CA ASP E 115 20.54 5.24 44.81
C ASP E 115 21.24 5.00 43.49
N THR E 116 20.47 4.55 42.49
CA THR E 116 21.00 4.38 41.10
C THR E 116 21.52 5.69 40.52
N ALA E 117 20.78 6.77 40.71
CA ALA E 117 21.26 8.09 40.28
C ALA E 117 22.53 8.49 41.03
N ARG E 118 22.57 8.31 42.36
CA ARG E 118 23.81 8.48 43.17
C ARG E 118 25.00 7.66 42.67
N ALA E 119 24.74 6.40 42.35
CA ALA E 119 25.75 5.48 41.84
C ALA E 119 26.27 5.91 40.47
N ALA E 120 25.35 6.42 39.63
CA ALA E 120 25.70 6.92 38.30
C ALA E 120 26.62 8.11 38.39
N ALA E 121 26.24 9.09 39.24
CA ALA E 121 27.12 10.24 39.52
C ALA E 121 28.54 9.82 39.99
N ARG E 122 28.63 8.89 40.95
CA ARG E 122 29.93 8.30 41.34
C ARG E 122 30.76 7.72 40.20
N LEU E 123 30.09 6.99 39.32
CA LEU E 123 30.70 6.39 38.13
C LEU E 123 31.09 7.45 37.11
N GLY E 124 30.42 8.61 37.15
CA GLY E 124 30.73 9.70 36.22
C GLY E 124 29.89 9.72 34.93
N VAL E 125 28.78 8.95 34.90
CA VAL E 125 27.86 8.99 33.73
C VAL E 125 26.69 9.96 34.00
N ASP E 126 26.11 10.57 32.99
CA ASP E 126 25.01 11.52 33.25
C ASP E 126 23.65 11.00 32.90
N THR E 127 23.57 9.71 32.54
CA THR E 127 22.28 9.09 32.21
C THR E 127 22.02 7.77 32.90
N VAL E 128 20.81 7.65 33.45
CA VAL E 128 20.30 6.33 33.85
C VAL E 128 19.07 5.98 32.98
N ILE E 129 19.19 4.90 32.22
CA ILE E 129 18.07 4.31 31.50
C ILE E 129 17.20 3.47 32.45
N GLY E 130 15.89 3.54 32.28
CA GLY E 130 15.01 2.67 33.03
C GLY E 130 13.57 2.62 32.60
N PHE E 131 12.76 2.01 33.46
CA PHE E 131 11.33 1.89 33.33
C PHE E 131 10.72 2.57 34.55
N THR E 132 9.41 2.80 34.53
CA THR E 132 8.68 3.47 35.63
C THR E 132 7.66 2.51 36.26
N GLY E 133 7.28 1.45 35.53
CA GLY E 133 6.01 0.74 35.76
C GLY E 133 4.79 1.65 35.49
N SER E 134 3.61 1.20 35.87
CA SER E 134 2.38 1.93 35.58
C SER E 134 1.25 1.45 36.49
N ALA E 135 0.56 2.36 37.16
CA ALA E 135 -0.64 1.94 37.90
C ALA E 135 -1.82 1.55 36.95
N ILE E 136 -1.75 1.91 35.67
CA ILE E 136 -2.92 1.79 34.78
C ILE E 136 -2.74 0.94 33.51
N TRP E 137 -1.51 0.46 33.28
CA TRP E 137 -1.19 -0.35 32.11
C TRP E 137 -2.25 -1.43 31.87
N HIS E 138 -2.56 -2.16 32.92
CA HIS E 138 -3.44 -3.31 32.89
C HIS E 138 -4.90 -2.93 32.51
N LEU E 139 -5.20 -1.63 32.52
CA LEU E 139 -6.46 -1.07 31.98
C LEU E 139 -6.43 -0.76 30.48
N VAL E 140 -5.35 -1.15 29.78
CA VAL E 140 -5.14 -0.73 28.36
C VAL E 140 -6.30 -1.10 27.39
N ALA E 141 -6.88 -2.29 27.58
CA ALA E 141 -8.03 -2.74 26.76
C ALA E 141 -9.36 -2.02 26.96
N MSE E 142 -9.57 -1.37 28.12
CA MSE E 142 -10.79 -0.57 28.26
C MSE E 142 -12.14 -1.31 28.32
O MSE E 142 -13.22 -0.70 28.34
CB MSE E 142 -10.80 0.57 27.23
CG MSE E 142 -9.71 1.59 27.64
SE MSE E 142 -9.82 3.32 26.70
CE MSE E 142 -11.72 3.80 26.75
N PHE E 143 -12.08 -2.64 28.35
CA PHE E 143 -13.16 -3.42 28.92
C PHE E 143 -12.63 -4.28 30.06
N PRO E 144 -13.29 -4.32 31.24
CA PRO E 144 -14.45 -3.48 31.66
C PRO E 144 -14.04 -2.01 31.78
N PRO E 145 -14.96 -1.07 31.54
CA PRO E 145 -14.58 0.32 31.48
C PRO E 145 -14.01 0.78 32.80
N ALA E 146 -12.95 1.57 32.69
CA ALA E 146 -12.38 2.28 33.82
C ALA E 146 -12.83 3.75 33.69
N PRO E 147 -13.28 4.39 34.79
CA PRO E 147 -13.56 5.82 34.60
C PRO E 147 -12.29 6.65 34.31
N GLU E 148 -12.47 7.81 33.67
CA GLU E 148 -11.40 8.72 33.33
C GLU E 148 -10.65 9.21 34.56
N SER E 149 -11.35 9.31 35.69
CA SER E 149 -10.70 9.66 36.93
C SER E 149 -9.64 8.63 37.38
N MSE E 150 -9.89 7.34 37.11
CA MSE E 150 -8.95 6.24 37.36
C MSE E 150 -7.67 6.36 36.49
O MSE E 150 -6.58 6.14 36.98
CB MSE E 150 -9.64 4.88 37.13
CG MSE E 150 -8.92 3.63 37.62
SE MSE E 150 -9.92 1.87 37.26
CE MSE E 150 -11.68 2.20 38.18
N ILE E 151 -7.84 6.69 35.21
CA ILE E 151 -6.73 6.94 34.29
C ILE E 151 -5.85 8.09 34.78
N GLU E 152 -6.45 9.25 35.02
CA GLU E 152 -5.77 10.41 35.61
C GLU E 152 -4.99 10.13 36.94
N ARG E 153 -5.58 9.38 37.85
CA ARG E 153 -4.90 8.93 39.07
C ARG E 153 -3.61 8.13 38.74
N GLY E 154 -3.62 7.31 37.68
CA GLY E 154 -2.42 6.66 37.17
C GLY E 154 -1.25 7.57 36.83
N TYR E 155 -1.51 8.66 36.10
CA TYR E 155 -0.50 9.69 35.79
C TYR E 155 -0.07 10.51 37.00
N GLN E 156 -1.02 10.80 37.89
CA GLN E 156 -0.75 11.44 39.17
C GLN E 156 0.06 10.55 40.12
N ASP E 157 -0.25 9.25 40.17
CA ASP E 157 0.58 8.25 40.84
C ASP E 157 2.06 8.20 40.31
N PHE E 158 2.21 8.14 38.98
CA PHE E 158 3.52 8.31 38.34
C PHE E 158 4.25 9.58 38.85
N ALA E 159 3.59 10.74 38.79
CA ALA E 159 4.21 12.01 39.20
C ALA E 159 4.55 11.98 40.71
N ASP E 160 3.63 11.48 41.53
CA ASP E 160 3.85 11.45 42.98
C ASP E 160 5.03 10.60 43.43
N ARG E 161 5.25 9.49 42.74
CA ARG E 161 6.32 8.57 43.07
C ARG E 161 7.61 9.00 42.42
N TRP E 162 7.55 9.50 41.18
CA TRP E 162 8.76 9.92 40.44
C TRP E 162 9.31 11.30 40.75
N ASN E 163 8.45 12.28 41.04
CA ASN E 163 8.97 13.60 41.38
C ASN E 163 10.06 13.56 42.47
N PRO E 164 9.85 12.83 43.60
CA PRO E 164 10.95 12.73 44.59
C PRO E 164 12.19 12.01 44.11
N ILE E 165 12.04 11.04 43.21
CA ILE E 165 13.19 10.32 42.64
C ILE E 165 13.98 11.27 41.74
N LEU E 166 13.24 12.03 40.94
CA LEU E 166 13.80 12.99 40.01
C LEU E 166 14.49 14.17 40.72
N ASP E 167 14.08 14.47 41.96
CA ASP E 167 14.71 15.53 42.79
C ASP E 167 16.14 15.12 43.10
N VAL E 168 16.30 13.81 43.33
CA VAL E 168 17.62 13.19 43.60
C VAL E 168 18.50 13.15 42.38
N PHE E 169 17.96 12.74 41.22
CA PHE E 169 18.65 12.91 39.90
C PHE E 169 19.12 14.37 39.68
N ASP E 170 18.24 15.33 39.91
CA ASP E 170 18.63 16.74 39.83
C ASP E 170 19.82 17.11 40.78
N ALA E 171 19.75 16.73 42.06
CA ALA E 171 20.85 16.89 43.04
C ALA E 171 22.18 16.32 42.59
N GLU E 172 22.11 15.11 42.03
CA GLU E 172 23.29 14.37 41.51
C GLU E 172 23.77 14.82 40.14
N GLY E 173 22.98 15.68 39.49
CA GLY E 173 23.27 16.12 38.12
C GLY E 173 23.23 14.96 37.12
N VAL E 174 22.22 14.10 37.26
CA VAL E 174 22.08 12.92 36.40
C VAL E 174 20.71 13.02 35.72
N ARG E 175 20.63 12.51 34.48
CA ARG E 175 19.34 12.42 33.76
C ARG E 175 18.73 11.06 33.92
N PHE E 176 17.40 11.02 33.92
CA PHE E 176 16.73 9.75 33.80
C PHE E 176 16.25 9.64 32.35
N ALA E 177 16.54 8.52 31.67
CA ALA E 177 16.08 8.32 30.28
C ALA E 177 15.01 7.22 30.26
N HIS E 178 13.74 7.60 30.39
CA HIS E 178 12.67 6.62 30.45
C HIS E 178 12.48 5.86 29.12
N GLU E 179 12.48 4.52 29.16
CA GLU E 179 12.26 3.78 27.94
C GLU E 179 10.79 3.65 27.57
N VAL E 180 10.39 4.42 26.57
CA VAL E 180 8.98 4.36 26.15
C VAL E 180 8.74 2.97 25.58
N HIS E 181 7.82 2.24 26.20
CA HIS E 181 7.74 0.80 26.05
C HIS E 181 6.40 0.35 26.67
N PRO E 182 5.72 -0.66 26.06
CA PRO E 182 4.56 -1.26 26.70
C PRO E 182 4.80 -1.63 28.16
N SER E 183 3.71 -1.59 28.90
CA SER E 183 3.68 -1.85 30.31
C SER E 183 4.22 -0.66 31.15
N GLU E 184 4.52 0.47 30.50
CA GLU E 184 5.01 1.67 31.21
C GLU E 184 3.92 2.75 31.17
N ILE E 185 4.07 3.77 32.01
CA ILE E 185 3.15 4.91 32.00
C ILE E 185 3.20 5.65 30.68
N ALA E 186 4.39 5.70 30.06
CA ALA E 186 4.58 6.22 28.66
C ALA E 186 5.03 5.03 27.81
N TYR E 187 4.18 4.61 26.88
CA TYR E 187 4.45 3.46 26.02
C TYR E 187 4.22 3.82 24.58
N ASP E 188 3.74 5.04 24.38
CA ASP E 188 3.08 5.58 23.18
C ASP E 188 3.60 6.98 22.88
N TYR E 189 3.20 7.54 21.76
CA TYR E 189 3.47 8.92 21.45
C TYR E 189 2.58 9.76 22.38
N TRP E 190 1.27 9.48 22.43
CA TRP E 190 0.35 10.30 23.26
C TRP E 190 0.50 10.12 24.77
N THR E 191 0.84 8.90 25.21
CA THR E 191 1.06 8.64 26.65
C THR E 191 2.42 9.25 27.12
N THR E 192 3.38 9.36 26.20
CA THR E 192 4.61 10.13 26.41
C THR E 192 4.32 11.61 26.67
N HIS E 193 3.58 12.26 25.75
CA HIS E 193 3.11 13.63 26.00
C HIS E 193 2.50 13.78 27.38
N ARG E 194 1.57 12.89 27.71
CA ARG E 194 0.80 12.99 28.94
C ARG E 194 1.68 12.73 30.17
N ALA E 195 2.63 11.80 30.07
CA ALA E 195 3.56 11.56 31.18
C ALA E 195 4.49 12.75 31.41
N LEU E 196 5.03 13.30 30.33
CA LEU E 196 5.88 14.47 30.42
C LEU E 196 5.17 15.61 31.15
N GLU E 197 3.93 15.92 30.75
CA GLU E 197 3.12 16.94 31.41
C GLU E 197 2.89 16.64 32.89
N ALA E 198 2.74 15.35 33.24
CA ALA E 198 2.48 14.93 34.64
C ALA E 198 3.61 15.44 35.51
N VAL E 199 4.83 15.45 34.95
CA VAL E 199 5.98 15.93 35.73
C VAL E 199 6.45 17.33 35.29
N GLY E 200 5.59 18.11 34.64
CA GLY E 200 5.88 19.52 34.34
C GLY E 200 6.98 19.68 33.32
N HIS E 201 7.16 18.69 32.44
CA HIS E 201 8.29 18.68 31.49
C HIS E 201 9.65 18.91 32.12
N ARG E 202 9.79 18.50 33.39
CA ARG E 202 11.05 18.70 34.10
C ARG E 202 12.17 17.99 33.36
N PRO E 203 13.30 18.69 33.14
CA PRO E 203 14.40 18.11 32.36
C PRO E 203 15.10 16.84 32.94
N ALA E 204 14.90 16.54 34.24
CA ALA E 204 15.40 15.32 34.85
C ALA E 204 14.78 14.08 34.18
N PHE E 205 13.49 14.16 33.82
CA PHE E 205 12.76 13.05 33.22
C PHE E 205 12.80 13.16 31.71
N GLY E 206 13.73 12.44 31.08
CA GLY E 206 13.79 12.42 29.62
C GLY E 206 13.55 10.99 29.14
N LEU E 207 13.97 10.70 27.90
CA LEU E 207 13.52 9.53 27.21
C LEU E 207 14.67 8.69 26.73
N ASN E 208 14.54 7.37 26.88
CA ASN E 208 15.37 6.43 26.11
C ASN E 208 14.63 6.02 24.87
N PHE E 209 15.20 6.29 23.69
CA PHE E 209 14.53 6.02 22.41
C PHE E 209 14.91 4.63 21.94
N ASP E 210 13.91 3.76 21.82
CA ASP E 210 14.07 2.40 21.29
C ASP E 210 12.90 2.20 20.34
N PRO E 211 13.21 2.09 19.04
CA PRO E 211 12.18 2.08 17.98
C PRO E 211 11.40 0.74 17.83
N SER E 212 11.77 -0.29 18.56
CA SER E 212 11.30 -1.64 18.25
C SER E 212 9.79 -1.74 18.42
N HIS E 213 9.30 -1.26 19.57
CA HIS E 213 7.89 -1.24 19.86
C HIS E 213 7.08 -0.20 19.13
N PHE E 214 7.75 0.64 18.34
CA PHE E 214 7.03 1.61 17.46
C PHE E 214 6.44 0.83 16.29
N VAL E 215 7.09 -0.28 15.94
CA VAL E 215 6.74 -1.06 14.77
C VAL E 215 5.33 -1.63 14.91
N TRP E 216 5.09 -2.42 15.95
CA TRP E 216 3.81 -3.09 16.02
C TRP E 216 2.65 -2.10 16.34
N GLN E 217 2.96 -1.02 17.06
CA GLN E 217 1.96 0.00 17.41
C GLN E 217 1.70 0.99 16.28
N ASP E 218 2.49 0.90 15.20
CA ASP E 218 2.35 1.79 14.04
C ASP E 218 2.65 3.26 14.34
N LEU E 219 3.61 3.48 15.23
CA LEU E 219 4.04 4.81 15.59
C LEU E 219 5.18 5.15 14.63
N ASP E 220 5.23 6.39 14.20
CA ASP E 220 6.34 6.93 13.43
C ASP E 220 7.45 7.28 14.42
N PRO E 221 8.56 6.52 14.42
CA PRO E 221 9.68 6.82 15.33
C PRO E 221 10.39 8.14 15.01
N VAL E 222 10.29 8.57 13.76
CA VAL E 222 11.05 9.74 13.29
C VAL E 222 10.36 11.03 13.78
N GLY E 223 9.04 11.11 13.63
CA GLY E 223 8.24 12.18 14.23
C GLY E 223 8.31 12.32 15.74
N PHE E 224 8.40 11.20 16.43
CA PHE E 224 8.55 11.12 17.88
C PHE E 224 9.91 11.77 18.24
N LEU E 225 10.96 11.31 17.56
CA LEU E 225 12.30 11.94 17.64
C LEU E 225 12.27 13.47 17.48
N TRP E 226 11.54 13.95 16.48
CA TRP E 226 11.39 15.37 16.23
C TRP E 226 10.58 16.10 17.31
N ASP E 227 9.38 15.63 17.60
CA ASP E 227 8.49 16.31 18.54
C ASP E 227 9.01 16.25 19.97
N PHE E 228 9.77 15.19 20.30
CA PHE E 228 10.40 15.07 21.64
C PHE E 228 11.89 15.31 21.60
N ARG E 229 12.35 16.10 20.66
CA ARG E 229 13.79 16.35 20.44
C ARG E 229 14.63 16.82 21.64
N ASP E 230 14.03 17.65 22.52
CA ASP E 230 14.73 18.20 23.67
C ASP E 230 14.81 17.21 24.86
N ARG E 231 14.20 16.03 24.70
CA ARG E 231 14.13 15.08 25.79
C ARG E 231 14.64 13.69 25.28
N ILE E 232 15.27 13.61 24.10
CA ILE E 232 15.94 12.35 23.65
C ILE E 232 17.31 12.28 24.30
N TYR E 233 17.43 11.45 25.36
CA TYR E 233 18.62 11.41 26.25
C TYR E 233 19.50 10.19 25.99
N HIS E 234 18.94 9.14 25.36
CA HIS E 234 19.72 7.99 24.98
C HIS E 234 18.99 7.26 23.82
N VAL E 235 19.72 6.40 23.09
CA VAL E 235 19.19 5.60 22.00
C VAL E 235 19.64 4.11 22.17
N ASP E 236 18.66 3.20 22.14
CA ASP E 236 18.93 1.76 21.96
C ASP E 236 18.33 1.26 20.67
N CYS E 237 19.18 0.78 19.77
CA CYS E 237 18.74 0.22 18.51
C CYS E 237 18.37 -1.22 18.76
N LYS E 238 17.07 -1.51 18.70
CA LYS E 238 16.55 -2.80 18.92
C LYS E 238 15.54 -2.94 17.74
N GLU E 239 15.69 -3.98 16.96
CA GLU E 239 14.95 -4.17 15.70
C GLU E 239 13.76 -5.14 15.96
N ALA E 240 12.67 -4.97 15.21
CA ALA E 240 11.50 -5.81 15.32
C ALA E 240 10.98 -6.00 13.88
N ARG E 241 10.38 -7.16 13.62
CA ARG E 241 9.85 -7.54 12.30
C ARG E 241 8.38 -7.97 12.53
N LYS E 242 7.47 -7.45 11.70
CA LYS E 242 6.10 -7.93 11.61
C LYS E 242 5.94 -9.08 10.64
N ARG E 243 5.03 -9.98 10.99
CA ARG E 243 4.55 -10.92 10.02
C ARG E 243 3.05 -11.10 10.21
N LEU E 244 2.31 -10.19 9.60
CA LEU E 244 0.90 -10.12 9.82
C LEU E 244 0.16 -10.79 8.65
N ASP E 245 -0.12 -12.07 8.77
CA ASP E 245 -0.61 -12.87 7.65
C ASP E 245 -2.14 -13.05 7.62
N GLY E 246 -2.88 -12.32 8.45
CA GLY E 246 -4.32 -12.53 8.64
C GLY E 246 -4.70 -13.37 9.86
N ARG E 247 -3.80 -14.28 10.27
CA ARG E 247 -4.00 -15.12 11.46
C ARG E 247 -3.18 -14.59 12.63
N ASN E 248 -1.91 -14.29 12.40
CA ASN E 248 -1.04 -13.74 13.40
C ASN E 248 -1.64 -12.40 13.72
N GLY E 249 -1.58 -11.98 14.98
CA GLY E 249 -2.17 -10.70 15.40
C GLY E 249 -1.16 -9.75 16.00
N ARG E 250 -1.51 -8.48 16.01
CA ARG E 250 -0.64 -7.39 16.51
C ARG E 250 -0.16 -7.52 17.95
N LEU E 251 -0.97 -8.18 18.78
CA LEU E 251 -0.63 -8.45 20.20
C LEU E 251 0.32 -9.64 20.46
N GLY E 252 0.45 -10.57 19.49
CA GLY E 252 1.40 -11.68 19.63
C GLY E 252 0.81 -12.93 20.32
N SER E 253 -0.45 -12.85 20.76
CA SER E 253 -1.22 -14.03 21.27
C SER E 253 -0.60 -14.73 22.51
N HIS E 254 0.11 -13.95 23.33
CA HIS E 254 0.78 -14.46 24.54
C HIS E 254 1.81 -15.56 24.18
N LEU E 255 2.34 -15.54 22.95
CA LEU E 255 3.24 -16.60 22.48
C LEU E 255 4.68 -16.26 22.73
N PRO E 256 5.52 -17.28 23.00
CA PRO E 256 6.88 -16.96 23.39
C PRO E 256 7.65 -16.37 22.20
N TRP E 257 8.71 -15.61 22.48
CA TRP E 257 9.54 -15.11 21.41
C TRP E 257 10.00 -16.23 20.48
N GLY E 258 9.98 -15.96 19.17
CA GLY E 258 10.45 -16.93 18.16
C GLY E 258 9.36 -17.87 17.64
N ASP E 259 8.19 -17.87 18.27
CA ASP E 259 7.00 -18.55 17.71
C ASP E 259 6.52 -17.84 16.43
N PRO E 260 6.48 -18.57 15.28
CA PRO E 260 6.12 -17.98 13.99
C PRO E 260 4.65 -17.50 13.88
N ARG E 261 3.84 -17.83 14.87
CA ARG E 261 2.44 -17.42 14.97
C ARG E 261 2.28 -16.04 15.64
N ARG E 262 3.40 -15.46 16.05
CA ARG E 262 3.41 -14.06 16.48
C ARG E 262 3.29 -13.05 15.33
N GLY E 263 2.43 -12.03 15.52
CA GLY E 263 2.29 -10.94 14.52
C GLY E 263 3.55 -10.09 14.36
N TRP E 264 4.41 -10.06 15.38
CA TRP E 264 5.68 -9.36 15.31
C TRP E 264 6.61 -10.03 16.30
N ASP E 265 7.92 -9.86 16.08
CA ASP E 265 8.93 -10.41 16.98
C ASP E 265 10.18 -9.53 16.90
N PHE E 266 11.02 -9.65 17.91
CA PHE E 266 12.36 -9.11 17.90
C PHE E 266 13.34 -9.88 16.98
N VAL E 267 14.01 -9.18 16.07
CA VAL E 267 15.01 -9.76 15.21
C VAL E 267 16.22 -8.83 15.27
N SER E 268 17.34 -9.30 14.70
CA SER E 268 18.60 -8.61 14.75
C SER E 268 18.57 -7.45 13.76
N ALA E 269 19.29 -6.38 14.05
CA ALA E 269 19.31 -5.18 13.21
C ALA E 269 19.51 -5.47 11.72
N GLY E 270 18.66 -4.86 10.90
CA GLY E 270 18.70 -5.08 9.44
C GLY E 270 17.73 -6.14 8.93
N HIS E 271 17.28 -7.02 9.82
CA HIS E 271 16.35 -8.08 9.46
C HIS E 271 14.88 -7.75 9.70
N GLY E 272 14.59 -6.55 10.22
CA GLY E 272 13.19 -6.19 10.55
C GLY E 272 12.73 -5.01 9.76
N ASP E 273 11.91 -4.17 10.40
CA ASP E 273 11.16 -3.11 9.74
C ASP E 273 11.55 -1.69 10.15
N VAL E 274 12.38 -1.55 11.17
CA VAL E 274 12.70 -0.21 11.67
C VAL E 274 13.29 0.64 10.54
N PRO E 275 12.79 1.90 10.40
CA PRO E 275 13.42 2.76 9.34
C PRO E 275 14.75 3.38 9.76
N TRP E 276 15.82 2.58 9.81
CA TRP E 276 17.13 3.07 10.27
C TRP E 276 17.66 4.25 9.50
N GLU E 277 17.41 4.26 8.21
CA GLU E 277 17.86 5.39 7.38
C GLU E 277 17.35 6.76 7.91
N ASP E 278 16.04 6.83 8.13
CA ASP E 278 15.41 8.04 8.65
C ASP E 278 15.70 8.34 10.11
N VAL E 279 15.79 7.29 10.94
CA VAL E 279 16.12 7.38 12.34
C VAL E 279 17.45 8.02 12.50
N PHE E 280 18.45 7.55 11.73
CA PHE E 280 19.82 8.05 11.86
C PHE E 280 20.01 9.46 11.33
N ARG E 281 19.36 9.75 10.19
CA ARG E 281 19.34 11.11 9.66
C ARG E 281 18.67 12.05 10.67
N MSE E 282 17.64 11.58 11.37
CA MSE E 282 16.95 12.43 12.31
C MSE E 282 17.75 12.68 13.62
O MSE E 282 17.62 13.71 14.26
CB MSE E 282 15.54 11.88 12.62
CG MSE E 282 14.90 12.70 13.66
SE MSE E 282 14.28 14.51 13.01
CE MSE E 282 15.94 15.41 12.51
N LEU E 283 18.49 11.70 14.06
CA LEU E 283 19.36 11.89 15.19
C LEU E 283 20.36 13.06 14.98
N ARG E 284 20.85 13.21 13.74
CA ARG E 284 21.71 14.32 13.39
C ARG E 284 20.96 15.68 13.37
N SER E 285 19.76 15.67 12.78
CA SER E 285 18.93 16.87 12.71
C SER E 285 18.50 17.38 14.10
N ILE E 286 18.25 16.48 15.03
CA ILE E 286 17.97 16.88 16.41
C ILE E 286 19.22 17.06 17.27
N ASP E 287 20.42 16.88 16.67
CA ASP E 287 21.70 17.10 17.34
C ASP E 287 21.82 16.19 18.60
N TYR E 288 21.41 14.92 18.45
CA TYR E 288 21.58 13.95 19.52
C TYR E 288 23.07 13.60 19.56
N GLN E 289 23.76 13.88 20.68
CA GLN E 289 25.22 13.67 20.71
C GLN E 289 25.66 12.53 21.63
N GLY E 290 24.69 11.78 22.14
CA GLY E 290 24.96 10.65 23.01
C GLY E 290 25.43 9.43 22.23
N PRO E 291 25.68 8.33 22.98
CA PRO E 291 26.06 7.06 22.35
C PRO E 291 24.88 6.42 21.58
N VAL E 292 25.20 5.55 20.64
CA VAL E 292 24.18 4.74 20.03
C VAL E 292 24.33 3.30 20.56
N SER E 293 23.36 2.88 21.37
CA SER E 293 23.45 1.59 21.97
C SER E 293 22.70 0.54 21.18
N VAL E 294 23.11 -0.71 21.37
CA VAL E 294 22.50 -1.84 20.71
C VAL E 294 22.02 -2.79 21.82
N GLU E 295 20.72 -3.08 21.82
CA GLU E 295 20.16 -4.11 22.66
C GLU E 295 19.82 -5.30 21.73
N TRP E 296 20.53 -6.41 21.88
CA TRP E 296 20.52 -7.47 20.91
C TRP E 296 19.53 -8.53 21.32
N GLU E 297 18.57 -8.78 20.43
CA GLU E 297 17.53 -9.77 20.66
C GLU E 297 16.98 -10.33 19.33
N ASP E 298 16.89 -11.65 19.27
CA ASP E 298 16.43 -12.40 18.09
C ASP E 298 16.41 -13.83 18.54
N ALA E 299 15.23 -14.32 18.89
CA ALA E 299 15.08 -15.74 19.28
C ALA E 299 15.45 -16.74 18.19
N GLY E 300 15.58 -16.29 16.95
CA GLY E 300 15.96 -17.16 15.86
C GLY E 300 17.44 -17.16 15.53
N MSE E 301 18.25 -16.53 16.39
CA MSE E 301 19.66 -16.34 16.13
C MSE E 301 20.49 -16.57 17.40
O MSE E 301 19.98 -16.50 18.51
CB MSE E 301 19.83 -14.94 15.55
CG MSE E 301 21.15 -14.60 14.86
SE MSE E 301 21.04 -13.00 13.60
CE MSE E 301 19.32 -13.17 13.03
N ASP E 302 21.78 -16.84 17.23
CA ASP E 302 22.78 -16.87 18.33
C ASP E 302 23.35 -15.44 18.49
N ARG E 303 23.31 -14.91 19.70
CA ARG E 303 23.88 -13.60 20.09
C ARG E 303 25.34 -13.42 19.72
N LEU E 304 26.09 -14.50 19.71
CA LEU E 304 27.50 -14.49 19.31
C LEU E 304 27.64 -14.16 17.82
N GLN E 305 26.68 -14.58 17.00
CA GLN E 305 26.64 -14.21 15.59
C GLN E 305 25.88 -12.86 15.41
N GLY E 306 24.78 -12.67 16.12
CA GLY E 306 23.97 -11.50 15.88
C GLY E 306 24.55 -10.21 16.38
N ALA E 307 25.09 -10.21 17.63
CA ALA E 307 25.61 -8.96 18.19
C ALA E 307 26.66 -8.22 17.31
N PRO E 308 27.71 -8.89 16.78
CA PRO E 308 28.62 -8.16 15.89
C PRO E 308 28.01 -7.80 14.50
N GLU E 309 27.12 -8.66 13.98
CA GLU E 309 26.44 -8.35 12.72
C GLU E 309 25.52 -7.12 12.79
N ALA E 310 24.77 -7.01 13.87
CA ALA E 310 23.89 -5.87 14.12
C ALA E 310 24.71 -4.59 14.15
N LEU E 311 25.89 -4.63 14.80
CA LEU E 311 26.81 -3.49 14.83
C LEU E 311 27.15 -3.04 13.40
N THR E 312 27.62 -4.00 12.58
CA THR E 312 27.98 -3.77 11.19
C THR E 312 26.76 -3.23 10.38
N ARG E 313 25.58 -3.82 10.59
CA ARG E 313 24.41 -3.37 9.80
C ARG E 313 24.04 -1.91 10.13
N LEU E 314 24.21 -1.54 11.42
CA LEU E 314 23.86 -0.22 11.95
C LEU E 314 24.88 0.86 11.55
N LYS E 315 26.16 0.49 11.50
CA LYS E 315 27.21 1.39 11.01
C LYS E 315 27.05 1.84 9.57
N ALA E 316 26.27 1.13 8.75
CA ALA E 316 25.94 1.54 7.37
C ALA E 316 25.00 2.72 7.30
N PHE E 317 24.39 3.08 8.45
CA PHE E 317 23.49 4.23 8.55
C PHE E 317 24.13 5.36 9.32
N ASP E 318 25.38 5.16 9.72
CA ASP E 318 26.13 6.17 10.48
C ASP E 318 27.10 6.96 9.57
N PHE E 319 26.72 8.18 9.21
CA PHE E 319 27.47 8.93 8.20
C PHE E 319 28.28 9.98 8.86
N GLU E 320 29.46 10.20 8.30
CA GLU E 320 30.24 11.38 8.65
C GLU E 320 29.43 12.68 8.36
N PRO E 321 29.49 13.65 9.28
CA PRO E 321 28.88 14.95 8.95
C PRO E 321 29.53 15.65 7.72
N PRO E 322 28.75 16.42 6.96
CA PRO E 322 29.35 17.28 5.93
C PRO E 322 30.41 18.24 6.52
N PRO F 2 -34.42 -12.06 2.87
CA PRO F 2 -33.33 -11.44 3.63
C PRO F 2 -32.98 -12.23 4.89
N ARG F 3 -31.84 -11.92 5.52
CA ARG F 3 -31.52 -12.44 6.86
C ARG F 3 -32.38 -11.68 7.92
N ASN F 4 -32.48 -12.23 9.12
CA ASN F 4 -33.07 -11.48 10.23
C ASN F 4 -32.01 -10.64 10.94
N PHE F 5 -32.29 -9.37 11.15
CA PHE F 5 -31.40 -8.47 11.87
C PHE F 5 -32.01 -8.10 13.20
N THR F 6 -31.19 -8.18 14.23
CA THR F 6 -31.57 -7.83 15.58
C THR F 6 -30.71 -6.64 16.05
N LEU F 7 -31.21 -5.87 17.01
CA LEU F 7 -30.46 -4.82 17.69
C LEU F 7 -29.94 -5.44 19.01
N PHE F 8 -28.64 -5.32 19.30
CA PHE F 8 -28.16 -5.62 20.65
C PHE F 8 -28.56 -4.48 21.57
N THR F 9 -29.03 -4.86 22.74
CA THR F 9 -29.78 -4.01 23.69
C THR F 9 -28.81 -3.39 24.74
N GLY F 10 -27.58 -3.96 24.82
CA GLY F 10 -26.57 -3.49 25.77
C GLY F 10 -26.37 -1.97 25.82
N GLN F 11 -26.21 -1.32 24.66
CA GLN F 11 -26.03 0.15 24.63
C GLN F 11 -27.29 0.92 24.89
N TRP F 12 -28.40 0.21 25.08
CA TRP F 12 -29.74 0.81 25.35
C TRP F 12 -30.23 0.48 26.75
N ALA F 13 -29.34 -0.06 27.61
CA ALA F 13 -29.80 -0.55 28.94
C ALA F 13 -30.20 0.55 29.97
N ASP F 14 -29.82 1.80 29.71
CA ASP F 14 -30.41 2.98 30.35
C ASP F 14 -31.93 3.20 30.09
N LEU F 15 -32.48 2.52 29.07
CA LEU F 15 -33.87 2.69 28.68
C LEU F 15 -34.66 1.43 29.09
N PRO F 16 -35.95 1.60 29.50
CA PRO F 16 -36.82 0.44 29.75
C PRO F 16 -36.90 -0.35 28.47
N LEU F 17 -37.08 -1.66 28.59
CA LEU F 17 -37.17 -2.54 27.41
C LEU F 17 -38.25 -2.10 26.43
N GLU F 18 -39.42 -1.71 26.94
CA GLU F 18 -40.52 -1.32 26.07
C GLU F 18 -40.12 -0.23 25.09
N GLU F 19 -39.38 0.76 25.59
CA GLU F 19 -38.88 1.90 24.81
C GLU F 19 -37.94 1.44 23.73
N VAL F 20 -37.07 0.52 24.08
CA VAL F 20 -36.16 -0.11 23.12
C VAL F 20 -36.91 -0.88 22.01
N CYS F 21 -37.99 -1.55 22.39
CA CYS F 21 -38.88 -2.23 21.45
C CYS F 21 -39.51 -1.23 20.48
N ARG F 22 -39.99 -0.08 21.00
CA ARG F 22 -40.54 1.02 20.18
C ARG F 22 -39.52 1.56 19.19
N LEU F 23 -38.31 1.82 19.70
CA LEU F 23 -37.20 2.25 18.84
C LEU F 23 -36.79 1.20 17.81
N ALA F 24 -36.48 -0.02 18.22
CA ALA F 24 -36.09 -1.09 17.27
C ALA F 24 -37.17 -1.29 16.18
N ARG F 25 -38.44 -1.27 16.58
CA ARG F 25 -39.54 -1.37 15.63
C ARG F 25 -39.46 -0.20 14.67
N ASP F 26 -39.36 1.03 15.17
CA ASP F 26 -39.20 2.22 14.30
C ASP F 26 -37.99 2.09 13.34
N PHE F 27 -36.88 1.50 13.82
CA PHE F 27 -35.64 1.47 13.02
C PHE F 27 -35.72 0.43 11.94
N GLY F 28 -36.66 -0.51 12.05
CA GLY F 28 -36.81 -1.59 11.08
C GLY F 28 -36.15 -2.90 11.46
N TYR F 29 -35.72 -3.06 12.72
CA TYR F 29 -35.09 -4.33 13.16
C TYR F 29 -36.13 -5.46 13.26
N ASP F 30 -35.71 -6.70 13.07
CA ASP F 30 -36.62 -7.87 13.15
C ASP F 30 -36.69 -8.42 14.57
N GLY F 31 -35.74 -8.01 15.41
CA GLY F 31 -35.70 -8.54 16.77
C GLY F 31 -34.61 -7.91 17.62
N LEU F 32 -34.42 -8.51 18.79
CA LEU F 32 -33.55 -7.96 19.82
C LEU F 32 -32.63 -9.11 20.30
N GLU F 33 -31.36 -8.79 20.47
CA GLU F 33 -30.47 -9.64 21.25
C GLU F 33 -30.50 -9.05 22.67
N LEU F 34 -31.14 -9.75 23.62
CA LEU F 34 -31.38 -9.16 24.96
C LEU F 34 -30.20 -9.15 25.91
N ALA F 35 -29.77 -7.96 26.30
CA ALA F 35 -28.79 -7.79 27.36
C ALA F 35 -29.37 -8.29 28.71
N CYS F 36 -28.57 -9.03 29.47
CA CYS F 36 -29.01 -9.56 30.77
C CYS F 36 -28.81 -8.53 31.86
N TRP F 37 -29.12 -7.29 31.52
CA TRP F 37 -28.99 -6.21 32.47
C TRP F 37 -30.03 -5.08 32.18
N GLY F 38 -30.00 -4.02 32.98
CA GLY F 38 -31.11 -3.07 32.95
C GLY F 38 -32.34 -3.88 33.33
N ASP F 39 -33.49 -3.55 32.76
CA ASP F 39 -34.68 -4.35 32.96
C ASP F 39 -34.93 -5.21 31.73
N HIS F 40 -33.92 -5.36 30.86
CA HIS F 40 -34.15 -6.08 29.61
C HIS F 40 -34.40 -7.59 29.81
N PHE F 41 -33.40 -8.30 30.33
CA PHE F 41 -33.59 -9.70 30.70
C PHE F 41 -32.96 -9.92 32.06
N GLU F 42 -33.78 -10.01 33.08
CA GLU F 42 -33.23 -10.21 34.41
C GLU F 42 -33.24 -11.70 34.75
N VAL F 43 -32.04 -12.26 34.77
CA VAL F 43 -31.84 -13.71 34.90
C VAL F 43 -32.46 -14.27 36.17
N ASP F 44 -32.24 -13.56 37.27
CA ASP F 44 -32.80 -14.00 38.53
C ASP F 44 -34.36 -14.02 38.52
N LYS F 45 -34.99 -12.98 38.01
CA LYS F 45 -36.44 -12.98 37.86
C LYS F 45 -36.96 -14.05 36.92
N ALA F 46 -36.28 -14.25 35.78
CA ALA F 46 -36.61 -15.33 34.83
C ALA F 46 -36.76 -16.71 35.47
N LEU F 47 -35.93 -17.00 36.46
CA LEU F 47 -35.96 -18.26 37.18
C LEU F 47 -36.88 -18.23 38.40
N ALA F 48 -37.04 -17.06 39.03
CA ALA F 48 -37.82 -16.98 40.27
C ALA F 48 -39.31 -16.87 39.99
N ASP F 49 -39.65 -16.08 38.96
CA ASP F 49 -41.03 -15.68 38.66
C ASP F 49 -41.45 -16.46 37.42
N PRO F 50 -42.43 -17.40 37.56
CA PRO F 50 -42.78 -18.31 36.46
C PRO F 50 -43.46 -17.56 35.29
N SER F 51 -44.02 -16.40 35.60
CA SER F 51 -44.63 -15.55 34.59
C SER F 51 -43.64 -14.53 33.94
N TYR F 52 -42.39 -14.45 34.41
CA TYR F 52 -41.43 -13.41 33.92
C TYR F 52 -41.05 -13.56 32.43
N VAL F 53 -40.77 -14.80 32.03
CA VAL F 53 -40.38 -15.12 30.68
C VAL F 53 -41.50 -14.84 29.62
N ASP F 54 -42.75 -15.08 30.00
CA ASP F 54 -43.87 -14.77 29.11
C ASP F 54 -44.11 -13.29 29.02
N SER F 55 -43.80 -12.55 30.09
CA SER F 55 -43.77 -11.09 30.02
C SER F 55 -42.78 -10.60 28.98
N ARG F 56 -41.65 -11.31 28.81
CA ARG F 56 -40.69 -10.97 27.75
C ARG F 56 -41.25 -11.22 26.37
N HIS F 57 -41.88 -12.36 26.15
CA HIS F 57 -42.47 -12.71 24.84
C HIS F 57 -43.63 -11.84 24.51
N GLN F 58 -44.45 -11.56 25.52
CA GLN F 58 -45.60 -10.71 25.32
C GLN F 58 -45.17 -9.34 24.85
N LEU F 59 -44.20 -8.74 25.53
CA LEU F 59 -43.65 -7.44 25.19
C LEU F 59 -43.03 -7.42 23.79
N LEU F 60 -42.20 -8.40 23.50
CA LEU F 60 -41.57 -8.47 22.18
C LEU F 60 -42.58 -8.70 21.06
N ASP F 61 -43.53 -9.62 21.29
CA ASP F 61 -44.65 -9.93 20.38
C ASP F 61 -45.47 -8.69 20.03
N LYS F 62 -45.76 -7.88 21.04
CA LYS F 62 -46.48 -6.63 20.89
C LYS F 62 -45.89 -5.73 19.77
N TYR F 63 -44.56 -5.69 19.70
CA TYR F 63 -43.85 -4.84 18.76
C TYR F 63 -43.40 -5.57 17.51
N GLY F 64 -43.87 -6.81 17.35
CA GLY F 64 -43.44 -7.67 16.23
C GLY F 64 -41.96 -7.93 16.22
N LEU F 65 -41.35 -7.99 17.42
CA LEU F 65 -39.92 -8.32 17.57
C LEU F 65 -39.70 -9.77 18.00
N LYS F 66 -38.68 -10.42 17.44
CA LYS F 66 -38.26 -11.75 17.91
C LYS F 66 -37.01 -11.68 18.78
N CYS F 67 -36.75 -12.76 19.49
CA CYS F 67 -35.46 -12.92 20.19
C CYS F 67 -34.90 -14.30 19.91
N TRP F 68 -33.65 -14.36 19.43
CA TRP F 68 -32.95 -15.65 19.24
C TRP F 68 -31.80 -15.86 20.24
N ALA F 69 -31.45 -14.82 21.00
CA ALA F 69 -30.26 -14.87 21.83
C ALA F 69 -30.35 -13.88 22.97
N ILE F 70 -29.78 -14.22 24.11
CA ILE F 70 -29.57 -13.30 25.21
C ILE F 70 -28.07 -13.17 25.46
N SER F 71 -27.65 -12.09 26.14
CA SER F 71 -26.23 -11.77 26.27
C SER F 71 -25.86 -11.39 27.67
N ASN F 72 -24.84 -12.04 28.21
CA ASN F 72 -24.32 -11.68 29.54
C ASN F 72 -22.80 -11.46 29.58
N HIS F 73 -22.36 -10.48 28.81
CA HIS F 73 -20.97 -10.06 28.84
C HIS F 73 -20.53 -9.63 30.23
N LEU F 74 -21.38 -8.85 30.89
CA LEU F 74 -20.99 -8.17 32.12
C LEU F 74 -20.65 -9.13 33.22
N VAL F 75 -21.52 -10.14 33.40
CA VAL F 75 -21.27 -11.19 34.40
C VAL F 75 -20.15 -12.17 33.99
N GLY F 76 -20.18 -12.62 32.72
CA GLY F 76 -19.15 -13.56 32.23
C GLY F 76 -17.73 -13.03 32.39
N GLN F 77 -17.51 -11.75 32.11
CA GLN F 77 -16.21 -11.10 32.40
C GLN F 77 -15.61 -11.44 33.77
N ALA F 78 -16.47 -11.45 34.80
CA ALA F 78 -16.02 -11.66 36.19
C ALA F 78 -15.73 -13.15 36.57
N VAL F 79 -15.92 -14.08 35.62
CA VAL F 79 -15.68 -15.48 35.96
C VAL F 79 -14.15 -15.76 36.04
N CYS F 80 -13.39 -15.33 35.03
CA CYS F 80 -11.95 -15.67 35.03
C CYS F 80 -11.05 -14.50 35.32
N ASP F 81 -11.58 -13.30 35.38
CA ASP F 81 -10.66 -12.15 35.55
C ASP F 81 -9.80 -12.33 36.81
N ALA F 82 -8.48 -12.16 36.68
CA ALA F 82 -7.55 -12.24 37.79
C ALA F 82 -7.58 -10.98 38.68
N ILE F 83 -7.79 -9.82 38.04
CA ILE F 83 -7.89 -8.55 38.75
C ILE F 83 -9.38 -8.18 38.77
N ILE F 84 -9.93 -8.25 39.84
CA ILE F 84 -11.28 -7.85 40.18
C ILE F 84 -11.29 -6.58 41.02
N ASP F 85 -11.93 -5.57 40.54
CA ASP F 85 -11.82 -4.29 41.22
C ASP F 85 -13.02 -3.41 40.84
N GLU F 86 -12.86 -2.10 40.91
CA GLU F 86 -13.98 -1.19 40.76
C GLU F 86 -14.61 -1.23 39.37
N ARG F 87 -13.85 -1.66 38.37
CA ARG F 87 -14.42 -1.78 37.05
C ARG F 87 -15.52 -2.86 37.08
N HIS F 88 -15.24 -3.97 37.75
CA HIS F 88 -16.22 -5.07 37.86
C HIS F 88 -17.41 -4.67 38.70
N GLU F 89 -17.16 -3.92 39.78
CA GLU F 89 -18.23 -3.43 40.66
C GLU F 89 -19.27 -2.66 39.86
N ALA F 90 -18.82 -1.84 38.92
CA ALA F 90 -19.67 -1.00 38.12
C ALA F 90 -20.48 -1.78 37.08
N ILE F 91 -20.02 -2.97 36.66
CA ILE F 91 -20.76 -3.73 35.65
C ILE F 91 -21.59 -4.90 36.21
N LEU F 92 -21.39 -5.20 37.49
CA LEU F 92 -22.00 -6.37 38.08
C LEU F 92 -23.24 -6.04 38.88
N PRO F 93 -24.22 -6.98 38.94
CA PRO F 93 -25.28 -6.77 39.93
C PRO F 93 -24.63 -6.74 41.35
N ALA F 94 -25.15 -5.91 42.25
CA ALA F 94 -24.69 -5.88 43.63
C ALA F 94 -24.75 -7.29 44.30
N ARG F 95 -25.73 -8.11 43.92
CA ARG F 95 -25.84 -9.51 44.42
C ARG F 95 -24.67 -10.41 43.97
N ILE F 96 -24.00 -10.03 42.88
CA ILE F 96 -22.78 -10.76 42.44
C ILE F 96 -21.49 -10.12 42.96
N TRP F 97 -21.43 -8.78 42.90
CA TRP F 97 -20.31 -8.07 43.49
C TRP F 97 -20.09 -8.48 44.98
N GLY F 98 -21.18 -8.55 45.75
CA GLY F 98 -21.08 -8.90 47.15
C GLY F 98 -20.15 -7.90 47.80
N ASP F 99 -19.13 -8.41 48.46
CA ASP F 99 -18.15 -7.62 49.22
C ASP F 99 -16.93 -7.25 48.39
N GLY F 100 -16.90 -7.79 47.16
CA GLY F 100 -15.86 -7.49 46.23
C GLY F 100 -14.60 -8.32 46.36
N ASP F 101 -14.61 -9.33 47.24
CA ASP F 101 -13.47 -10.27 47.36
C ASP F 101 -13.37 -11.03 46.06
N ALA F 102 -12.19 -11.05 45.45
CA ALA F 102 -12.00 -11.55 44.07
C ALA F 102 -12.54 -12.96 43.82
N GLU F 103 -12.05 -13.94 44.57
CA GLU F 103 -12.58 -15.30 44.42
C GLU F 103 -14.08 -15.44 44.68
N GLY F 104 -14.65 -14.69 45.63
CA GLY F 104 -16.08 -14.76 45.85
C GLY F 104 -16.88 -14.23 44.65
N VAL F 105 -16.41 -13.14 44.07
CA VAL F 105 -16.97 -12.58 42.82
C VAL F 105 -16.94 -13.61 41.68
N ARG F 106 -15.78 -14.22 41.45
CA ARG F 106 -15.62 -15.22 40.41
C ARG F 106 -16.56 -16.43 40.60
N GLN F 107 -16.73 -16.84 41.86
CA GLN F 107 -17.59 -17.99 42.19
C GLN F 107 -19.02 -17.61 41.90
N ARG F 108 -19.43 -16.43 42.35
CA ARG F 108 -20.80 -15.95 42.17
C ARG F 108 -21.19 -15.70 40.69
N ALA F 109 -20.23 -15.14 39.96
CA ALA F 109 -20.37 -14.92 38.52
C ALA F 109 -20.54 -16.25 37.79
N ALA F 110 -19.73 -17.25 38.12
CA ALA F 110 -19.90 -18.59 37.50
C ALA F 110 -21.32 -19.17 37.78
N ALA F 111 -21.79 -19.02 39.02
CA ALA F 111 -23.07 -19.55 39.40
C ALA F 111 -24.17 -18.81 38.61
N GLU F 112 -23.96 -17.52 38.36
CA GLU F 112 -24.93 -16.68 37.60
C GLU F 112 -24.93 -16.98 36.09
N ILE F 113 -23.78 -17.37 35.55
CA ILE F 113 -23.71 -17.77 34.15
C ILE F 113 -24.46 -19.10 33.95
N LYS F 114 -24.30 -20.04 34.87
CA LYS F 114 -25.13 -21.27 34.88
C LYS F 114 -26.61 -20.89 34.90
N ASP F 115 -27.02 -20.01 35.82
CA ASP F 115 -28.38 -19.47 35.82
C ASP F 115 -28.82 -18.84 34.48
N THR F 116 -27.89 -18.14 33.82
CA THR F 116 -28.17 -17.54 32.49
C THR F 116 -28.55 -18.61 31.42
N ALA F 117 -27.81 -19.71 31.35
CA ALA F 117 -28.17 -20.87 30.54
C ALA F 117 -29.56 -21.40 30.91
N ARG F 118 -29.85 -21.54 32.20
CA ARG F 118 -31.18 -22.03 32.64
C ARG F 118 -32.27 -21.07 32.21
N ALA F 119 -32.05 -19.77 32.39
CA ALA F 119 -33.01 -18.76 31.98
C ALA F 119 -33.16 -18.72 30.44
N ALA F 120 -32.07 -18.88 29.71
CA ALA F 120 -32.17 -19.04 28.27
C ALA F 120 -33.15 -20.16 27.86
N ALA F 121 -32.96 -21.34 28.45
CA ALA F 121 -33.78 -22.49 28.14
C ALA F 121 -35.25 -22.15 28.45
N ARG F 122 -35.54 -21.48 29.57
CA ARG F 122 -36.90 -21.05 29.88
C ARG F 122 -37.51 -20.09 28.86
N LEU F 123 -36.70 -19.11 28.43
CA LEU F 123 -37.09 -18.18 27.40
C LEU F 123 -37.26 -18.92 26.08
N GLY F 124 -36.56 -20.05 25.89
CA GLY F 124 -36.68 -20.82 24.65
C GLY F 124 -35.70 -20.38 23.58
N VAL F 125 -34.58 -19.75 23.97
CA VAL F 125 -33.51 -19.39 23.00
C VAL F 125 -32.37 -20.41 23.11
N ASP F 126 -31.63 -20.63 22.05
CA ASP F 126 -30.59 -21.70 22.18
C ASP F 126 -29.14 -21.19 22.33
N THR F 127 -28.97 -19.87 22.37
CA THR F 127 -27.69 -19.22 22.50
C THR F 127 -27.64 -18.10 23.55
N VAL F 128 -26.57 -18.12 24.35
CA VAL F 128 -26.10 -17.04 25.24
C VAL F 128 -24.75 -16.51 24.75
N ILE F 129 -24.71 -15.21 24.47
CA ILE F 129 -23.47 -14.52 24.14
C ILE F 129 -22.82 -14.05 25.47
N GLY F 130 -21.51 -14.16 25.56
CA GLY F 130 -20.86 -13.54 26.68
C GLY F 130 -19.36 -13.40 26.57
N PHE F 131 -18.77 -13.15 27.73
CA PHE F 131 -17.35 -13.03 27.90
C PHE F 131 -17.01 -14.08 28.93
N THR F 132 -15.71 -14.40 29.05
CA THR F 132 -15.18 -15.33 30.02
C THR F 132 -14.28 -14.64 31.04
N GLY F 133 -13.80 -13.43 30.71
CA GLY F 133 -12.68 -12.84 31.39
C GLY F 133 -11.43 -13.65 31.15
N SER F 134 -10.41 -13.40 31.97
CA SER F 134 -9.08 -13.98 31.73
C SER F 134 -8.13 -13.81 32.91
N ALA F 135 -7.54 -14.94 33.34
CA ALA F 135 -6.54 -14.91 34.41
C ALA F 135 -5.22 -14.32 33.93
N ILE F 136 -4.98 -14.29 32.61
CA ILE F 136 -3.65 -13.91 32.02
C ILE F 136 -3.62 -12.71 31.05
N TRP F 137 -4.77 -12.05 30.83
CA TRP F 137 -4.84 -10.97 29.86
C TRP F 137 -3.87 -9.84 30.20
N HIS F 138 -3.79 -9.52 31.50
CA HIS F 138 -2.91 -8.46 31.99
C HIS F 138 -1.37 -8.78 31.73
N LEU F 139 -1.10 -9.99 31.26
CA LEU F 139 0.28 -10.44 30.96
C LEU F 139 0.65 -10.22 29.49
N VAL F 140 -0.28 -9.62 28.75
CA VAL F 140 -0.22 -9.57 27.26
C VAL F 140 1.08 -8.94 26.72
N ALA F 141 1.57 -7.92 27.41
CA ALA F 141 2.80 -7.23 27.03
C ALA F 141 4.09 -8.01 27.32
N MSE F 142 4.06 -8.96 28.26
CA MSE F 142 5.23 -9.79 28.51
C MSE F 142 6.47 -9.11 29.14
O MSE F 142 7.55 -9.69 29.10
CB MSE F 142 5.60 -10.58 27.24
CG MSE F 142 4.47 -11.55 26.90
SE MSE F 142 4.79 -12.71 25.37
CE MSE F 142 6.60 -13.35 25.75
N PHE F 143 6.30 -7.91 29.69
CA PHE F 143 7.24 -7.35 30.65
C PHE F 143 6.49 -6.87 31.88
N PRO F 144 6.96 -7.24 33.08
CA PRO F 144 8.10 -8.14 33.36
C PRO F 144 7.67 -9.57 32.96
N PRO F 145 8.64 -10.42 32.56
CA PRO F 145 8.30 -11.73 31.97
C PRO F 145 7.47 -12.63 32.90
N ALA F 146 6.57 -13.40 32.32
CA ALA F 146 5.91 -14.50 33.05
C ALA F 146 6.39 -15.85 32.45
N PRO F 147 6.55 -16.88 33.30
CA PRO F 147 6.99 -18.14 32.72
C PRO F 147 5.89 -18.68 31.81
N GLU F 148 6.28 -19.57 30.90
CA GLU F 148 5.35 -20.21 29.99
C GLU F 148 4.32 -21.02 30.76
N SER F 149 4.70 -21.48 31.94
CA SER F 149 3.77 -22.26 32.77
C SER F 149 2.67 -21.37 33.38
N MSE F 150 2.97 -20.08 33.57
CA MSE F 150 1.94 -19.14 33.97
C MSE F 150 0.86 -18.95 32.88
O MSE F 150 -0.34 -18.86 33.19
CB MSE F 150 2.48 -17.81 34.47
CG MSE F 150 1.71 -17.27 35.62
SE MSE F 150 1.67 -18.46 37.30
CE MSE F 150 -0.26 -18.52 37.84
N ILE F 151 1.30 -18.93 31.63
CA ILE F 151 0.40 -18.78 30.48
C ILE F 151 -0.50 -20.02 30.40
N GLU F 152 0.12 -21.18 30.40
CA GLU F 152 -0.65 -22.43 30.35
C GLU F 152 -1.65 -22.52 31.52
N ARG F 153 -1.27 -22.03 32.69
CA ARG F 153 -2.19 -22.02 33.83
C ARG F 153 -3.45 -21.15 33.66
N GLY F 154 -3.34 -20.06 32.89
CA GLY F 154 -4.50 -19.21 32.63
C GLY F 154 -5.48 -19.87 31.74
N TYR F 155 -4.99 -20.60 30.73
CA TYR F 155 -5.87 -21.42 29.90
C TYR F 155 -6.52 -22.57 30.67
N GLN F 156 -5.81 -23.13 31.65
CA GLN F 156 -6.35 -24.25 32.46
C GLN F 156 -7.32 -23.71 33.48
N ASP F 157 -7.05 -22.53 34.00
CA ASP F 157 -8.01 -21.82 34.84
C ASP F 157 -9.33 -21.57 34.12
N PHE F 158 -9.23 -21.16 32.86
CA PHE F 158 -10.42 -20.93 32.01
C PHE F 158 -11.24 -22.25 31.94
N ALA F 159 -10.55 -23.33 31.56
CA ALA F 159 -11.17 -24.66 31.42
C ALA F 159 -11.80 -25.13 32.73
N ASP F 160 -11.06 -24.98 33.82
CA ASP F 160 -11.55 -25.43 35.11
C ASP F 160 -12.77 -24.66 35.60
N ARG F 161 -12.83 -23.37 35.31
CA ARG F 161 -13.99 -22.57 35.72
C ARG F 161 -15.15 -22.73 34.71
N TRP F 162 -14.84 -22.89 33.43
CA TRP F 162 -15.90 -22.88 32.41
C TRP F 162 -16.44 -24.25 32.06
N ASN F 163 -15.61 -25.30 32.17
CA ASN F 163 -16.17 -26.69 31.98
C ASN F 163 -17.44 -26.97 32.83
N PRO F 164 -17.42 -26.69 34.16
CA PRO F 164 -18.66 -26.90 34.92
C PRO F 164 -19.82 -26.00 34.55
N ILE F 165 -19.56 -24.76 34.14
CA ILE F 165 -20.59 -23.93 33.55
C ILE F 165 -21.17 -24.57 32.26
N LEU F 166 -20.29 -25.04 31.37
CA LEU F 166 -20.73 -25.55 30.08
C LEU F 166 -21.51 -26.89 30.20
N ASP F 167 -21.27 -27.65 31.28
CA ASP F 167 -22.07 -28.85 31.59
C ASP F 167 -23.54 -28.48 31.79
N VAL F 168 -23.80 -27.32 32.42
CA VAL F 168 -25.15 -26.86 32.65
C VAL F 168 -25.73 -26.45 31.30
N PHE F 169 -24.93 -25.76 30.48
CA PHE F 169 -25.38 -25.37 29.15
C PHE F 169 -25.88 -26.63 28.41
N ASP F 170 -25.08 -27.69 28.41
CA ASP F 170 -25.40 -28.95 27.74
C ASP F 170 -26.68 -29.58 28.25
N ALA F 171 -26.79 -29.67 29.57
CA ALA F 171 -27.99 -30.18 30.25
C ALA F 171 -29.29 -29.40 29.92
N GLU F 172 -29.16 -28.09 29.72
CA GLU F 172 -30.28 -27.17 29.41
C GLU F 172 -30.56 -27.10 27.92
N GLY F 173 -29.67 -27.62 27.09
CA GLY F 173 -29.85 -27.58 25.64
C GLY F 173 -29.50 -26.22 25.03
N VAL F 174 -28.56 -25.51 25.68
CA VAL F 174 -28.16 -24.16 25.28
C VAL F 174 -26.68 -24.15 24.88
N ARG F 175 -26.31 -23.26 23.99
CA ARG F 175 -24.90 -23.09 23.69
C ARG F 175 -24.37 -21.69 24.10
N PHE F 176 -23.07 -21.65 24.38
CA PHE F 176 -22.42 -20.37 24.75
C PHE F 176 -21.64 -19.84 23.53
N ALA F 177 -21.81 -18.56 23.23
CA ALA F 177 -21.14 -17.90 22.13
C ALA F 177 -20.17 -16.90 22.78
N HIS F 178 -18.94 -17.36 23.00
CA HIS F 178 -17.89 -16.49 23.48
C HIS F 178 -17.51 -15.43 22.45
N GLU F 179 -17.59 -14.17 22.85
CA GLU F 179 -17.16 -13.09 22.00
C GLU F 179 -15.64 -12.86 22.06
N VAL F 180 -14.92 -13.31 21.03
CA VAL F 180 -13.48 -13.04 20.84
C VAL F 180 -13.26 -11.53 20.81
N HIS F 181 -12.43 -11.05 21.75
CA HIS F 181 -12.41 -9.64 22.16
C HIS F 181 -11.26 -9.49 23.14
N PRO F 182 -10.54 -8.35 23.08
CA PRO F 182 -9.47 -8.06 24.04
C PRO F 182 -10.02 -8.16 25.46
N SER F 183 -9.15 -8.56 26.40
CA SER F 183 -9.43 -8.72 27.83
C SER F 183 -10.02 -10.12 28.17
N GLU F 184 -10.18 -10.97 27.15
CA GLU F 184 -10.74 -12.32 27.29
C GLU F 184 -9.64 -13.38 27.05
N ILE F 185 -9.90 -14.60 27.56
CA ILE F 185 -9.01 -15.75 27.26
C ILE F 185 -8.76 -15.96 25.72
N ALA F 186 -9.78 -15.66 24.90
CA ALA F 186 -9.67 -15.71 23.42
C ALA F 186 -9.98 -14.32 22.92
N TYR F 187 -8.98 -13.67 22.30
CA TYR F 187 -9.12 -12.31 21.78
C TYR F 187 -8.56 -12.09 20.36
N ASP F 188 -7.99 -13.13 19.73
CA ASP F 188 -7.01 -13.20 18.59
C ASP F 188 -7.52 -14.49 17.90
N TYR F 189 -6.95 -14.76 16.73
CA TYR F 189 -7.13 -16.04 16.03
C TYR F 189 -6.43 -17.18 16.82
N TRP F 190 -5.20 -16.93 17.27
CA TRP F 190 -4.42 -18.00 17.87
C TRP F 190 -4.89 -18.35 19.30
N THR F 191 -5.34 -17.34 20.03
CA THR F 191 -5.85 -17.52 21.38
C THR F 191 -7.20 -18.19 21.32
N THR F 192 -7.98 -17.96 20.26
CA THR F 192 -9.22 -18.74 20.04
C THR F 192 -8.95 -20.26 19.88
N HIS F 193 -8.00 -20.62 19.02
CA HIS F 193 -7.54 -22.01 18.86
C HIS F 193 -7.17 -22.58 20.19
N ARG F 194 -6.28 -21.88 20.91
CA ARG F 194 -5.79 -22.37 22.20
C ARG F 194 -6.93 -22.54 23.26
N ALA F 195 -7.82 -21.55 23.36
CA ALA F 195 -9.02 -21.64 24.21
C ALA F 195 -9.98 -22.77 23.80
N LEU F 196 -10.29 -22.93 22.53
CA LEU F 196 -11.11 -24.08 22.09
C LEU F 196 -10.50 -25.41 22.50
N GLU F 197 -9.18 -25.51 22.34
CA GLU F 197 -8.43 -26.74 22.69
C GLU F 197 -8.41 -26.98 24.20
N ALA F 198 -8.39 -25.91 25.00
CA ALA F 198 -8.45 -26.04 26.45
C ALA F 198 -9.75 -26.70 26.94
N VAL F 199 -10.84 -26.52 26.20
CA VAL F 199 -12.07 -27.20 26.57
C VAL F 199 -12.37 -28.36 25.61
N GLY F 200 -11.34 -28.89 24.96
CA GLY F 200 -11.48 -30.10 24.13
C GLY F 200 -12.41 -29.98 22.94
N HIS F 201 -12.52 -28.75 22.41
CA HIS F 201 -13.48 -28.40 21.33
C HIS F 201 -14.95 -28.82 21.57
N ARG F 202 -15.40 -28.79 22.82
CA ARG F 202 -16.75 -29.29 23.17
C ARG F 202 -17.78 -28.37 22.53
N PRO F 203 -18.83 -28.96 21.94
CA PRO F 203 -19.75 -28.09 21.19
C PRO F 203 -20.53 -27.01 22.01
N ALA F 204 -20.57 -27.10 23.34
CA ALA F 204 -21.19 -26.08 24.18
C ALA F 204 -20.45 -24.74 24.06
N PHE F 205 -19.13 -24.82 23.88
CA PHE F 205 -18.31 -23.64 23.76
C PHE F 205 -18.04 -23.20 22.30
N GLY F 206 -18.87 -22.27 21.83
CA GLY F 206 -18.63 -21.66 20.51
C GLY F 206 -18.39 -20.18 20.64
N LEU F 207 -18.63 -19.47 19.53
CA LEU F 207 -18.13 -18.12 19.36
C LEU F 207 -19.18 -17.16 18.90
N ASN F 208 -19.13 -15.98 19.49
CA ASN F 208 -19.81 -14.83 18.95
C ASN F 208 -18.83 -14.04 18.11
N PHE F 209 -19.14 -13.94 16.82
CA PHE F 209 -18.30 -13.23 15.87
C PHE F 209 -18.63 -11.73 15.79
N ASP F 210 -17.64 -10.93 16.17
CA ASP F 210 -17.77 -9.50 16.14
C ASP F 210 -16.51 -8.99 15.49
N PRO F 211 -16.64 -8.49 14.24
CA PRO F 211 -15.38 -8.15 13.48
C PRO F 211 -14.61 -6.87 13.94
N SER F 212 -15.11 -6.11 14.90
CA SER F 212 -14.61 -4.75 15.13
C SER F 212 -13.16 -4.71 15.68
N HIS F 213 -12.88 -5.58 16.64
CA HIS F 213 -11.53 -5.74 17.20
C HIS F 213 -10.57 -6.50 16.28
N PHE F 214 -11.06 -7.05 15.17
CA PHE F 214 -10.19 -7.70 14.18
C PHE F 214 -9.40 -6.61 13.45
N VAL F 215 -9.99 -5.42 13.36
CA VAL F 215 -9.45 -4.31 12.59
C VAL F 215 -8.13 -3.81 13.14
N TRP F 216 -8.10 -3.39 14.42
CA TRP F 216 -6.83 -2.81 14.96
C TRP F 216 -5.73 -3.85 15.19
N GLN F 217 -6.15 -5.11 15.40
CA GLN F 217 -5.23 -6.23 15.59
C GLN F 217 -4.68 -6.82 14.27
N ASP F 218 -5.30 -6.42 13.16
CA ASP F 218 -4.92 -6.87 11.79
C ASP F 218 -5.26 -8.30 11.52
N LEU F 219 -6.38 -8.74 12.07
CA LEU F 219 -6.79 -10.10 11.91
C LEU F 219 -7.75 -10.15 10.74
N ASP F 220 -7.61 -11.16 9.88
CA ASP F 220 -8.53 -11.34 8.76
C ASP F 220 -9.82 -11.98 9.30
N PRO F 221 -10.92 -11.21 9.30
CA PRO F 221 -12.15 -11.79 9.86
C PRO F 221 -12.81 -12.84 8.99
N VAL F 222 -12.54 -12.78 7.69
CA VAL F 222 -13.11 -13.74 6.73
C VAL F 222 -12.46 -15.14 6.93
N GLY F 223 -11.13 -15.16 7.01
CA GLY F 223 -10.37 -16.40 7.29
C GLY F 223 -10.70 -16.97 8.64
N PHE F 224 -10.94 -16.12 9.63
CA PHE F 224 -11.44 -16.53 10.96
C PHE F 224 -12.79 -17.29 10.85
N LEU F 225 -13.75 -16.69 10.16
CA LEU F 225 -15.04 -17.35 9.91
C LEU F 225 -14.88 -18.72 9.26
N TRP F 226 -14.01 -18.83 8.26
CA TRP F 226 -13.78 -20.09 7.56
C TRP F 226 -13.15 -21.12 8.50
N ASP F 227 -12.08 -20.72 9.18
CA ASP F 227 -11.34 -21.67 10.00
C ASP F 227 -12.10 -22.13 11.25
N PHE F 228 -12.96 -21.27 11.80
CA PHE F 228 -13.82 -21.69 12.92
C PHE F 228 -15.28 -21.77 12.51
N ARG F 229 -15.53 -22.05 11.25
CA ARG F 229 -16.90 -22.18 10.73
C ARG F 229 -17.86 -23.04 11.55
N ASP F 230 -17.34 -24.06 12.25
CA ASP F 230 -18.15 -25.01 13.00
C ASP F 230 -18.53 -24.52 14.41
N ARG F 231 -17.91 -23.41 14.83
CA ARG F 231 -18.18 -22.80 16.12
C ARG F 231 -18.71 -21.36 16.06
N ILE F 232 -19.10 -20.86 14.89
CA ILE F 232 -19.78 -19.56 14.81
C ILE F 232 -21.25 -19.67 15.22
N TYR F 233 -21.55 -19.23 16.45
CA TYR F 233 -22.86 -19.47 17.08
C TYR F 233 -23.77 -18.25 16.97
N HIS F 234 -23.15 -17.08 16.79
CA HIS F 234 -23.88 -15.81 16.74
C HIS F 234 -22.97 -14.80 15.98
N VAL F 235 -23.59 -13.76 15.41
CA VAL F 235 -22.88 -12.70 14.69
C VAL F 235 -23.32 -11.35 15.24
N ASP F 236 -22.36 -10.49 15.62
CA ASP F 236 -22.65 -9.10 15.98
C ASP F 236 -21.89 -8.14 15.09
N CYS F 237 -22.60 -7.32 14.31
CA CYS F 237 -21.89 -6.34 13.48
C CYS F 237 -21.60 -5.10 14.28
N LYS F 238 -20.31 -4.84 14.51
CA LYS F 238 -19.88 -3.63 15.20
C LYS F 238 -18.75 -3.14 14.28
N GLU F 239 -18.78 -1.87 13.95
CA GLU F 239 -17.86 -1.26 12.98
C GLU F 239 -16.70 -0.63 13.75
N ALA F 240 -15.53 -0.54 13.12
CA ALA F 240 -14.40 0.15 13.67
C ALA F 240 -13.55 0.82 12.55
N ARG F 241 -13.04 2.02 12.84
CA ARG F 241 -12.27 2.83 11.91
C ARG F 241 -10.88 3.10 12.51
N LYS F 242 -9.82 2.86 11.74
CA LYS F 242 -8.46 3.24 12.11
C LYS F 242 -8.16 4.66 11.67
N ARG F 243 -7.37 5.36 12.46
CA ARG F 243 -6.75 6.56 11.97
C ARG F 243 -5.36 6.68 12.52
N LEU F 244 -4.47 6.10 11.77
CA LEU F 244 -3.13 5.84 12.20
C LEU F 244 -2.23 6.79 11.45
N ASP F 245 -2.09 7.98 12.00
CA ASP F 245 -1.36 9.09 11.34
C ASP F 245 0.16 9.16 11.77
N GLY F 246 0.67 8.15 12.46
CA GLY F 246 2.09 8.18 12.90
C GLY F 246 2.24 8.59 14.36
N ARG F 247 1.28 9.38 14.85
CA ARG F 247 1.15 9.82 16.24
C ARG F 247 0.17 8.94 17.02
N ASN F 248 -1.05 8.81 16.51
CA ASN F 248 -2.02 7.91 17.09
C ASN F 248 -1.44 6.50 17.00
N GLY F 249 -1.70 5.69 18.02
CA GLY F 249 -1.18 4.30 18.04
C GLY F 249 -2.24 3.24 18.12
N ARG F 250 -1.88 2.00 17.73
CA ARG F 250 -2.81 0.87 17.73
C ARG F 250 -3.48 0.55 19.05
N LEU F 251 -2.84 0.94 20.17
CA LEU F 251 -3.40 0.70 21.53
C LEU F 251 -4.49 1.70 21.98
N GLY F 252 -4.58 2.85 21.31
CA GLY F 252 -5.60 3.86 21.67
C GLY F 252 -5.16 4.80 22.80
N SER F 253 -3.94 4.61 23.35
CA SER F 253 -3.34 5.51 24.38
C SER F 253 -4.15 5.80 25.64
N HIS F 254 -4.92 4.82 26.13
CA HIS F 254 -5.83 4.98 27.29
C HIS F 254 -6.82 6.17 27.14
N LEU F 255 -7.04 6.62 25.90
CA LEU F 255 -7.90 7.77 25.57
C LEU F 255 -9.36 7.35 25.35
N PRO F 256 -10.31 8.21 25.77
CA PRO F 256 -11.76 7.92 25.79
C PRO F 256 -12.24 7.73 24.39
N TRP F 257 -13.29 6.94 24.21
CA TRP F 257 -13.97 6.89 22.92
C TRP F 257 -14.29 8.25 22.38
N GLY F 258 -13.96 8.44 21.11
CA GLY F 258 -14.29 9.69 20.41
C GLY F 258 -13.16 10.66 20.44
N ASP F 259 -12.11 10.42 21.25
CA ASP F 259 -10.92 11.26 21.22
C ASP F 259 -10.13 11.02 19.88
N PRO F 260 -9.91 12.06 19.06
CA PRO F 260 -9.29 11.80 17.76
C PRO F 260 -7.80 11.36 17.78
N ARG F 261 -7.17 11.41 18.94
CA ARG F 261 -5.80 10.94 19.07
C ARG F 261 -5.72 9.41 19.23
N ARG F 262 -6.87 8.74 19.27
CA ARG F 262 -6.89 7.27 19.35
C ARG F 262 -6.55 6.69 17.99
N GLY F 263 -5.71 5.66 17.92
CA GLY F 263 -5.37 5.06 16.58
C GLY F 263 -6.53 4.32 15.95
N TRP F 264 -7.55 3.99 16.73
CA TRP F 264 -8.79 3.41 16.18
C TRP F 264 -9.96 3.73 17.16
N ASP F 265 -11.19 3.69 16.62
CA ASP F 265 -12.40 3.92 17.40
C ASP F 265 -13.59 3.14 16.77
N PHE F 266 -14.63 2.92 17.57
CA PHE F 266 -15.91 2.39 17.10
C PHE F 266 -16.63 3.49 16.31
N VAL F 267 -17.16 3.15 15.14
CA VAL F 267 -17.99 4.09 14.35
C VAL F 267 -19.23 3.35 13.84
N SER F 268 -20.30 4.06 13.47
CA SER F 268 -21.46 3.40 12.89
C SER F 268 -21.13 2.57 11.63
N ALA F 269 -21.84 1.45 11.41
CA ALA F 269 -21.60 0.57 10.25
C ALA F 269 -21.47 1.31 8.90
N GLY F 270 -20.39 1.03 8.14
CA GLY F 270 -20.17 1.73 6.87
C GLY F 270 -19.27 2.98 6.96
N HIS F 271 -19.09 3.52 8.15
CA HIS F 271 -18.15 4.63 8.39
C HIS F 271 -16.71 4.17 8.71
N GLY F 272 -16.52 2.86 8.89
CA GLY F 272 -15.26 2.23 9.28
C GLY F 272 -14.62 1.35 8.21
N ASP F 273 -13.91 0.31 8.66
CA ASP F 273 -12.93 -0.45 7.87
C ASP F 273 -13.27 -1.93 7.73
N VAL F 274 -14.28 -2.41 8.46
CA VAL F 274 -14.64 -3.82 8.41
C VAL F 274 -15.03 -4.18 6.97
N PRO F 275 -14.47 -5.29 6.45
CA PRO F 275 -14.84 -5.64 5.07
C PRO F 275 -16.20 -6.37 4.96
N TRP F 276 -17.31 -5.64 5.18
CA TRP F 276 -18.65 -6.27 5.16
C TRP F 276 -18.99 -7.08 3.90
N GLU F 277 -18.52 -6.65 2.72
CA GLU F 277 -18.80 -7.38 1.46
C GLU F 277 -18.31 -8.81 1.60
N ASP F 278 -17.07 -8.95 2.06
CA ASP F 278 -16.47 -10.28 2.25
C ASP F 278 -17.02 -11.07 3.41
N VAL F 279 -17.24 -10.40 4.54
CA VAL F 279 -17.92 -10.99 5.69
C VAL F 279 -19.30 -11.59 5.36
N PHE F 280 -20.19 -10.82 4.74
CA PHE F 280 -21.52 -11.36 4.44
C PHE F 280 -21.48 -12.54 3.47
N ARG F 281 -20.59 -12.47 2.48
CA ARG F 281 -20.46 -13.54 1.49
C ARG F 281 -20.02 -14.80 2.20
N MSE F 282 -19.07 -14.68 3.13
CA MSE F 282 -18.55 -15.81 3.87
C MSE F 282 -19.60 -16.40 4.81
O MSE F 282 -19.64 -17.58 5.00
CB MSE F 282 -17.27 -15.44 4.62
CG MSE F 282 -16.64 -16.60 5.44
SE MSE F 282 -15.96 -17.99 4.18
CE MSE F 282 -17.07 -19.51 4.71
N LEU F 283 -20.41 -15.56 5.45
CA LEU F 283 -21.51 -16.06 6.23
C LEU F 283 -22.38 -17.05 5.43
N ARG F 284 -22.67 -16.75 4.16
CA ARG F 284 -23.39 -17.72 3.32
C ARG F 284 -22.53 -18.94 2.98
N SER F 285 -21.29 -18.71 2.57
CA SER F 285 -20.34 -19.80 2.33
C SER F 285 -20.21 -20.82 3.46
N ILE F 286 -20.30 -20.34 4.70
CA ILE F 286 -20.27 -21.22 5.87
C ILE F 286 -21.64 -21.67 6.37
N ASP F 287 -22.70 -21.20 5.72
CA ASP F 287 -24.04 -21.62 6.09
C ASP F 287 -24.40 -21.17 7.51
N TYR F 288 -23.98 -19.96 7.88
CA TYR F 288 -24.39 -19.38 9.16
C TYR F 288 -25.86 -19.01 8.99
N GLN F 289 -26.70 -19.61 9.81
CA GLN F 289 -28.17 -19.47 9.65
C GLN F 289 -28.83 -18.64 10.78
N GLY F 290 -28.04 -18.21 11.76
CA GLY F 290 -28.52 -17.38 12.87
C GLY F 290 -28.92 -15.97 12.50
N PRO F 291 -29.29 -15.16 13.52
CA PRO F 291 -29.63 -13.76 13.20
C PRO F 291 -28.34 -12.94 13.00
N VAL F 292 -28.46 -11.85 12.27
CA VAL F 292 -27.36 -10.91 12.16
C VAL F 292 -27.63 -9.77 13.13
N SER F 293 -26.92 -9.74 14.26
CA SER F 293 -27.17 -8.69 15.27
C SER F 293 -26.31 -7.45 15.02
N VAL F 294 -26.75 -6.30 15.53
CA VAL F 294 -26.06 -5.05 15.32
C VAL F 294 -25.83 -4.49 16.69
N GLU F 295 -24.55 -4.33 17.04
CA GLU F 295 -24.14 -3.69 18.27
C GLU F 295 -23.72 -2.28 17.88
N TRP F 296 -24.51 -1.30 18.31
CA TRP F 296 -24.35 0.05 17.79
C TRP F 296 -23.47 0.88 18.75
N GLU F 297 -22.38 1.40 18.23
CA GLU F 297 -21.51 2.25 19.02
C GLU F 297 -20.72 3.20 18.14
N ASP F 298 -20.73 4.48 18.49
CA ASP F 298 -20.01 5.56 17.77
C ASP F 298 -20.06 6.83 18.61
N ALA F 299 -18.99 7.16 19.31
CA ALA F 299 -18.99 8.28 20.23
C ALA F 299 -19.16 9.61 19.52
N GLY F 300 -19.02 9.64 18.18
CA GLY F 300 -19.16 10.90 17.44
C GLY F 300 -20.50 11.10 16.77
N MSE F 301 -21.51 10.36 17.22
CA MSE F 301 -22.81 10.28 16.58
C MSE F 301 -23.89 9.98 17.65
O MSE F 301 -23.63 9.50 18.77
CB MSE F 301 -22.71 9.19 15.49
CG MSE F 301 -23.77 9.15 14.50
SE MSE F 301 -23.41 7.89 12.96
CE MSE F 301 -21.79 8.35 12.19
N ASP F 302 -25.13 10.30 17.32
CA ASP F 302 -26.29 10.01 18.16
C ASP F 302 -26.87 8.65 17.72
N ARG F 303 -27.11 7.76 18.69
CA ARG F 303 -27.61 6.40 18.44
C ARG F 303 -28.94 6.40 17.72
N LEU F 304 -29.74 7.43 17.98
CA LEU F 304 -31.10 7.57 17.41
C LEU F 304 -31.00 7.77 15.89
N GLN F 305 -29.91 8.40 15.47
CA GLN F 305 -29.60 8.52 14.06
C GLN F 305 -28.77 7.31 13.52
N GLY F 306 -27.82 6.82 14.31
CA GLY F 306 -26.92 5.83 13.82
C GLY F 306 -27.51 4.44 13.70
N ALA F 307 -28.30 4.02 14.69
CA ALA F 307 -28.92 2.69 14.70
C ALA F 307 -29.76 2.36 13.45
N PRO F 308 -30.75 3.20 13.09
CA PRO F 308 -31.46 2.86 11.84
C PRO F 308 -30.56 2.98 10.59
N GLU F 309 -29.66 3.97 10.57
CA GLU F 309 -28.75 4.07 9.40
C GLU F 309 -27.79 2.86 9.23
N ALA F 310 -27.30 2.34 10.36
CA ALA F 310 -26.40 1.18 10.40
C ALA F 310 -27.09 -0.04 9.80
N LEU F 311 -28.38 -0.23 10.17
CA LEU F 311 -29.16 -1.31 9.64
C LEU F 311 -29.27 -1.21 8.14
N THR F 312 -29.56 -0.01 7.65
CA THR F 312 -29.66 0.26 6.22
C THR F 312 -28.35 -0.06 5.50
N ARG F 313 -27.23 0.46 5.98
CA ARG F 313 -25.95 0.20 5.31
C ARG F 313 -25.60 -1.30 5.32
N LEU F 314 -25.98 -1.99 6.38
CA LEU F 314 -25.63 -3.40 6.52
C LEU F 314 -26.47 -4.30 5.60
N LYS F 315 -27.74 -3.94 5.43
CA LYS F 315 -28.64 -4.61 4.48
C LYS F 315 -28.20 -4.53 3.06
N ALA F 316 -27.45 -3.50 2.69
CA ALA F 316 -26.84 -3.43 1.35
C ALA F 316 -25.89 -4.59 1.02
N PHE F 317 -25.40 -5.31 2.04
CA PHE F 317 -24.56 -6.51 1.87
C PHE F 317 -25.32 -7.80 2.05
N ASP F 318 -26.61 -7.72 2.30
CA ASP F 318 -27.43 -8.91 2.56
C ASP F 318 -28.19 -9.32 1.27
N PHE F 319 -27.70 -10.36 0.60
CA PHE F 319 -28.19 -10.68 -0.77
C PHE F 319 -29.11 -11.83 -0.78
N GLU F 320 -30.22 -11.72 -1.47
CA GLU F 320 -30.84 -12.96 -1.84
C GLU F 320 -29.95 -13.94 -2.57
N PRO F 321 -30.05 -15.17 -2.14
CA PRO F 321 -29.31 -16.34 -2.61
C PRO F 321 -28.33 -16.27 -3.81
N PRO F 322 -28.62 -16.80 -5.03
CA PRO F 322 -29.64 -17.09 -6.06
C PRO F 322 -30.57 -18.29 -5.99
N SER F 323 -31.58 -18.27 -6.87
CA SER F 323 -32.62 -19.31 -6.94
C SER F 323 -32.41 -20.36 -8.06
#